data_8DBO
#
_entry.id   8DBO
#
_cell.length_a   1.00
_cell.length_b   1.00
_cell.length_c   1.00
_cell.angle_alpha   90.00
_cell.angle_beta   90.00
_cell.angle_gamma   90.00
#
_symmetry.space_group_name_H-M   'P 1'
#
loop_
_entity.id
_entity.type
_entity.pdbx_description
1 polymer 'Ribose-phosphate pyrophosphokinase 1'
2 non-polymer 'PHOSPHATE ION'
3 non-polymer "ADENOSINE-5'-DIPHOSPHATE"
4 non-polymer 'MAGNESIUM ION'
5 water water
#
_entity_poly.entity_id   1
_entity_poly.type   'polypeptide(L)'
_entity_poly.pdbx_seq_one_letter_code
;SPNIKIFSGSSHQDLSQKIADRLGLELGKVVTKKFSNQETCVEIGESVRGEDVYIVQSGCGEINDNLMELLIMINACKIA
SASRVTAVIPCFPYARQDKKDKSRAPISAKLVANMLSVAGADHIITMDLHASQIQGFFDIPVDNLYAEPAVLKWIRENIS
EWRNCTIVSPDAGGAKRVTSIADRLNVDFALIHKERKKANEVDRMVLVGDVKDRVAILVDDMADTCGTICHAADKLLSAG
ATRVYAILTHGIFSGPAISRINNACFEAVVVTNTIPQEDKMKHCSKIQVIDISMILAEAIRRTHNGASVSYLFSHVPL
;
_entity_poly.pdbx_strand_id   A,B,C,D,E,F
#
loop_
_chem_comp.id
_chem_comp.type
_chem_comp.name
_chem_comp.formula
ADP non-polymer ADENOSINE-5'-DIPHOSPHATE 'C10 H15 N5 O10 P2'
MG non-polymer 'MAGNESIUM ION' 'Mg 2'
PO4 non-polymer 'PHOSPHATE ION' 'O4 P -3'
#
# COMPACT_ATOMS: atom_id res chain seq x y z
N PRO A 2 -26.34 3.35 9.20
CA PRO A 2 -26.04 1.94 8.94
C PRO A 2 -26.70 1.01 9.95
N ASN A 3 -27.12 -0.16 9.49
CA ASN A 3 -27.75 -1.15 10.34
C ASN A 3 -26.86 -2.38 10.48
N ILE A 4 -27.01 -3.09 11.60
CA ILE A 4 -26.28 -4.33 11.78
C ILE A 4 -26.81 -5.38 10.82
N LYS A 5 -25.92 -5.96 10.03
CA LYS A 5 -26.23 -7.12 9.21
C LYS A 5 -25.33 -8.26 9.68
N ILE A 6 -25.93 -9.34 10.13
CA ILE A 6 -25.19 -10.50 10.63
C ILE A 6 -25.28 -11.59 9.57
N PHE A 7 -24.13 -12.01 9.06
CA PHE A 7 -24.07 -13.08 8.08
C PHE A 7 -23.30 -14.26 8.67
N SER A 8 -23.79 -15.46 8.41
CA SER A 8 -23.17 -16.68 8.90
C SER A 8 -22.44 -17.39 7.78
N GLY A 9 -21.22 -17.83 8.05
CA GLY A 9 -20.56 -18.81 7.22
C GLY A 9 -21.07 -20.20 7.54
N SER A 10 -20.47 -21.19 6.89
CA SER A 10 -20.89 -22.57 7.09
C SER A 10 -20.34 -23.18 8.37
N SER A 11 -19.36 -22.52 9.02
CA SER A 11 -18.65 -23.15 10.11
C SER A 11 -19.53 -23.33 11.34
N HIS A 12 -20.04 -22.23 11.90
CA HIS A 12 -20.79 -22.26 13.15
C HIS A 12 -22.06 -21.46 12.98
N GLN A 13 -23.08 -22.09 12.38
CA GLN A 13 -24.32 -21.37 12.12
C GLN A 13 -25.22 -21.30 13.34
N ASP A 14 -25.13 -22.28 14.25
CA ASP A 14 -25.88 -22.20 15.50
C ASP A 14 -25.44 -21.01 16.33
N LEU A 15 -24.12 -20.77 16.42
CA LEU A 15 -23.64 -19.60 17.14
C LEU A 15 -24.09 -18.31 16.47
N SER A 16 -24.07 -18.28 15.13
CA SER A 16 -24.55 -17.10 14.43
C SER A 16 -26.02 -16.85 14.73
N GLN A 17 -26.81 -17.92 14.77
CA GLN A 17 -28.23 -17.78 15.10
C GLN A 17 -28.40 -17.25 16.51
N LYS A 18 -27.62 -17.76 17.46
CA LYS A 18 -27.73 -17.27 18.84
C LYS A 18 -27.36 -15.79 18.93
N ILE A 19 -26.31 -15.39 18.22
CA ILE A 19 -25.92 -13.98 18.21
C ILE A 19 -27.02 -13.12 17.63
N ALA A 20 -27.60 -13.56 16.51
CA ALA A 20 -28.66 -12.80 15.87
C ALA A 20 -29.89 -12.69 16.77
N ASP A 21 -30.26 -13.77 17.45
CA ASP A 21 -31.39 -13.71 18.37
C ASP A 21 -31.12 -12.76 19.53
N ARG A 22 -29.90 -12.80 20.07
CA ARG A 22 -29.57 -11.89 21.16
C ARG A 22 -29.54 -10.45 20.69
N LEU A 23 -29.25 -10.21 19.42
CA LEU A 23 -29.31 -8.88 18.83
C LEU A 23 -30.71 -8.53 18.32
N GLY A 24 -31.66 -9.44 18.44
CA GLY A 24 -33.00 -9.18 17.91
C GLY A 24 -33.04 -9.02 16.41
N LEU A 25 -32.24 -9.81 15.70
CA LEU A 25 -32.14 -9.71 14.24
C LEU A 25 -32.30 -11.08 13.63
N GLU A 26 -32.69 -11.09 12.36
CA GLU A 26 -32.58 -12.28 11.53
C GLU A 26 -31.24 -12.31 10.84
N LEU A 27 -30.69 -13.51 10.69
CA LEU A 27 -29.45 -13.67 9.95
C LEU A 27 -29.61 -13.17 8.53
N GLY A 28 -28.58 -12.51 8.02
CA GLY A 28 -28.63 -12.06 6.63
C GLY A 28 -28.72 -13.24 5.68
N LYS A 29 -29.37 -13.00 4.55
CA LYS A 29 -29.59 -14.04 3.56
C LYS A 29 -28.29 -14.29 2.81
N VAL A 30 -27.70 -15.47 3.02
CA VAL A 30 -26.50 -15.88 2.30
C VAL A 30 -26.64 -17.35 1.94
N VAL A 31 -26.26 -17.68 0.72
CA VAL A 31 -26.08 -19.08 0.31
C VAL A 31 -24.58 -19.32 0.25
N THR A 32 -24.11 -20.20 1.12
CA THR A 32 -22.70 -20.55 1.20
C THR A 32 -22.57 -22.03 0.88
N LYS A 33 -22.27 -22.34 -0.37
CA LYS A 33 -22.17 -23.73 -0.81
C LYS A 33 -20.86 -23.96 -1.54
N LYS A 34 -20.73 -25.10 -2.19
CA LYS A 34 -19.58 -25.40 -3.03
C LYS A 34 -20.01 -25.64 -4.46
N PHE A 35 -19.26 -25.05 -5.39
CA PHE A 35 -19.38 -25.45 -6.78
C PHE A 35 -18.98 -26.91 -6.93
N SER A 36 -19.26 -27.47 -8.12
CA SER A 36 -18.96 -28.88 -8.34
C SER A 36 -17.47 -29.18 -8.17
N ASN A 37 -16.61 -28.28 -8.65
CA ASN A 37 -15.16 -28.47 -8.53
C ASN A 37 -14.63 -28.07 -7.16
N GLN A 38 -15.51 -27.96 -6.16
CA GLN A 38 -15.18 -27.69 -4.76
C GLN A 38 -14.68 -26.28 -4.53
N GLU A 39 -14.88 -25.36 -5.46
CA GLU A 39 -14.62 -23.96 -5.22
C GLU A 39 -15.75 -23.37 -4.37
N THR A 40 -15.40 -22.45 -3.48
CA THR A 40 -16.38 -21.85 -2.60
C THR A 40 -17.33 -20.96 -3.38
N CYS A 41 -18.63 -21.16 -3.18
CA CYS A 41 -19.66 -20.35 -3.79
C CYS A 41 -20.36 -19.54 -2.71
N VAL A 42 -20.35 -18.22 -2.86
CA VAL A 42 -20.97 -17.32 -1.91
C VAL A 42 -21.99 -16.46 -2.65
N GLU A 43 -23.23 -16.51 -2.19
CA GLU A 43 -24.33 -15.77 -2.81
C GLU A 43 -25.04 -14.98 -1.73
N ILE A 44 -24.60 -13.73 -1.54
CA ILE A 44 -25.28 -12.83 -0.60
C ILE A 44 -26.63 -12.47 -1.19
N GLY A 45 -27.69 -12.73 -0.45
CA GLY A 45 -29.05 -12.60 -0.93
C GLY A 45 -29.74 -11.28 -0.64
N GLU A 46 -29.03 -10.27 -0.17
CA GLU A 46 -29.65 -8.99 0.12
C GLU A 46 -28.61 -7.89 0.00
N SER A 47 -29.10 -6.66 -0.12
CA SER A 47 -28.23 -5.50 -0.19
C SER A 47 -27.54 -5.28 1.15
N VAL A 48 -26.26 -4.93 1.09
CA VAL A 48 -25.50 -4.52 2.27
C VAL A 48 -24.96 -3.10 2.09
N ARG A 49 -25.52 -2.35 1.15
CA ARG A 49 -25.05 -1.01 0.85
C ARG A 49 -25.15 -0.12 2.08
N GLY A 50 -24.02 0.46 2.48
CA GLY A 50 -24.00 1.33 3.63
C GLY A 50 -24.36 0.65 4.94
N GLU A 51 -24.26 -0.67 5.00
CA GLU A 51 -24.61 -1.43 6.18
C GLU A 51 -23.36 -1.75 7.00
N ASP A 52 -23.57 -2.03 8.27
CA ASP A 52 -22.52 -2.46 9.18
C ASP A 52 -22.58 -3.98 9.23
N VAL A 53 -21.72 -4.62 8.44
CA VAL A 53 -21.81 -6.06 8.19
C VAL A 53 -20.90 -6.79 9.17
N TYR A 54 -21.45 -7.79 9.84
CA TYR A 54 -20.70 -8.67 10.71
C TYR A 54 -20.82 -10.09 10.17
N ILE A 55 -19.69 -10.69 9.85
CA ILE A 55 -19.64 -12.04 9.30
C ILE A 55 -19.07 -12.96 10.38
N VAL A 56 -19.86 -13.93 10.81
CA VAL A 56 -19.46 -14.88 11.83
C VAL A 56 -18.93 -16.12 11.16
N GLN A 57 -17.67 -16.44 11.43
CA GLN A 57 -17.04 -17.63 10.86
C GLN A 57 -15.91 -18.05 11.78
N SER A 58 -16.05 -19.21 12.40
CA SER A 58 -15.01 -19.71 13.30
C SER A 58 -13.98 -20.51 12.51
N GLY A 59 -12.76 -20.54 13.04
CA GLY A 59 -11.75 -21.39 12.43
C GLY A 59 -11.87 -22.78 13.01
N CYS A 60 -12.60 -23.64 12.31
CA CYS A 60 -12.92 -24.97 12.79
C CYS A 60 -13.48 -25.76 11.61
N GLY A 61 -13.66 -27.06 11.82
CA GLY A 61 -14.16 -27.90 10.76
C GLY A 61 -13.21 -27.89 9.58
N GLU A 62 -13.77 -27.68 8.39
CA GLU A 62 -12.98 -27.56 7.16
C GLU A 62 -12.32 -26.19 7.18
N ILE A 63 -11.11 -26.13 7.76
CA ILE A 63 -10.50 -24.86 8.11
C ILE A 63 -10.29 -23.99 6.88
N ASN A 64 -9.66 -24.54 5.84
CA ASN A 64 -9.35 -23.74 4.67
C ASN A 64 -10.61 -23.40 3.89
N ASP A 65 -11.55 -24.35 3.82
CA ASP A 65 -12.86 -24.08 3.27
C ASP A 65 -13.53 -22.90 3.95
N ASN A 66 -13.55 -22.91 5.29
CA ASN A 66 -14.22 -21.87 6.04
C ASN A 66 -13.51 -20.54 5.91
N LEU A 67 -12.18 -20.53 5.94
CA LEU A 67 -11.44 -19.29 5.80
C LEU A 67 -11.64 -18.69 4.42
N MET A 68 -11.63 -19.51 3.37
CA MET A 68 -11.90 -19.00 2.04
C MET A 68 -13.31 -18.46 1.95
N GLU A 69 -14.28 -19.16 2.55
CA GLU A 69 -15.65 -18.67 2.61
C GLU A 69 -15.71 -17.29 3.25
N LEU A 70 -15.04 -17.13 4.39
CA LEU A 70 -15.01 -15.86 5.09
C LEU A 70 -14.39 -14.76 4.24
N LEU A 71 -13.26 -15.05 3.59
CA LEU A 71 -12.60 -14.05 2.77
C LEU A 71 -13.48 -13.64 1.59
N ILE A 72 -14.11 -14.60 0.94
CA ILE A 72 -14.96 -14.30 -0.20
C ILE A 72 -16.17 -13.48 0.24
N MET A 73 -16.76 -13.82 1.38
CA MET A 73 -17.89 -13.05 1.89
C MET A 73 -17.48 -11.63 2.27
N ILE A 74 -16.30 -11.47 2.89
CA ILE A 74 -15.81 -10.13 3.21
C ILE A 74 -15.62 -9.31 1.94
N ASN A 75 -14.99 -9.91 0.93
CA ASN A 75 -14.74 -9.17 -0.30
C ASN A 75 -16.04 -8.84 -1.02
N ALA A 76 -16.99 -9.76 -1.03
CA ALA A 76 -18.29 -9.49 -1.64
C ALA A 76 -18.99 -8.34 -0.95
N CYS A 77 -18.96 -8.33 0.39
CA CYS A 77 -19.58 -7.23 1.13
C CYS A 77 -18.89 -5.91 0.85
N LYS A 78 -17.56 -5.91 0.77
CA LYS A 78 -16.82 -4.69 0.49
C LYS A 78 -17.16 -4.15 -0.90
N ILE A 79 -17.13 -5.02 -1.91
CA ILE A 79 -17.45 -4.59 -3.26
C ILE A 79 -18.92 -4.22 -3.38
N ALA A 80 -19.78 -4.81 -2.55
CA ALA A 80 -21.18 -4.43 -2.48
C ALA A 80 -21.42 -3.16 -1.67
N SER A 81 -20.35 -2.41 -1.38
CA SER A 81 -20.44 -1.08 -0.80
C SER A 81 -21.00 -1.11 0.63
N ALA A 82 -20.61 -2.11 1.41
CA ALA A 82 -20.91 -2.11 2.82
C ALA A 82 -20.18 -0.96 3.50
N SER A 83 -20.83 -0.34 4.48
CA SER A 83 -20.19 0.75 5.21
C SER A 83 -18.98 0.24 5.99
N ARG A 84 -19.10 -0.94 6.60
CA ARG A 84 -18.03 -1.51 7.39
C ARG A 84 -18.24 -3.02 7.41
N VAL A 85 -17.14 -3.77 7.28
CA VAL A 85 -17.18 -5.22 7.32
C VAL A 85 -16.35 -5.69 8.49
N THR A 86 -16.97 -6.42 9.40
CA THR A 86 -16.30 -6.97 10.57
C THR A 86 -16.32 -8.49 10.49
N ALA A 87 -15.16 -9.10 10.66
CA ALA A 87 -15.05 -10.55 10.71
C ALA A 87 -15.12 -10.98 12.16
N VAL A 88 -16.20 -11.66 12.53
CA VAL A 88 -16.35 -12.23 13.86
C VAL A 88 -15.82 -13.66 13.78
N ILE A 89 -14.60 -13.85 14.26
CA ILE A 89 -13.92 -15.13 14.17
C ILE A 89 -13.71 -15.66 15.58
N PRO A 90 -14.65 -16.41 16.14
CA PRO A 90 -14.52 -16.83 17.54
C PRO A 90 -13.25 -17.61 17.83
N CYS A 91 -12.83 -18.49 16.93
CA CYS A 91 -11.57 -19.20 17.05
C CYS A 91 -10.72 -18.85 15.84
N PHE A 92 -9.65 -18.10 16.05
CA PHE A 92 -8.84 -17.60 14.94
C PHE A 92 -8.06 -18.73 14.31
N PRO A 93 -8.21 -19.00 13.02
CA PRO A 93 -7.46 -20.09 12.39
C PRO A 93 -5.99 -19.76 12.27
N TYR A 94 -5.17 -20.80 12.30
CA TYR A 94 -3.72 -20.71 12.17
C TYR A 94 -3.09 -19.87 13.28
N ALA A 95 -3.80 -19.68 14.40
CA ALA A 95 -3.30 -18.84 15.46
C ALA A 95 -2.05 -19.42 16.11
N ARG A 96 -1.90 -20.73 16.09
CA ARG A 96 -0.72 -21.36 16.66
C ARG A 96 0.52 -21.19 15.82
N GLN A 97 0.38 -20.76 14.56
CA GLN A 97 1.52 -20.46 13.71
C GLN A 97 1.77 -18.95 13.72
N ASP A 98 2.21 -18.49 14.89
CA ASP A 98 2.29 -17.06 15.19
C ASP A 98 3.72 -16.55 15.26
N LYS A 99 4.70 -17.37 14.89
CA LYS A 99 6.10 -16.96 14.96
C LYS A 99 6.91 -17.87 14.06
N LYS A 100 8.13 -17.44 13.78
CA LYS A 100 9.08 -18.23 13.00
C LYS A 100 10.19 -18.66 13.95
N ASP A 101 10.00 -19.80 14.61
CA ASP A 101 11.03 -20.40 15.46
C ASP A 101 11.67 -21.62 14.82
N LYS A 102 11.46 -21.80 13.51
CA LYS A 102 12.08 -22.86 12.75
C LYS A 102 12.55 -22.27 11.42
N SER A 103 13.56 -22.90 10.83
CA SER A 103 14.01 -22.49 9.51
C SER A 103 12.90 -22.66 8.49
N ARG A 104 12.70 -21.65 7.66
CA ARG A 104 11.73 -21.65 6.56
C ARG A 104 10.29 -21.76 7.03
N ALA A 105 10.04 -21.62 8.33
CA ALA A 105 8.69 -21.75 8.84
C ALA A 105 7.84 -20.54 8.46
N PRO A 106 6.63 -20.75 7.97
CA PRO A 106 5.73 -19.62 7.71
C PRO A 106 5.12 -19.12 9.01
N ILE A 107 4.80 -17.83 9.02
CA ILE A 107 3.95 -17.26 10.07
C ILE A 107 2.55 -17.24 9.48
N SER A 108 1.84 -18.37 9.62
CA SER A 108 0.55 -18.52 8.96
C SER A 108 -0.50 -17.59 9.55
N ALA A 109 -0.41 -17.28 10.83
CA ALA A 109 -1.34 -16.32 11.43
C ALA A 109 -1.21 -14.95 10.78
N LYS A 110 0.03 -14.52 10.54
CA LYS A 110 0.24 -13.25 9.85
C LYS A 110 -0.29 -13.29 8.42
N LEU A 111 -0.11 -14.43 7.74
CA LEU A 111 -0.66 -14.55 6.39
C LEU A 111 -2.18 -14.48 6.41
N VAL A 112 -2.82 -15.12 7.38
CA VAL A 112 -4.27 -15.06 7.50
C VAL A 112 -4.71 -13.64 7.78
N ALA A 113 -3.99 -12.93 8.65
CA ALA A 113 -4.31 -11.53 8.92
C ALA A 113 -4.19 -10.68 7.66
N ASN A 114 -3.13 -10.88 6.89
CA ASN A 114 -2.95 -10.13 5.66
C ASN A 114 -4.06 -10.45 4.65
N MET A 115 -4.45 -11.71 4.58
CA MET A 115 -5.53 -12.10 3.68
C MET A 115 -6.85 -11.46 4.09
N LEU A 116 -7.14 -11.44 5.39
CA LEU A 116 -8.34 -10.76 5.86
C LEU A 116 -8.29 -9.27 5.58
N SER A 117 -7.11 -8.65 5.74
CA SER A 117 -6.97 -7.23 5.46
C SER A 117 -7.19 -6.94 3.98
N VAL A 118 -6.63 -7.76 3.10
CA VAL A 118 -6.75 -7.50 1.66
C VAL A 118 -8.15 -7.87 1.17
N ALA A 119 -8.84 -8.77 1.86
CA ALA A 119 -10.24 -9.02 1.52
C ALA A 119 -11.11 -7.82 1.86
N GLY A 120 -10.68 -6.98 2.78
CA GLY A 120 -11.39 -5.74 3.06
C GLY A 120 -11.98 -5.64 4.44
N ALA A 121 -11.58 -6.53 5.35
CA ALA A 121 -12.06 -6.44 6.71
C ALA A 121 -11.61 -5.14 7.36
N ASP A 122 -12.53 -4.48 8.04
CA ASP A 122 -12.25 -3.24 8.77
C ASP A 122 -12.11 -3.46 10.26
N HIS A 123 -12.52 -4.62 10.76
CA HIS A 123 -12.58 -4.87 12.19
C HIS A 123 -12.62 -6.38 12.39
N ILE A 124 -11.92 -6.86 13.41
CA ILE A 124 -11.89 -8.27 13.77
C ILE A 124 -12.36 -8.41 15.21
N ILE A 125 -13.31 -9.30 15.42
CA ILE A 125 -13.76 -9.67 16.77
C ILE A 125 -13.46 -11.15 16.95
N THR A 126 -12.69 -11.48 17.96
CA THR A 126 -12.28 -12.85 18.21
C THR A 126 -12.23 -13.08 19.72
N MET A 127 -12.18 -14.35 20.11
CA MET A 127 -12.15 -14.73 21.51
C MET A 127 -10.89 -15.52 21.81
N ASP A 128 -10.15 -15.07 22.81
CA ASP A 128 -9.00 -15.79 23.38
C ASP A 128 -8.04 -16.25 22.29
N LEU A 129 -7.43 -15.27 21.64
CA LEU A 129 -6.37 -15.55 20.68
C LEU A 129 -5.28 -16.38 21.34
N HIS A 130 -4.79 -17.38 20.60
CA HIS A 130 -3.71 -18.22 21.12
C HIS A 130 -2.53 -17.36 21.54
N ALA A 131 -2.23 -16.31 20.79
CA ALA A 131 -1.28 -15.28 21.19
C ALA A 131 -1.96 -13.94 21.02
N SER A 132 -2.00 -13.15 22.10
CA SER A 132 -2.63 -11.84 22.02
C SER A 132 -1.92 -10.91 21.05
N GLN A 133 -0.64 -11.16 20.76
CA GLN A 133 0.08 -10.35 19.81
C GLN A 133 -0.47 -10.45 18.41
N ILE A 134 -1.33 -11.44 18.15
CA ILE A 134 -2.01 -11.53 16.85
C ILE A 134 -2.82 -10.27 16.58
N GLN A 135 -3.25 -9.57 17.63
CA GLN A 135 -3.86 -8.25 17.45
C GLN A 135 -2.94 -7.34 16.65
N GLY A 136 -1.63 -7.44 16.88
CA GLY A 136 -0.66 -6.66 16.16
C GLY A 136 -0.37 -7.14 14.76
N PHE A 137 -0.94 -8.27 14.35
CA PHE A 137 -0.79 -8.73 12.97
C PHE A 137 -1.65 -7.95 11.99
N PHE A 138 -2.62 -7.19 12.50
CA PHE A 138 -3.48 -6.35 11.68
C PHE A 138 -3.12 -4.89 11.88
N ASP A 139 -3.53 -4.06 10.93
CA ASP A 139 -3.53 -2.61 11.09
C ASP A 139 -4.92 -2.06 11.37
N ILE A 140 -5.89 -2.95 11.61
CA ILE A 140 -7.26 -2.56 11.93
C ILE A 140 -7.51 -2.93 13.39
N PRO A 141 -8.52 -2.36 14.05
CA PRO A 141 -8.82 -2.79 15.43
C PRO A 141 -9.17 -4.27 15.48
N VAL A 142 -8.66 -4.93 16.50
CA VAL A 142 -8.90 -6.36 16.73
C VAL A 142 -9.37 -6.53 18.17
N ASP A 143 -10.60 -7.00 18.34
CA ASP A 143 -11.15 -7.25 19.66
C ASP A 143 -10.81 -8.67 20.08
N ASN A 144 -10.01 -8.81 21.12
CA ASN A 144 -9.62 -10.10 21.66
C ASN A 144 -10.40 -10.31 22.95
N LEU A 145 -11.60 -10.86 22.82
CA LEU A 145 -12.46 -11.08 23.97
C LEU A 145 -11.97 -12.26 24.80
N TYR A 146 -12.22 -12.20 26.10
CA TYR A 146 -11.82 -13.24 27.02
C TYR A 146 -13.02 -14.08 27.40
N ALA A 147 -12.83 -15.39 27.45
CA ALA A 147 -13.82 -16.27 28.06
C ALA A 147 -13.59 -16.41 29.56
N GLU A 148 -12.61 -15.71 30.11
CA GLU A 148 -12.27 -15.86 31.52
C GLU A 148 -13.42 -15.53 32.47
N PRO A 149 -14.18 -14.44 32.30
CA PRO A 149 -15.32 -14.24 33.21
C PRO A 149 -16.33 -15.39 33.19
N ALA A 150 -16.55 -15.97 32.00
CA ALA A 150 -17.49 -17.11 31.87
C ALA A 150 -16.91 -18.35 32.55
N VAL A 151 -15.59 -18.54 32.44
CA VAL A 151 -14.92 -19.71 33.07
C VAL A 151 -15.07 -19.60 34.59
N LEU A 152 -14.76 -18.43 35.16
CA LEU A 152 -14.86 -18.22 36.60
C LEU A 152 -16.27 -18.46 37.10
N LYS A 153 -17.27 -18.01 36.33
CA LYS A 153 -18.66 -18.28 36.69
C LYS A 153 -18.93 -19.78 36.75
N TRP A 154 -18.48 -20.52 35.73
CA TRP A 154 -18.68 -21.95 35.72
C TRP A 154 -17.99 -22.63 36.89
N ILE A 155 -16.76 -22.20 37.21
CA ILE A 155 -16.03 -22.82 38.32
C ILE A 155 -16.77 -22.58 39.63
N ARG A 156 -17.18 -21.33 39.87
CA ARG A 156 -17.87 -21.02 41.12
C ARG A 156 -19.23 -21.69 41.22
N GLU A 157 -19.87 -22.00 40.10
CA GLU A 157 -21.20 -22.60 40.16
C GLU A 157 -21.20 -24.13 40.06
N ASN A 158 -20.11 -24.75 39.61
CA ASN A 158 -20.13 -26.17 39.32
C ASN A 158 -19.11 -27.00 40.12
N ILE A 159 -18.17 -26.36 40.79
CA ILE A 159 -17.16 -27.07 41.58
C ILE A 159 -17.33 -26.64 43.02
N SER A 160 -17.79 -27.56 43.87
CA SER A 160 -18.14 -27.21 45.24
C SER A 160 -16.92 -26.76 46.04
N GLU A 161 -15.78 -27.42 45.84
CA GLU A 161 -14.55 -27.12 46.56
C GLU A 161 -13.62 -26.23 45.77
N TRP A 162 -14.17 -25.28 45.02
CA TRP A 162 -13.34 -24.43 44.17
C TRP A 162 -12.43 -23.53 45.00
N ARG A 163 -12.83 -23.19 46.22
CA ARG A 163 -11.98 -22.33 47.05
C ARG A 163 -10.72 -23.03 47.53
N ASN A 164 -10.70 -24.36 47.52
CA ASN A 164 -9.51 -25.11 47.88
C ASN A 164 -8.86 -25.78 46.67
N CYS A 165 -9.31 -25.43 45.47
CA CYS A 165 -8.77 -26.06 44.27
C CYS A 165 -7.44 -25.43 43.89
N THR A 166 -6.78 -26.06 42.93
CA THR A 166 -5.58 -25.51 42.32
C THR A 166 -5.76 -25.50 40.82
N ILE A 167 -5.49 -24.36 40.20
CA ILE A 167 -5.62 -24.22 38.75
C ILE A 167 -4.29 -24.62 38.14
N VAL A 168 -4.32 -25.53 37.17
CA VAL A 168 -3.11 -26.16 36.65
C VAL A 168 -2.94 -25.77 35.19
N SER A 169 -1.75 -25.29 34.86
CA SER A 169 -1.38 -25.08 33.46
C SER A 169 -0.89 -26.38 32.85
N PRO A 170 -1.46 -26.81 31.72
CA PRO A 170 -0.97 -28.03 31.07
C PRO A 170 0.36 -27.88 30.36
N ASP A 171 0.82 -26.65 30.12
CA ASP A 171 2.14 -26.42 29.53
C ASP A 171 2.68 -25.09 30.05
N ALA A 172 3.90 -24.77 29.65
CA ALA A 172 4.53 -23.53 30.09
C ALA A 172 3.83 -22.30 29.52
N GLY A 173 3.30 -22.40 28.30
CA GLY A 173 2.68 -21.25 27.67
C GLY A 173 1.38 -20.82 28.29
N GLY A 174 0.70 -21.69 29.03
CA GLY A 174 -0.53 -21.35 29.69
C GLY A 174 -0.39 -20.69 31.04
N ALA A 175 0.84 -20.39 31.46
CA ALA A 175 1.09 -19.94 32.82
C ALA A 175 0.37 -18.63 33.11
N LYS A 176 0.37 -17.69 32.17
CA LYS A 176 -0.27 -16.40 32.42
C LYS A 176 -1.77 -16.58 32.63
N ARG A 177 -2.42 -17.38 31.79
CA ARG A 177 -3.84 -17.62 31.91
C ARG A 177 -4.17 -18.27 33.25
N VAL A 178 -3.40 -19.29 33.63
CA VAL A 178 -3.63 -19.97 34.90
C VAL A 178 -3.38 -19.05 36.09
N THR A 179 -2.33 -18.25 36.04
CA THR A 179 -2.07 -17.35 37.16
C THR A 179 -3.18 -16.31 37.28
N SER A 180 -3.67 -15.81 36.15
CA SER A 180 -4.77 -14.85 36.19
C SER A 180 -6.01 -15.47 36.81
N ILE A 181 -6.35 -16.69 36.40
CA ILE A 181 -7.54 -17.35 36.95
C ILE A 181 -7.36 -17.63 38.43
N ALA A 182 -6.18 -18.09 38.83
CA ALA A 182 -5.93 -18.39 40.24
C ALA A 182 -5.99 -17.13 41.10
N ASP A 183 -5.46 -16.02 40.57
CA ASP A 183 -5.59 -14.74 41.26
C ASP A 183 -7.05 -14.33 41.43
N ARG A 184 -7.85 -14.45 40.36
CA ARG A 184 -9.25 -14.07 40.46
C ARG A 184 -10.02 -14.97 41.42
N LEU A 185 -9.65 -16.24 41.51
CA LEU A 185 -10.30 -17.15 42.45
C LEU A 185 -9.62 -17.18 43.81
N ASN A 186 -8.48 -16.52 43.96
CA ASN A 186 -7.69 -16.54 45.20
C ASN A 186 -7.38 -17.99 45.61
N VAL A 187 -6.84 -18.75 44.66
CA VAL A 187 -6.51 -20.16 44.89
C VAL A 187 -5.07 -20.38 44.44
N ASP A 188 -4.55 -21.55 44.81
CA ASP A 188 -3.21 -21.95 44.38
C ASP A 188 -3.22 -22.27 42.89
N PHE A 189 -2.03 -22.27 42.30
CA PHE A 189 -1.86 -22.69 40.93
C PHE A 189 -0.67 -23.63 40.84
N ALA A 190 -0.68 -24.45 39.80
CA ALA A 190 0.42 -25.35 39.49
C ALA A 190 0.67 -25.32 38.00
N LEU A 191 1.85 -25.76 37.61
CA LEU A 191 2.22 -25.81 36.20
C LEU A 191 2.76 -27.20 35.89
N ILE A 192 2.39 -27.72 34.73
CA ILE A 192 2.87 -29.00 34.23
C ILE A 192 3.61 -28.76 32.94
N HIS A 193 4.82 -29.31 32.84
CA HIS A 193 5.64 -29.15 31.65
C HIS A 193 6.00 -30.52 31.11
N LYS A 194 5.80 -30.73 29.82
CA LYS A 194 6.33 -31.90 29.13
C LYS A 194 7.69 -31.53 28.57
N GLU A 195 8.75 -32.18 29.06
CA GLU A 195 10.06 -31.74 28.63
C GLU A 195 10.34 -32.17 27.18
N ARG A 196 11.30 -31.49 26.57
CA ARG A 196 11.49 -31.60 25.14
C ARG A 196 11.96 -32.99 24.74
N LYS A 197 11.51 -33.43 23.57
CA LYS A 197 11.76 -34.78 23.06
C LYS A 197 13.13 -34.80 22.40
N LYS A 198 14.16 -35.07 23.21
CA LYS A 198 15.52 -35.11 22.67
C LYS A 198 15.75 -36.40 21.89
N ALA A 199 15.08 -37.48 22.26
CA ALA A 199 15.22 -38.77 21.58
C ALA A 199 13.88 -39.50 21.69
N ASN A 200 13.89 -40.80 21.44
CA ASN A 200 12.67 -41.59 21.38
C ASN A 200 12.36 -42.30 22.70
N GLU A 201 12.76 -41.74 23.84
CA GLU A 201 12.39 -42.35 25.11
C GLU A 201 10.98 -41.92 25.50
N VAL A 202 10.59 -42.30 26.72
CA VAL A 202 9.24 -42.02 27.18
C VAL A 202 9.07 -40.53 27.46
N ASP A 203 7.95 -39.97 26.99
CA ASP A 203 7.58 -38.62 27.36
C ASP A 203 7.33 -38.57 28.87
N ARG A 204 8.03 -37.68 29.56
CA ARG A 204 7.86 -37.52 30.99
C ARG A 204 7.45 -36.08 31.30
N MET A 205 6.58 -35.94 32.28
CA MET A 205 5.99 -34.65 32.63
C MET A 205 6.44 -34.25 34.01
N VAL A 206 6.87 -33.01 34.14
CA VAL A 206 7.27 -32.45 35.42
C VAL A 206 6.17 -31.52 35.92
N LEU A 207 5.83 -31.66 37.19
CA LEU A 207 4.82 -30.81 37.83
C LEU A 207 5.49 -29.94 38.88
N VAL A 208 5.25 -28.64 38.78
CA VAL A 208 5.70 -27.68 39.80
C VAL A 208 4.45 -27.13 40.49
N GLY A 209 4.42 -27.24 41.81
CA GLY A 209 3.24 -26.90 42.57
C GLY A 209 2.64 -28.13 43.23
N ASP A 210 1.78 -27.87 44.21
CA ASP A 210 1.20 -28.92 45.04
C ASP A 210 -0.26 -29.11 44.65
N VAL A 211 -0.61 -30.33 44.25
CA VAL A 211 -1.98 -30.67 43.89
C VAL A 211 -2.50 -31.85 44.71
N LYS A 212 -1.74 -32.28 45.72
CA LYS A 212 -2.09 -33.49 46.46
C LYS A 212 -3.37 -33.27 47.26
N ASP A 213 -4.30 -34.22 47.13
CA ASP A 213 -5.56 -34.24 47.88
C ASP A 213 -6.40 -32.98 47.63
N ARG A 214 -6.22 -32.36 46.47
CA ARG A 214 -7.01 -31.21 46.09
C ARG A 214 -7.60 -31.44 44.71
N VAL A 215 -8.70 -30.73 44.43
CA VAL A 215 -9.25 -30.72 43.09
C VAL A 215 -8.33 -29.90 42.19
N ALA A 216 -7.99 -30.46 41.04
CA ALA A 216 -7.15 -29.78 40.07
C ALA A 216 -8.00 -29.38 38.88
N ILE A 217 -7.92 -28.11 38.50
CA ILE A 217 -8.62 -27.60 37.33
C ILE A 217 -7.57 -27.27 36.29
N LEU A 218 -7.57 -28.02 35.19
CA LEU A 218 -6.72 -27.72 34.06
C LEU A 218 -7.38 -26.62 33.22
N VAL A 219 -6.68 -25.52 33.02
CA VAL A 219 -7.16 -24.42 32.21
C VAL A 219 -6.17 -24.17 31.09
N ASP A 220 -6.66 -24.19 29.86
CA ASP A 220 -5.85 -23.93 28.69
C ASP A 220 -6.71 -23.19 27.66
N ASP A 221 -6.04 -22.63 26.65
CA ASP A 221 -6.76 -21.91 25.62
C ASP A 221 -7.47 -22.83 24.63
N MET A 222 -6.96 -24.05 24.43
CA MET A 222 -7.58 -24.93 23.46
C MET A 222 -7.17 -26.36 23.75
N ALA A 223 -7.99 -27.29 23.26
CA ALA A 223 -7.70 -28.72 23.29
C ALA A 223 -7.94 -29.27 21.89
N ASP A 224 -6.87 -29.42 21.12
CA ASP A 224 -6.99 -29.90 19.74
C ASP A 224 -7.06 -31.42 19.71
N THR A 225 -5.96 -32.08 20.06
CA THR A 225 -5.92 -33.53 20.16
C THR A 225 -6.09 -34.03 21.58
N CYS A 226 -6.11 -33.12 22.55
CA CYS A 226 -6.24 -33.42 23.97
C CYS A 226 -5.04 -34.20 24.51
N GLY A 227 -3.95 -34.26 23.75
CA GLY A 227 -2.74 -34.86 24.29
C GLY A 227 -2.21 -34.09 25.48
N THR A 228 -2.23 -32.76 25.39
CA THR A 228 -1.74 -31.93 26.49
C THR A 228 -2.56 -32.14 27.75
N ILE A 229 -3.89 -32.01 27.64
CA ILE A 229 -4.72 -32.12 28.84
C ILE A 229 -4.78 -33.55 29.34
N CYS A 230 -4.76 -34.54 28.46
CA CYS A 230 -4.79 -35.93 28.93
C CYS A 230 -3.51 -36.30 29.65
N HIS A 231 -2.35 -35.94 29.09
CA HIS A 231 -1.09 -36.19 29.76
C HIS A 231 -1.02 -35.44 31.09
N ALA A 232 -1.48 -34.20 31.11
CA ALA A 232 -1.53 -33.44 32.35
C ALA A 232 -2.44 -34.09 33.36
N ALA A 233 -3.55 -34.67 32.91
CA ALA A 233 -4.48 -35.33 33.82
C ALA A 233 -3.87 -36.57 34.44
N ASP A 234 -3.18 -37.38 33.63
CA ASP A 234 -2.47 -38.53 34.19
C ASP A 234 -1.43 -38.08 35.21
N LYS A 235 -0.67 -37.03 34.89
CA LYS A 235 0.32 -36.54 35.83
C LYS A 235 -0.34 -36.04 37.12
N LEU A 236 -1.46 -35.34 37.00
CA LEU A 236 -2.14 -34.80 38.18
C LEU A 236 -2.66 -35.91 39.08
N LEU A 237 -3.27 -36.94 38.50
CA LEU A 237 -3.70 -38.07 39.32
C LEU A 237 -2.51 -38.78 39.95
N SER A 238 -1.43 -38.97 39.20
CA SER A 238 -0.24 -39.58 39.76
C SER A 238 0.35 -38.75 40.89
N ALA A 239 0.09 -37.45 40.89
CA ALA A 239 0.59 -36.55 41.92
C ALA A 239 -0.35 -36.43 43.12
N GLY A 240 -1.48 -37.13 43.11
CA GLY A 240 -2.38 -37.14 44.24
C GLY A 240 -3.57 -36.22 44.15
N ALA A 241 -3.90 -35.70 42.98
CA ALA A 241 -5.11 -34.89 42.84
C ALA A 241 -6.34 -35.78 43.04
N THR A 242 -7.33 -35.25 43.76
CA THR A 242 -8.56 -36.00 44.00
C THR A 242 -9.40 -36.07 42.72
N ARG A 243 -9.77 -34.92 42.19
CA ARG A 243 -10.54 -34.84 40.96
C ARG A 243 -9.83 -33.89 40.00
N VAL A 244 -10.00 -34.13 38.71
CA VAL A 244 -9.34 -33.33 37.68
C VAL A 244 -10.42 -32.81 36.72
N TYR A 245 -10.47 -31.50 36.56
CA TYR A 245 -11.31 -30.85 35.56
C TYR A 245 -10.43 -30.27 34.47
N ALA A 246 -11.00 -30.16 33.28
CA ALA A 246 -10.35 -29.47 32.17
C ALA A 246 -11.30 -28.41 31.65
N ILE A 247 -10.85 -27.17 31.60
CA ILE A 247 -11.62 -26.07 31.07
C ILE A 247 -10.82 -25.43 29.95
N LEU A 248 -11.41 -25.40 28.76
CA LEU A 248 -10.82 -24.79 27.59
C LEU A 248 -11.78 -23.74 27.06
N THR A 249 -11.27 -22.80 26.27
CA THR A 249 -12.21 -21.95 25.56
C THR A 249 -12.51 -22.47 24.16
N HIS A 250 -11.52 -23.06 23.48
CA HIS A 250 -11.71 -23.62 22.16
C HIS A 250 -11.64 -25.14 22.23
N GLY A 251 -12.78 -25.80 22.06
CA GLY A 251 -12.77 -27.23 21.96
C GLY A 251 -12.69 -27.69 20.52
N ILE A 252 -11.48 -27.96 20.04
CA ILE A 252 -11.31 -28.42 18.67
C ILE A 252 -11.60 -29.91 18.58
N PHE A 253 -11.05 -30.69 19.50
CA PHE A 253 -11.34 -32.11 19.63
C PHE A 253 -11.14 -32.86 18.32
N SER A 254 -10.07 -32.53 17.61
CA SER A 254 -9.77 -33.22 16.37
C SER A 254 -9.06 -34.54 16.63
N GLY A 255 -9.13 -35.42 15.65
CA GLY A 255 -8.43 -36.69 15.70
C GLY A 255 -8.87 -37.58 16.84
N PRO A 256 -7.90 -38.04 17.64
CA PRO A 256 -8.20 -39.00 18.71
C PRO A 256 -8.67 -38.37 20.01
N ALA A 257 -9.10 -37.10 19.99
CA ALA A 257 -9.40 -36.40 21.22
C ALA A 257 -10.57 -37.03 21.98
N ILE A 258 -11.62 -37.44 21.26
CA ILE A 258 -12.81 -37.96 21.94
C ILE A 258 -12.49 -39.26 22.64
N SER A 259 -11.77 -40.17 21.98
CA SER A 259 -11.38 -41.42 22.62
C SER A 259 -10.43 -41.15 23.78
N ARG A 260 -9.54 -40.17 23.63
CA ARG A 260 -8.62 -39.83 24.71
C ARG A 260 -9.38 -39.34 25.94
N ILE A 261 -10.37 -38.48 25.75
CA ILE A 261 -11.13 -37.93 26.86
C ILE A 261 -11.97 -39.03 27.51
N ASN A 262 -12.62 -39.86 26.68
CA ASN A 262 -13.46 -40.93 27.22
C ASN A 262 -12.65 -41.91 28.05
N ASN A 263 -11.37 -42.08 27.74
CA ASN A 263 -10.49 -42.96 28.49
C ASN A 263 -9.68 -42.23 29.56
N ALA A 264 -9.88 -40.92 29.71
CA ALA A 264 -9.19 -40.15 30.71
C ALA A 264 -10.01 -40.12 32.00
N CYS A 265 -9.52 -39.37 32.98
CA CYS A 265 -10.08 -39.34 34.33
C CYS A 265 -10.80 -38.04 34.62
N PHE A 266 -11.15 -37.27 33.60
CA PHE A 266 -11.71 -35.95 33.80
C PHE A 266 -13.08 -36.04 34.45
N GLU A 267 -13.31 -35.20 35.46
CA GLU A 267 -14.66 -35.03 35.99
C GLU A 267 -15.55 -34.37 34.94
N ALA A 268 -15.03 -33.38 34.24
CA ALA A 268 -15.74 -32.72 33.16
C ALA A 268 -14.73 -32.01 32.28
N VAL A 269 -15.00 -31.99 30.98
CA VAL A 269 -14.23 -31.20 30.03
C VAL A 269 -15.14 -30.06 29.58
N VAL A 270 -14.77 -28.84 29.94
CA VAL A 270 -15.61 -27.67 29.73
C VAL A 270 -15.00 -26.83 28.63
N VAL A 271 -15.79 -26.55 27.60
CA VAL A 271 -15.37 -25.70 26.50
C VAL A 271 -16.46 -24.67 26.24
N THR A 272 -16.08 -23.59 25.59
CA THR A 272 -17.07 -22.67 25.07
C THR A 272 -17.59 -23.16 23.73
N ASN A 273 -18.62 -22.48 23.21
CA ASN A 273 -19.15 -22.81 21.90
C ASN A 273 -18.58 -21.90 20.81
N THR A 274 -17.33 -21.48 20.94
CA THR A 274 -16.63 -20.85 19.82
C THR A 274 -16.50 -21.81 18.65
N ILE A 275 -16.54 -23.11 18.91
CA ILE A 275 -16.54 -24.16 17.89
C ILE A 275 -17.79 -24.98 18.16
N PRO A 276 -18.51 -25.44 17.13
CA PRO A 276 -19.67 -26.29 17.39
C PRO A 276 -19.28 -27.56 18.12
N GLN A 277 -20.04 -27.89 19.15
CA GLN A 277 -19.75 -29.03 20.00
C GLN A 277 -20.82 -30.10 19.98
N GLU A 278 -21.89 -29.92 19.20
CA GLU A 278 -23.01 -30.84 19.23
C GLU A 278 -22.56 -32.26 18.91
N ASP A 279 -21.77 -32.42 17.85
CA ASP A 279 -21.27 -33.74 17.49
C ASP A 279 -20.34 -34.31 18.56
N LYS A 280 -19.48 -33.46 19.14
CA LYS A 280 -18.55 -33.94 20.15
C LYS A 280 -19.27 -34.40 21.41
N MET A 281 -20.31 -33.67 21.84
CA MET A 281 -21.02 -34.06 23.04
C MET A 281 -21.77 -35.38 22.87
N LYS A 282 -22.13 -35.74 21.64
CA LYS A 282 -22.85 -36.99 21.43
C LYS A 282 -21.97 -38.21 21.67
N HIS A 283 -20.66 -38.08 21.52
CA HIS A 283 -19.74 -39.19 21.73
C HIS A 283 -18.93 -39.09 23.01
N CYS A 284 -19.03 -37.98 23.74
CA CYS A 284 -18.29 -37.81 24.99
C CYS A 284 -19.20 -37.10 25.98
N SER A 285 -19.70 -37.86 26.96
CA SER A 285 -20.57 -37.29 27.98
C SER A 285 -19.85 -36.31 28.90
N LYS A 286 -18.52 -36.41 28.97
CA LYS A 286 -17.76 -35.53 29.85
C LYS A 286 -17.76 -34.08 29.38
N ILE A 287 -18.03 -33.83 28.10
CA ILE A 287 -17.94 -32.48 27.56
C ILE A 287 -19.17 -31.68 27.98
N GLN A 288 -18.93 -30.50 28.53
CA GLN A 288 -19.96 -29.51 28.79
C GLN A 288 -19.58 -28.21 28.12
N VAL A 289 -20.58 -27.41 27.76
CA VAL A 289 -20.40 -26.25 26.92
C VAL A 289 -20.82 -24.99 27.67
N ILE A 290 -19.94 -24.00 27.69
CA ILE A 290 -20.29 -22.66 28.14
C ILE A 290 -20.69 -21.84 26.92
N ASP A 291 -21.92 -21.34 26.92
CA ASP A 291 -22.36 -20.50 25.82
C ASP A 291 -21.70 -19.14 25.95
N ILE A 292 -20.99 -18.71 24.90
CA ILE A 292 -20.39 -17.38 24.86
C ILE A 292 -21.08 -16.51 23.82
N SER A 293 -22.22 -16.94 23.29
CA SER A 293 -22.92 -16.15 22.28
C SER A 293 -23.35 -14.80 22.83
N MET A 294 -23.64 -14.70 24.13
CA MET A 294 -24.01 -13.41 24.70
C MET A 294 -22.81 -12.47 24.69
N ILE A 295 -21.61 -12.99 24.94
CA ILE A 295 -20.41 -12.16 24.90
C ILE A 295 -20.19 -11.62 23.50
N LEU A 296 -20.27 -12.49 22.49
CA LEU A 296 -20.08 -12.06 21.12
C LEU A 296 -21.17 -11.08 20.67
N ALA A 297 -22.42 -11.36 21.05
CA ALA A 297 -23.51 -10.47 20.69
C ALA A 297 -23.34 -9.10 21.32
N GLU A 298 -22.94 -9.05 22.60
CA GLU A 298 -22.69 -7.77 23.24
C GLU A 298 -21.52 -7.05 22.60
N ALA A 299 -20.48 -7.79 22.21
CA ALA A 299 -19.35 -7.15 21.54
C ALA A 299 -19.78 -6.54 20.21
N ILE A 300 -20.59 -7.26 19.43
CA ILE A 300 -21.06 -6.74 18.16
C ILE A 300 -21.94 -5.52 18.37
N ARG A 301 -22.84 -5.59 19.35
CA ARG A 301 -23.75 -4.48 19.61
C ARG A 301 -22.99 -3.24 20.06
N ARG A 302 -22.00 -3.41 20.93
CA ARG A 302 -21.21 -2.27 21.39
C ARG A 302 -20.33 -1.72 20.28
N THR A 303 -19.80 -2.58 19.43
CA THR A 303 -19.04 -2.11 18.28
C THR A 303 -19.91 -1.27 17.37
N HIS A 304 -21.13 -1.73 17.11
CA HIS A 304 -22.05 -0.97 16.27
C HIS A 304 -22.44 0.35 16.92
N ASN A 305 -22.65 0.35 18.23
CA ASN A 305 -23.10 1.54 18.93
C ASN A 305 -21.95 2.46 19.35
N GLY A 306 -20.71 2.09 19.05
CA GLY A 306 -19.58 2.91 19.46
C GLY A 306 -19.40 2.97 20.97
N ALA A 307 -19.56 1.85 21.65
CA ALA A 307 -19.38 1.75 23.09
C ALA A 307 -18.23 0.81 23.42
N SER A 308 -17.63 1.04 24.59
CA SER A 308 -16.51 0.22 25.03
C SER A 308 -16.95 -1.21 25.28
N VAL A 309 -16.06 -2.16 24.96
CA VAL A 309 -16.29 -3.56 25.29
C VAL A 309 -15.56 -3.98 26.55
N SER A 310 -15.02 -3.02 27.30
CA SER A 310 -14.29 -3.34 28.53
C SER A 310 -15.18 -4.04 29.54
N TYR A 311 -16.48 -3.76 29.52
CA TYR A 311 -17.42 -4.40 30.42
C TYR A 311 -17.40 -5.92 30.26
N LEU A 312 -17.13 -6.40 29.05
CA LEU A 312 -17.12 -7.84 28.78
C LEU A 312 -15.96 -8.57 29.44
N PHE A 313 -14.96 -7.85 29.92
CA PHE A 313 -13.78 -8.47 30.54
C PHE A 313 -13.93 -8.64 32.04
N SER A 314 -15.04 -8.18 32.62
CA SER A 314 -15.30 -8.35 34.04
C SER A 314 -16.63 -9.01 34.33
N HIS A 315 -17.54 -9.09 33.36
CA HIS A 315 -18.89 -9.59 33.59
C HIS A 315 -19.31 -10.46 32.42
N VAL A 316 -20.19 -11.41 32.71
CA VAL A 316 -20.84 -12.22 31.68
C VAL A 316 -22.26 -11.69 31.50
N PRO A 317 -22.60 -11.09 30.36
CA PRO A 317 -23.93 -10.51 30.12
C PRO A 317 -25.04 -11.55 30.08
N PRO B 2 26.98 -6.46 -4.13
CA PRO B 2 26.83 -5.61 -2.94
C PRO B 2 27.78 -5.99 -1.82
N ASN B 3 28.24 -5.00 -1.06
CA ASN B 3 29.14 -5.21 0.05
C ASN B 3 28.45 -4.87 1.36
N ILE B 4 28.90 -5.50 2.44
CA ILE B 4 28.39 -5.19 3.76
C ILE B 4 28.84 -3.79 4.15
N LYS B 5 27.89 -2.94 4.49
CA LYS B 5 28.17 -1.64 5.11
C LYS B 5 27.51 -1.63 6.48
N ILE B 6 28.32 -1.47 7.52
CA ILE B 6 27.85 -1.46 8.90
C ILE B 6 27.85 -0.02 9.37
N PHE B 7 26.69 0.50 9.75
CA PHE B 7 26.56 1.84 10.28
C PHE B 7 26.08 1.77 11.71
N SER B 8 26.65 2.62 12.56
CA SER B 8 26.29 2.67 13.97
C SER B 8 25.45 3.91 14.25
N GLY B 9 24.36 3.72 14.99
CA GLY B 9 23.69 4.82 15.63
C GLY B 9 24.40 5.23 16.90
N SER B 10 23.82 6.20 17.60
CA SER B 10 24.43 6.71 18.81
C SER B 10 24.22 5.80 20.02
N SER B 11 23.32 4.81 19.91
CA SER B 11 22.92 4.05 21.09
C SER B 11 24.05 3.16 21.60
N HIS B 12 24.52 2.22 20.77
CA HIS B 12 25.50 1.23 21.20
C HIS B 12 26.62 1.17 20.15
N GLN B 13 27.56 2.10 20.25
CA GLN B 13 28.63 2.16 19.26
C GLN B 13 29.74 1.17 19.55
N ASP B 14 29.94 0.80 20.82
CA ASP B 14 30.92 -0.23 21.14
C ASP B 14 30.50 -1.57 20.55
N LEU B 15 29.22 -1.91 20.64
CA LEU B 15 28.75 -3.15 20.02
C LEU B 15 28.89 -3.11 18.51
N SER B 16 28.61 -1.96 17.90
CA SER B 16 28.79 -1.82 16.46
C SER B 16 30.24 -2.01 16.08
N GLN B 17 31.16 -1.46 16.88
CA GLN B 17 32.58 -1.64 16.63
C GLN B 17 32.97 -3.11 16.74
N LYS B 18 32.46 -3.80 17.75
CA LYS B 18 32.78 -5.23 17.91
C LYS B 18 32.26 -6.03 16.72
N ILE B 19 31.04 -5.72 16.26
CA ILE B 19 30.48 -6.42 15.11
C ILE B 19 31.34 -6.17 13.87
N ALA B 20 31.74 -4.91 13.65
CA ALA B 20 32.55 -4.57 12.49
C ALA B 20 33.91 -5.27 12.55
N ASP B 21 34.53 -5.31 13.71
CA ASP B 21 35.80 -6.01 13.84
C ASP B 21 35.65 -7.50 13.56
N ARG B 22 34.59 -8.11 14.07
CA ARG B 22 34.37 -9.53 13.81
C ARG B 22 34.07 -9.79 12.35
N LEU B 23 33.51 -8.81 11.65
CA LEU B 23 33.30 -8.91 10.21
C LEU B 23 34.51 -8.45 9.41
N GLY B 24 35.57 -8.02 10.06
CA GLY B 24 36.73 -7.50 9.35
C GLY B 24 36.45 -6.26 8.54
N LEU B 25 35.63 -5.36 9.08
CA LEU B 25 35.23 -4.15 8.38
C LEU B 25 35.43 -2.94 9.28
N GLU B 26 35.56 -1.78 8.66
CA GLU B 26 35.43 -0.52 9.38
C GLU B 26 33.98 -0.06 9.37
N LEU B 27 33.58 0.55 10.46
CA LEU B 27 32.24 1.12 10.53
C LEU B 27 32.06 2.16 9.45
N GLY B 28 30.88 2.19 8.85
CA GLY B 28 30.59 3.19 7.85
C GLY B 28 30.63 4.59 8.44
N LYS B 29 31.01 5.55 7.61
CA LYS B 29 31.15 6.93 8.06
C LYS B 29 29.77 7.55 8.20
N VAL B 30 29.37 7.82 9.45
CA VAL B 30 28.12 8.50 9.74
C VAL B 30 28.36 9.51 10.84
N VAL B 31 27.79 10.70 10.68
CA VAL B 31 27.70 11.68 11.75
C VAL B 31 26.26 11.66 12.25
N THR B 32 26.08 11.25 13.50
CA THR B 32 24.76 11.16 14.12
C THR B 32 24.77 12.12 15.30
N LYS B 33 24.25 13.33 15.09
CA LYS B 33 24.25 14.35 16.13
C LYS B 33 22.85 14.92 16.29
N LYS B 34 22.73 16.02 17.03
CA LYS B 34 21.48 16.75 17.16
C LYS B 34 21.65 18.17 16.66
N PHE B 35 20.66 18.63 15.90
CA PHE B 35 20.56 20.04 15.61
C PHE B 35 20.32 20.81 16.91
N SER B 36 20.41 22.13 16.84
CA SER B 36 20.25 22.95 18.03
C SER B 36 18.88 22.75 18.66
N ASN B 37 17.83 22.65 17.84
CA ASN B 37 16.48 22.45 18.34
C ASN B 37 16.18 21.00 18.70
N GLN B 38 17.21 20.18 18.86
CA GLN B 38 17.14 18.79 19.30
C GLN B 38 16.53 17.86 18.26
N GLU B 39 16.43 18.29 17.01
CA GLU B 39 16.06 17.40 15.93
C GLU B 39 17.25 16.52 15.56
N THR B 40 16.97 15.27 15.21
CA THR B 40 18.02 14.34 14.87
C THR B 40 18.69 14.73 13.56
N CYS B 41 20.01 14.80 13.57
CA CYS B 41 20.79 15.09 12.37
C CYS B 41 21.59 13.85 12.00
N VAL B 42 21.39 13.37 10.78
CA VAL B 42 22.07 12.19 10.27
C VAL B 42 22.81 12.57 9.00
N GLU B 43 24.12 12.35 8.98
CA GLU B 43 24.98 12.68 7.85
C GLU B 43 25.78 11.45 7.48
N ILE B 44 25.25 10.66 6.56
CA ILE B 44 25.98 9.51 6.04
C ILE B 44 27.13 10.02 5.19
N GLY B 45 28.34 9.61 5.54
CA GLY B 45 29.55 10.14 4.93
C GLY B 45 30.12 9.36 3.78
N GLU B 46 29.39 8.40 3.23
CA GLU B 46 29.90 7.62 2.11
C GLU B 46 28.74 7.09 1.29
N SER B 47 29.03 6.69 0.07
CA SER B 47 28.03 6.10 -0.80
C SER B 47 27.60 4.75 -0.28
N VAL B 48 26.30 4.47 -0.35
CA VAL B 48 25.75 3.16 -0.06
C VAL B 48 25.03 2.60 -1.27
N ARG B 49 25.29 3.15 -2.45
CA ARG B 49 24.61 2.73 -3.67
C ARG B 49 24.84 1.25 -3.94
N GLY B 50 23.75 0.49 -4.05
CA GLY B 50 23.86 -0.92 -4.30
C GLY B 50 24.54 -1.71 -3.22
N GLU B 51 24.63 -1.17 -2.00
CA GLU B 51 25.29 -1.81 -0.89
C GLU B 51 24.27 -2.53 -0.01
N ASP B 52 24.77 -3.50 0.75
CA ASP B 52 23.98 -4.23 1.73
C ASP B 52 24.23 -3.55 3.07
N VAL B 53 23.32 -2.67 3.48
CA VAL B 53 23.52 -1.78 4.60
C VAL B 53 22.93 -2.41 5.85
N TYR B 54 23.73 -2.48 6.91
CA TYR B 54 23.27 -2.93 8.22
C TYR B 54 23.46 -1.77 9.19
N ILE B 55 22.37 -1.35 9.81
CA ILE B 55 22.38 -0.25 10.78
C ILE B 55 22.15 -0.84 12.16
N VAL B 56 23.12 -0.67 13.04
CA VAL B 56 23.06 -1.19 14.40
C VAL B 56 22.55 -0.08 15.31
N GLN B 57 21.43 -0.33 15.96
CA GLN B 57 20.84 0.65 16.88
C GLN B 57 19.98 -0.11 17.87
N SER B 58 20.36 -0.10 19.13
CA SER B 58 19.61 -0.78 20.16
C SER B 58 18.55 0.15 20.74
N GLY B 59 17.47 -0.44 21.22
CA GLY B 59 16.47 0.35 21.92
C GLY B 59 16.88 0.50 23.37
N CYS B 60 17.55 1.61 23.67
CA CYS B 60 18.11 1.84 24.99
C CYS B 60 18.51 3.30 25.05
N GLY B 61 18.90 3.74 26.25
CA GLY B 61 19.27 5.14 26.43
C GLY B 61 18.11 6.05 26.09
N GLU B 62 18.39 7.06 25.28
CA GLU B 62 17.37 7.98 24.81
C GLU B 62 16.56 7.25 23.74
N ILE B 63 15.49 6.59 24.19
CA ILE B 63 14.80 5.61 23.34
C ILE B 63 14.25 6.26 22.08
N ASN B 64 13.51 7.35 22.24
CA ASN B 64 12.87 7.97 21.09
C ASN B 64 13.91 8.65 20.20
N ASP B 65 14.92 9.26 20.81
CA ASP B 65 16.06 9.79 20.08
C ASP B 65 16.69 8.72 19.20
N ASN B 66 16.98 7.56 19.80
CA ASN B 66 17.65 6.49 19.08
C ASN B 66 16.78 5.90 17.98
N LEU B 67 15.49 5.72 18.26
CA LEU B 67 14.58 5.17 17.25
C LEU B 67 14.43 6.12 16.08
N MET B 68 14.32 7.42 16.36
CA MET B 68 14.25 8.39 15.27
C MET B 68 15.54 8.41 14.47
N GLU B 69 16.68 8.31 15.15
CA GLU B 69 17.97 8.21 14.48
C GLU B 69 17.98 7.01 13.54
N LEU B 70 17.53 5.86 14.03
CA LEU B 70 17.50 4.65 13.21
C LEU B 70 16.58 4.80 12.01
N LEU B 71 15.40 5.37 12.21
CA LEU B 71 14.47 5.55 11.10
C LEU B 71 15.03 6.50 10.05
N ILE B 72 15.64 7.61 10.50
CA ILE B 72 16.20 8.57 9.56
C ILE B 72 17.37 7.94 8.79
N MET B 73 18.21 7.17 9.47
CA MET B 73 19.31 6.51 8.79
C MET B 73 18.82 5.46 7.79
N ILE B 74 17.79 4.71 8.15
CA ILE B 74 17.20 3.75 7.21
C ILE B 74 16.67 4.46 5.98
N ASN B 75 15.93 5.55 6.19
CA ASN B 75 15.35 6.26 5.06
C ASN B 75 16.43 6.89 4.19
N ALA B 76 17.47 7.44 4.81
CA ALA B 76 18.56 8.02 4.04
C ALA B 76 19.25 6.96 3.20
N CYS B 77 19.48 5.77 3.77
CA CYS B 77 20.11 4.70 3.01
C CYS B 77 19.21 4.25 1.87
N LYS B 78 17.90 4.15 2.11
CA LYS B 78 16.98 3.74 1.04
C LYS B 78 16.96 4.76 -0.10
N ILE B 79 16.84 6.04 0.24
CA ILE B 79 16.83 7.07 -0.80
C ILE B 79 18.20 7.17 -1.46
N ALA B 80 19.26 6.82 -0.75
CA ALA B 80 20.60 6.77 -1.33
C ALA B 80 20.83 5.49 -2.14
N SER B 81 19.76 4.76 -2.46
CA SER B 81 19.80 3.65 -3.40
C SER B 81 20.63 2.47 -2.87
N ALA B 82 20.53 2.22 -1.57
CA ALA B 82 21.11 1.00 -1.02
C ALA B 82 20.38 -0.21 -1.58
N SER B 83 21.14 -1.28 -1.84
CA SER B 83 20.54 -2.51 -2.34
C SER B 83 19.57 -3.10 -1.33
N ARG B 84 19.96 -3.08 -0.05
CA ARG B 84 19.14 -3.63 1.02
C ARG B 84 19.53 -2.94 2.31
N VAL B 85 18.53 -2.61 3.12
CA VAL B 85 18.75 -1.96 4.41
C VAL B 85 18.23 -2.88 5.50
N THR B 86 19.11 -3.25 6.42
CA THR B 86 18.77 -4.12 7.54
C THR B 86 18.94 -3.34 8.83
N ALA B 87 17.93 -3.36 9.67
CA ALA B 87 18.00 -2.74 10.98
C ALA B 87 18.42 -3.81 11.99
N VAL B 88 19.63 -3.68 12.52
CA VAL B 88 20.11 -4.57 13.58
C VAL B 88 19.74 -3.91 14.90
N ILE B 89 18.68 -4.39 15.52
CA ILE B 89 18.15 -3.79 16.75
C ILE B 89 18.29 -4.81 17.86
N PRO B 90 19.42 -4.85 18.57
CA PRO B 90 19.63 -5.89 19.58
C PRO B 90 18.54 -5.95 20.64
N CYS B 91 18.06 -4.80 21.11
CA CYS B 91 16.94 -4.73 22.04
C CYS B 91 15.83 -3.93 21.37
N PHE B 92 14.75 -4.60 21.02
CA PHE B 92 13.68 -3.96 20.26
C PHE B 92 12.93 -2.97 21.14
N PRO B 93 12.85 -1.70 20.77
CA PRO B 93 12.14 -0.73 21.61
C PRO B 93 10.64 -0.96 21.56
N TYR B 94 9.97 -0.60 22.66
CA TYR B 94 8.52 -0.72 22.81
C TYR B 94 8.03 -2.15 22.67
N ALA B 95 8.92 -3.13 22.86
CA ALA B 95 8.55 -4.52 22.68
C ALA B 95 7.53 -4.97 23.71
N ARG B 96 7.54 -4.36 24.90
CA ARG B 96 6.59 -4.72 25.93
C ARG B 96 5.18 -4.20 25.66
N GLN B 97 5.02 -3.29 24.71
CA GLN B 97 3.71 -2.81 24.30
C GLN B 97 3.28 -3.55 23.04
N ASP B 98 3.03 -4.86 23.21
CA ASP B 98 2.83 -5.79 22.12
C ASP B 98 1.40 -6.25 21.97
N LYS B 99 0.47 -5.67 22.73
CA LYS B 99 -0.92 -6.09 22.68
C LYS B 99 -1.78 -4.98 23.25
N LYS B 100 -3.07 -5.07 23.00
CA LYS B 100 -4.06 -4.14 23.55
C LYS B 100 -4.90 -4.92 24.55
N ASP B 101 -4.45 -4.93 25.80
CA ASP B 101 -5.20 -5.54 26.90
C ASP B 101 -5.80 -4.49 27.82
N LYS B 102 -5.84 -3.23 27.37
CA LYS B 102 -6.47 -2.15 28.10
C LYS B 102 -7.25 -1.31 27.10
N SER B 103 -8.28 -0.62 27.60
CA SER B 103 -9.03 0.29 26.75
C SER B 103 -8.13 1.40 26.24
N ARG B 104 -8.22 1.68 24.94
CA ARG B 104 -7.51 2.77 24.28
C ARG B 104 -6.00 2.59 24.30
N ALA B 105 -5.51 1.42 24.68
CA ALA B 105 -4.07 1.20 24.75
C ALA B 105 -3.48 1.06 23.35
N PRO B 106 -2.37 1.74 23.07
CA PRO B 106 -1.69 1.55 21.80
C PRO B 106 -0.90 0.26 21.79
N ILE B 107 -0.73 -0.31 20.61
CA ILE B 107 0.22 -1.39 20.39
C ILE B 107 1.47 -0.71 19.84
N SER B 108 2.32 -0.23 20.74
CA SER B 108 3.46 0.58 20.33
C SER B 108 4.49 -0.23 19.57
N ALA B 109 4.62 -1.52 19.87
CA ALA B 109 5.53 -2.38 19.11
C ALA B 109 5.10 -2.45 17.65
N LYS B 110 3.80 -2.59 17.41
CA LYS B 110 3.30 -2.60 16.04
C LYS B 110 3.54 -1.26 15.35
N LEU B 111 3.36 -0.16 16.08
CA LEU B 111 3.65 1.15 15.50
C LEU B 111 5.11 1.28 15.13
N VAL B 112 6.01 0.81 16.00
CA VAL B 112 7.43 0.85 15.70
C VAL B 112 7.75 0.00 14.49
N ALA B 113 7.14 -1.18 14.39
CA ALA B 113 7.32 -2.02 13.22
C ALA B 113 6.86 -1.33 11.95
N ASN B 114 5.70 -0.69 12.00
CA ASN B 114 5.18 0.03 10.84
C ASN B 114 6.10 1.19 10.47
N MET B 115 6.62 1.90 11.46
CA MET B 115 7.54 3.00 11.20
C MET B 115 8.83 2.50 10.55
N LEU B 116 9.36 1.37 11.03
CA LEU B 116 10.54 0.79 10.41
C LEU B 116 10.26 0.35 8.98
N SER B 117 9.07 -0.22 8.75
CA SER B 117 8.71 -0.65 7.40
C SER B 117 8.58 0.54 6.46
N VAL B 118 7.96 1.63 6.91
CA VAL B 118 7.77 2.79 6.04
C VAL B 118 9.07 3.56 5.86
N ALA B 119 9.99 3.46 6.82
CA ALA B 119 11.32 4.04 6.61
C ALA B 119 12.08 3.30 5.53
N GLY B 120 11.75 2.04 5.27
CA GLY B 120 12.34 1.32 4.17
C GLY B 120 13.19 0.13 4.56
N ALA B 121 13.07 -0.31 5.81
CA ALA B 121 13.81 -1.49 6.24
C ALA B 121 13.34 -2.71 5.47
N ASP B 122 14.29 -3.51 4.99
CA ASP B 122 14.00 -4.75 4.29
C ASP B 122 14.20 -5.98 5.15
N HIS B 123 14.84 -5.83 6.30
CA HIS B 123 15.22 -6.95 7.14
C HIS B 123 15.47 -6.44 8.55
N ILE B 124 15.05 -7.20 9.55
CA ILE B 124 15.27 -6.87 10.94
C ILE B 124 16.03 -8.01 11.59
N ILE B 125 17.10 -7.67 12.30
CA ILE B 125 17.85 -8.62 13.11
C ILE B 125 17.78 -8.13 14.55
N THR B 126 17.28 -8.97 15.43
CA THR B 126 17.08 -8.61 16.82
C THR B 126 17.37 -9.82 17.69
N MET B 127 17.56 -9.58 18.98
CA MET B 127 17.86 -10.64 19.93
C MET B 127 16.78 -10.69 21.01
N ASP B 128 16.21 -11.88 21.20
CA ASP B 128 15.30 -12.18 22.31
C ASP B 128 14.20 -11.13 22.43
N LEU B 129 13.35 -11.09 21.41
CA LEU B 129 12.16 -10.25 21.45
C LEU B 129 11.34 -10.56 22.68
N HIS B 130 10.83 -9.51 23.33
CA HIS B 130 9.99 -9.72 24.50
C HIS B 130 8.82 -10.63 24.18
N ALA B 131 8.25 -10.48 22.99
CA ALA B 131 7.28 -11.43 22.45
C ALA B 131 7.75 -11.82 21.06
N SER B 132 7.90 -13.13 20.83
CA SER B 132 8.36 -13.60 19.52
C SER B 132 7.36 -13.26 18.41
N GLN B 133 6.09 -13.04 18.77
CA GLN B 133 5.08 -12.68 17.78
C GLN B 133 5.36 -11.32 17.15
N ILE B 134 6.26 -10.53 17.74
CA ILE B 134 6.67 -9.27 17.13
C ILE B 134 7.25 -9.51 15.74
N GLN B 135 7.81 -10.71 15.49
CA GLN B 135 8.18 -11.09 14.14
C GLN B 135 7.03 -10.92 13.16
N GLY B 136 5.82 -11.23 13.62
CA GLY B 136 4.62 -11.07 12.82
C GLY B 136 4.12 -9.65 12.68
N PHE B 137 4.74 -8.71 13.38
CA PHE B 137 4.36 -7.31 13.22
C PHE B 137 4.92 -6.70 11.93
N PHE B 138 5.87 -7.37 11.29
CA PHE B 138 6.44 -6.95 10.03
C PHE B 138 5.95 -7.84 8.91
N ASP B 139 6.07 -7.34 7.68
CA ASP B 139 5.92 -8.15 6.47
C ASP B 139 7.26 -8.48 5.84
N ILE B 140 8.36 -8.16 6.53
CA ILE B 140 9.71 -8.46 6.06
C ILE B 140 10.28 -9.53 6.96
N PRO B 141 11.33 -10.25 6.56
CA PRO B 141 11.94 -11.23 7.47
C PRO B 141 12.48 -10.56 8.72
N VAL B 142 12.26 -11.20 9.86
CA VAL B 142 12.72 -10.72 11.15
C VAL B 142 13.48 -11.84 11.82
N ASP B 143 14.76 -11.62 12.07
CA ASP B 143 15.59 -12.60 12.76
C ASP B 143 15.52 -12.35 14.25
N ASN B 144 14.97 -13.31 14.99
CA ASN B 144 14.85 -13.22 16.44
C ASN B 144 15.89 -14.16 17.03
N LEU B 145 17.10 -13.65 17.21
CA LEU B 145 18.19 -14.46 17.73
C LEU B 145 18.03 -14.70 19.23
N TYR B 146 18.51 -15.84 19.69
CA TYR B 146 18.44 -16.21 21.09
C TYR B 146 19.80 -16.01 21.75
N ALA B 147 19.78 -15.47 22.97
CA ALA B 147 20.97 -15.48 23.81
C ALA B 147 21.06 -16.77 24.63
N GLU B 148 20.13 -17.69 24.44
CA GLU B 148 20.10 -18.90 25.26
C GLU B 148 21.36 -19.75 25.15
N PRO B 149 21.95 -20.00 23.97
CA PRO B 149 23.21 -20.76 23.96
C PRO B 149 24.32 -20.09 24.75
N ALA B 150 24.37 -18.75 24.70
CA ALA B 150 25.40 -17.99 25.46
C ALA B 150 25.12 -18.08 26.96
N VAL B 151 23.84 -18.07 27.34
CA VAL B 151 23.45 -18.15 28.79
C VAL B 151 23.89 -19.53 29.32
N LEU B 152 23.57 -20.60 28.60
CA LEU B 152 23.91 -21.95 29.01
C LEU B 152 25.42 -22.11 29.16
N LYS B 153 26.19 -21.52 28.24
CA LYS B 153 27.64 -21.55 28.35
C LYS B 153 28.10 -20.87 29.64
N TRP B 154 27.54 -19.69 29.93
CA TRP B 154 27.91 -18.99 31.16
C TRP B 154 27.56 -19.80 32.40
N ILE B 155 26.38 -20.41 32.40
CA ILE B 155 25.96 -21.20 33.56
C ILE B 155 26.91 -22.37 33.78
N ARG B 156 27.21 -23.11 32.71
CA ARG B 156 28.09 -24.27 32.84
C ARG B 156 29.51 -23.88 33.20
N GLU B 157 29.96 -22.68 32.85
CA GLU B 157 31.32 -22.29 33.15
C GLU B 157 31.50 -21.50 34.45
N ASN B 158 30.42 -20.94 35.02
CA ASN B 158 30.55 -20.03 36.14
C ASN B 158 29.83 -20.47 37.41
N ILE B 159 28.96 -21.46 37.33
CA ILE B 159 28.22 -21.96 38.50
C ILE B 159 28.63 -23.40 38.71
N SER B 160 29.35 -23.66 39.79
CA SER B 160 29.92 -24.99 40.01
C SER B 160 28.84 -26.04 40.21
N GLU B 161 27.78 -25.71 40.93
CA GLU B 161 26.69 -26.63 41.23
C GLU B 161 25.52 -26.45 40.29
N TRP B 162 25.79 -26.17 39.01
CA TRP B 162 24.71 -25.92 38.06
C TRP B 162 23.88 -27.17 37.81
N ARG B 163 24.46 -28.36 37.97
CA ARG B 163 23.71 -29.59 37.74
C ARG B 163 22.67 -29.84 38.82
N ASN B 164 22.80 -29.22 39.98
CA ASN B 164 21.79 -29.33 41.04
C ASN B 164 21.02 -28.04 41.23
N CYS B 165 21.17 -27.08 40.32
CA CYS B 165 20.48 -25.81 40.45
C CYS B 165 19.04 -25.93 40.00
N THR B 166 18.28 -24.88 40.26
CA THR B 166 16.92 -24.75 39.76
C THR B 166 16.80 -23.40 39.06
N ILE B 167 16.28 -23.42 37.84
CA ILE B 167 16.10 -22.20 37.07
C ILE B 167 14.73 -21.63 37.42
N VAL B 168 14.68 -20.37 37.80
CA VAL B 168 13.47 -19.75 38.35
C VAL B 168 12.97 -18.68 37.40
N SER B 169 11.68 -18.76 37.08
CA SER B 169 11.03 -17.68 36.36
C SER B 169 10.57 -16.60 37.33
N PRO B 170 10.96 -15.33 37.11
CA PRO B 170 10.52 -14.26 38.01
C PRO B 170 9.06 -13.86 37.82
N ASP B 171 8.41 -14.27 36.73
CA ASP B 171 6.99 -14.03 36.53
C ASP B 171 6.40 -15.16 35.69
N ALA B 172 5.09 -15.11 35.49
CA ALA B 172 4.42 -16.16 34.72
C ALA B 172 4.84 -16.13 33.26
N GLY B 173 5.12 -14.95 32.71
CA GLY B 173 5.46 -14.84 31.30
C GLY B 173 6.80 -15.44 30.92
N GLY B 174 7.70 -15.60 31.88
CA GLY B 174 8.99 -16.19 31.61
C GLY B 174 9.04 -17.70 31.65
N ALA B 175 7.89 -18.35 31.83
CA ALA B 175 7.86 -19.78 32.06
C ALA B 175 8.46 -20.57 30.91
N LYS B 176 8.16 -20.17 29.67
CA LYS B 176 8.67 -20.90 28.51
C LYS B 176 10.20 -20.83 28.45
N ARG B 177 10.75 -19.64 28.67
CA ARG B 177 12.20 -19.46 28.65
C ARG B 177 12.87 -20.29 29.73
N VAL B 178 12.31 -20.25 30.94
CA VAL B 178 12.88 -21.02 32.05
C VAL B 178 12.76 -22.52 31.82
N THR B 179 11.63 -22.98 31.29
CA THR B 179 11.49 -24.41 31.05
C THR B 179 12.46 -24.86 29.95
N SER B 180 12.65 -24.05 28.92
CA SER B 180 13.61 -24.38 27.89
C SER B 180 15.02 -24.50 28.45
N ILE B 181 15.42 -23.53 29.29
CA ILE B 181 16.76 -23.56 29.86
C ILE B 181 16.93 -24.75 30.79
N ALA B 182 15.91 -25.03 31.60
CA ALA B 182 15.98 -26.17 32.53
C ALA B 182 16.05 -27.49 31.78
N ASP B 183 15.31 -27.61 30.68
CA ASP B 183 15.42 -28.79 29.83
C ASP B 183 16.81 -28.95 29.25
N ARG B 184 17.39 -27.86 28.74
CA ARG B 184 18.73 -27.95 28.17
C ARG B 184 19.77 -28.29 29.22
N LEU B 185 19.59 -27.82 30.45
CA LEU B 185 20.52 -28.14 31.53
C LEU B 185 20.14 -29.41 32.28
N ASN B 186 18.98 -29.99 32.00
CA ASN B 186 18.45 -31.15 32.72
C ASN B 186 18.42 -30.89 34.22
N VAL B 187 17.80 -29.77 34.59
CA VAL B 187 17.69 -29.36 35.98
C VAL B 187 16.23 -29.04 36.28
N ASP B 188 15.94 -28.88 37.56
CA ASP B 188 14.61 -28.48 37.99
C ASP B 188 14.35 -27.03 37.63
N PHE B 189 13.08 -26.66 37.60
CA PHE B 189 12.69 -25.27 37.42
C PHE B 189 11.63 -24.91 38.44
N ALA B 190 11.53 -23.61 38.70
CA ALA B 190 10.51 -23.07 39.58
C ALA B 190 9.96 -21.79 38.95
N LEU B 191 8.79 -21.39 39.41
CA LEU B 191 8.16 -20.17 38.92
C LEU B 191 7.73 -19.32 40.10
N ILE B 192 7.94 -18.03 39.98
CA ILE B 192 7.53 -17.06 41.00
C ILE B 192 6.51 -16.13 40.36
N HIS B 193 5.39 -15.92 41.04
CA HIS B 193 4.34 -15.05 40.55
C HIS B 193 4.04 -14.00 41.60
N LYS B 194 4.01 -12.74 41.18
CA LYS B 194 3.50 -11.66 42.02
C LYS B 194 2.02 -11.49 41.72
N GLU B 195 1.16 -11.76 42.70
CA GLU B 195 -0.26 -11.74 42.39
C GLU B 195 -0.76 -10.31 42.20
N ARG B 196 -1.89 -10.20 41.53
CA ARG B 196 -2.35 -8.91 41.03
C ARG B 196 -2.72 -7.98 42.18
N LYS B 197 -2.46 -6.69 41.97
CA LYS B 197 -2.64 -5.66 42.99
C LYS B 197 -4.10 -5.23 42.99
N LYS B 198 -4.91 -5.95 43.78
CA LYS B 198 -6.33 -5.61 43.85
C LYS B 198 -6.56 -4.36 44.69
N ALA B 199 -5.70 -4.12 45.68
CA ALA B 199 -5.81 -2.94 46.53
C ALA B 199 -4.41 -2.53 46.95
N ASN B 200 -4.30 -1.71 47.99
CA ASN B 200 -3.03 -1.15 48.42
C ASN B 200 -2.38 -1.93 49.55
N GLU B 201 -2.62 -3.24 49.64
CA GLU B 201 -1.93 -4.03 50.65
C GLU B 201 -0.52 -4.40 50.16
N VAL B 202 0.15 -5.25 50.95
CA VAL B 202 1.52 -5.62 50.62
C VAL B 202 1.55 -6.53 49.41
N ASP B 203 2.47 -6.24 48.49
CA ASP B 203 2.75 -7.15 47.39
C ASP B 203 3.29 -8.46 47.95
N ARG B 204 2.64 -9.57 47.60
CA ARG B 204 3.07 -10.88 48.06
C ARG B 204 3.35 -11.77 46.85
N MET B 205 4.38 -12.58 46.98
CA MET B 205 4.86 -13.41 45.88
C MET B 205 4.65 -14.87 46.21
N VAL B 206 4.10 -15.62 45.27
CA VAL B 206 3.91 -17.05 45.41
C VAL B 206 4.97 -17.77 44.59
N LEU B 207 5.56 -18.79 45.19
CA LEU B 207 6.57 -19.62 44.53
C LEU B 207 6.01 -21.02 44.35
N VAL B 208 6.07 -21.51 43.12
CA VAL B 208 5.72 -22.90 42.81
C VAL B 208 7.00 -23.61 42.38
N GLY B 209 7.31 -24.71 43.04
CA GLY B 209 8.57 -25.40 42.85
C GLY B 209 9.43 -25.33 44.09
N ASP B 210 10.44 -26.21 44.12
CA ASP B 210 11.30 -26.38 45.28
C ASP B 210 12.66 -25.77 44.99
N VAL B 211 13.06 -24.81 45.81
CA VAL B 211 14.37 -24.18 45.69
C VAL B 211 15.18 -24.29 46.98
N LYS B 212 14.70 -25.06 47.95
CA LYS B 212 15.34 -25.11 49.26
C LYS B 212 16.71 -25.77 49.17
N ASP B 213 17.71 -25.10 49.75
CA ASP B 213 19.09 -25.60 49.83
C ASP B 213 19.70 -25.85 48.46
N ARG B 214 19.21 -25.14 47.45
CA ARG B 214 19.76 -25.24 46.11
C ARG B 214 20.08 -23.85 45.59
N VAL B 215 21.01 -23.81 44.65
CA VAL B 215 21.28 -22.57 43.94
C VAL B 215 20.12 -22.26 43.01
N ALA B 216 19.62 -21.04 43.07
CA ALA B 216 18.52 -20.59 42.22
C ALA B 216 19.07 -19.64 41.18
N ILE B 217 18.75 -19.90 39.92
CA ILE B 217 19.14 -19.03 38.82
C ILE B 217 17.87 -18.38 38.28
N LEU B 218 17.76 -17.07 38.47
CA LEU B 218 16.66 -16.32 37.87
C LEU B 218 17.00 -16.02 36.42
N VAL B 219 16.14 -16.43 35.50
CA VAL B 219 16.32 -16.17 34.09
C VAL B 219 15.10 -15.42 33.58
N ASP B 220 15.34 -14.27 32.96
CA ASP B 220 14.28 -13.47 32.38
C ASP B 220 14.81 -12.80 31.12
N ASP B 221 13.90 -12.25 30.33
CA ASP B 221 14.30 -11.59 29.09
C ASP B 221 14.91 -10.22 29.35
N MET B 222 14.52 -9.53 30.42
CA MET B 222 15.04 -8.20 30.65
C MET B 222 14.88 -7.83 32.12
N ALA B 223 15.69 -6.88 32.56
CA ALA B 223 15.59 -6.29 33.88
C ALA B 223 15.61 -4.78 33.71
N ASP B 224 14.43 -4.16 33.72
CA ASP B 224 14.33 -2.71 33.51
C ASP B 224 14.58 -1.96 34.83
N THR B 225 13.66 -2.11 35.78
CA THR B 225 13.83 -1.53 37.10
C THR B 225 14.34 -2.52 38.12
N CYS B 226 14.43 -3.79 37.74
CA CYS B 226 14.87 -4.89 38.59
C CYS B 226 13.92 -5.14 39.75
N GLY B 227 12.71 -4.58 39.69
CA GLY B 227 11.71 -4.93 40.70
C GLY B 227 11.34 -6.40 40.65
N THR B 228 11.18 -6.92 39.44
CA THR B 228 10.82 -8.34 39.27
C THR B 228 11.90 -9.25 39.84
N ILE B 229 13.15 -9.05 39.42
CA ILE B 229 14.21 -9.94 39.87
C ILE B 229 14.54 -9.72 41.34
N CYS B 230 14.47 -8.48 41.83
CA CYS B 230 14.76 -8.26 43.24
C CYS B 230 13.70 -8.88 44.14
N HIS B 231 12.42 -8.69 43.81
CA HIS B 231 11.36 -9.32 44.58
C HIS B 231 11.47 -10.85 44.51
N ALA B 232 11.77 -11.38 43.32
CA ALA B 232 11.96 -12.81 43.19
C ALA B 232 13.13 -13.29 44.03
N ALA B 233 14.20 -12.49 44.12
CA ALA B 233 15.36 -12.88 44.90
C ALA B 233 15.04 -12.91 46.39
N ASP B 234 14.30 -11.92 46.88
CA ASP B 234 13.87 -11.97 48.28
C ASP B 234 13.00 -13.19 48.53
N LYS B 235 12.08 -13.49 47.62
CA LYS B 235 11.25 -14.67 47.79
C LYS B 235 12.08 -15.94 47.79
N LEU B 236 13.06 -16.03 46.89
CA LEU B 236 13.89 -17.23 46.80
C LEU B 236 14.72 -17.44 48.06
N LEU B 237 15.31 -16.37 48.60
CA LEU B 237 16.03 -16.53 49.86
C LEU B 237 15.10 -16.90 50.99
N SER B 238 13.91 -16.29 51.04
CA SER B 238 12.94 -16.64 52.06
C SER B 238 12.50 -18.09 51.95
N ALA B 239 12.59 -18.66 50.74
CA ALA B 239 12.20 -20.04 50.51
C ALA B 239 13.34 -21.03 50.73
N GLY B 240 14.51 -20.56 51.12
CA GLY B 240 15.61 -21.45 51.44
C GLY B 240 16.64 -21.65 50.36
N ALA B 241 16.67 -20.83 49.32
CA ALA B 241 17.71 -20.92 48.32
C ALA B 241 19.06 -20.54 48.93
N THR B 242 20.11 -21.29 48.58
CA THR B 242 21.43 -20.99 49.11
C THR B 242 22.02 -19.75 48.45
N ARG B 243 22.12 -19.77 47.12
CA ARG B 243 22.61 -18.63 46.37
C ARG B 243 21.61 -18.31 45.26
N VAL B 244 21.55 -17.05 44.88
CA VAL B 244 20.61 -16.59 43.85
C VAL B 244 21.40 -15.86 42.77
N TYR B 245 21.27 -16.31 41.54
CA TYR B 245 21.80 -15.64 40.38
C TYR B 245 20.66 -15.05 39.56
N ALA B 246 20.96 -13.99 38.83
CA ALA B 246 20.03 -13.41 37.88
C ALA B 246 20.72 -13.32 36.53
N ILE B 247 20.11 -13.92 35.51
CA ILE B 247 20.63 -13.86 34.16
C ILE B 247 19.55 -13.28 33.26
N LEU B 248 19.88 -12.17 32.60
CA LEU B 248 18.99 -11.50 31.67
C LEU B 248 19.70 -11.40 30.33
N THR B 249 18.93 -11.20 29.27
CA THR B 249 19.60 -10.85 28.03
C THR B 249 19.67 -9.35 27.82
N HIS B 250 18.65 -8.61 28.23
CA HIS B 250 18.64 -7.15 28.11
C HIS B 250 18.77 -6.53 29.49
N GLY B 251 19.92 -5.94 29.77
CA GLY B 251 20.08 -5.19 31.00
C GLY B 251 19.76 -3.72 30.77
N ILE B 252 18.52 -3.33 31.05
CA ILE B 252 18.14 -1.93 30.89
C ILE B 252 18.59 -1.13 32.10
N PHE B 253 18.32 -1.64 33.29
CA PHE B 253 18.81 -1.06 34.55
C PHE B 253 18.45 0.42 34.67
N SER B 254 17.23 0.75 34.28
CA SER B 254 16.76 2.13 34.40
C SER B 254 16.30 2.42 35.83
N GLY B 255 16.27 3.70 36.16
CA GLY B 255 15.76 4.15 37.44
C GLY B 255 16.52 3.63 38.63
N PRO B 256 15.80 3.01 39.57
CA PRO B 256 16.40 2.55 40.82
C PRO B 256 17.05 1.18 40.73
N ALA B 257 17.31 0.67 39.54
CA ALA B 257 17.77 -0.71 39.39
C ALA B 257 19.13 -0.95 40.04
N ILE B 258 20.05 0.01 39.88
CA ILE B 258 21.41 -0.20 40.38
C ILE B 258 21.40 -0.26 41.91
N SER B 259 20.68 0.66 42.55
CA SER B 259 20.58 0.62 44.00
C SER B 259 19.86 -0.63 44.47
N ARG B 260 18.84 -1.07 43.72
CA ARG B 260 18.11 -2.29 44.06
C ARG B 260 19.04 -3.50 44.03
N ILE B 261 19.86 -3.61 42.98
CA ILE B 261 20.76 -4.75 42.85
C ILE B 261 21.85 -4.70 43.91
N ASN B 262 22.40 -3.52 44.16
CA ASN B 262 23.45 -3.40 45.16
C ASN B 262 22.96 -3.78 46.54
N ASN B 263 21.68 -3.57 46.82
CA ASN B 263 21.08 -3.94 48.10
C ASN B 263 20.41 -5.30 48.07
N ALA B 264 20.48 -6.01 46.95
CA ALA B 264 19.91 -7.35 46.85
C ALA B 264 20.96 -8.38 47.22
N CYS B 265 20.58 -9.65 47.09
CA CYS B 265 21.40 -10.78 47.54
C CYS B 265 22.00 -11.55 46.37
N PHE B 266 22.04 -10.95 45.19
CA PHE B 266 22.46 -11.68 44.00
C PHE B 266 23.94 -12.05 44.09
N GLU B 267 24.25 -13.30 43.74
CA GLU B 267 25.64 -13.67 43.56
C GLU B 267 26.23 -12.95 42.35
N ALA B 268 25.46 -12.85 41.28
CA ALA B 268 25.86 -12.13 40.08
C ALA B 268 24.61 -11.80 39.28
N VAL B 269 24.61 -10.64 38.64
CA VAL B 269 23.57 -10.26 37.68
C VAL B 269 24.24 -10.29 36.32
N VAL B 270 23.80 -11.21 35.46
CA VAL B 270 24.44 -11.46 34.18
C VAL B 270 23.52 -10.96 33.09
N VAL B 271 24.05 -10.09 32.23
CA VAL B 271 23.31 -9.56 31.09
C VAL B 271 24.19 -9.68 29.86
N THR B 272 23.56 -9.65 28.70
CA THR B 272 24.32 -9.50 27.47
C THR B 272 24.61 -8.03 27.21
N ASN B 273 25.43 -7.77 26.20
CA ASN B 273 25.72 -6.40 25.80
C ASN B 273 24.85 -5.92 24.65
N THR B 274 23.60 -6.40 24.59
CA THR B 274 22.63 -5.79 23.68
C THR B 274 22.38 -4.33 24.04
N ILE B 275 22.62 -3.96 25.29
CA ILE B 275 22.55 -2.58 25.76
C ILE B 275 23.92 -2.28 26.36
N PRO B 276 24.47 -1.08 26.17
CA PRO B 276 25.76 -0.77 26.79
C PRO B 276 25.67 -0.86 28.30
N GLN B 277 26.66 -1.53 28.90
CA GLN B 277 26.68 -1.78 30.33
C GLN B 277 27.85 -1.14 31.04
N GLU B 278 28.71 -0.41 30.33
CA GLU B 278 29.93 0.13 30.93
C GLU B 278 29.60 1.01 32.12
N ASP B 279 28.63 1.91 31.97
CA ASP B 279 28.23 2.78 33.07
C ASP B 279 27.62 1.99 34.22
N LYS B 280 26.80 1.00 33.90
CA LYS B 280 26.15 0.21 34.93
C LYS B 280 27.15 -0.59 35.75
N MET B 281 28.16 -1.17 35.09
CA MET B 281 29.15 -1.98 35.81
C MET B 281 29.99 -1.12 36.75
N LYS B 282 30.15 0.17 36.45
CA LYS B 282 30.96 1.01 37.32
C LYS B 282 30.30 1.26 38.67
N HIS B 283 28.98 1.17 38.75
CA HIS B 283 28.26 1.40 40.00
C HIS B 283 27.71 0.13 40.62
N CYS B 284 27.82 -1.02 39.95
CA CYS B 284 27.33 -2.28 40.49
C CYS B 284 28.33 -3.37 40.13
N SER B 285 29.11 -3.82 41.12
CA SER B 285 30.08 -4.87 40.88
C SER B 285 29.44 -6.22 40.57
N LYS B 286 28.18 -6.40 40.95
CA LYS B 286 27.50 -7.68 40.71
C LYS B 286 27.24 -7.93 39.23
N ILE B 287 27.21 -6.89 38.41
CA ILE B 287 26.86 -7.04 37.00
C ILE B 287 28.04 -7.63 36.23
N GLN B 288 27.77 -8.70 35.48
CA GLN B 288 28.70 -9.26 34.53
C GLN B 288 28.04 -9.32 33.16
N VAL B 289 28.85 -9.25 32.11
CA VAL B 289 28.35 -9.07 30.76
C VAL B 289 28.76 -10.25 29.90
N ILE B 290 27.80 -10.84 29.21
CA ILE B 290 28.06 -11.82 28.16
C ILE B 290 28.11 -11.07 26.84
N ASP B 291 29.23 -11.15 26.14
CA ASP B 291 29.34 -10.51 24.84
C ASP B 291 28.56 -11.34 23.83
N ILE B 292 27.61 -10.70 23.14
CA ILE B 292 26.86 -11.35 22.07
C ILE B 292 27.21 -10.76 20.72
N SER B 293 28.27 -9.96 20.64
CA SER B 293 28.66 -9.36 19.38
C SER B 293 29.02 -10.40 18.33
N MET B 294 29.55 -11.55 18.76
CA MET B 294 29.85 -12.60 17.80
C MET B 294 28.58 -13.19 17.21
N ILE B 295 27.52 -13.31 18.02
CA ILE B 295 26.24 -13.81 17.50
C ILE B 295 25.68 -12.85 16.46
N LEU B 296 25.68 -11.55 16.77
CA LEU B 296 25.15 -10.56 15.83
C LEU B 296 26.00 -10.49 14.58
N ALA B 297 27.33 -10.56 14.73
CA ALA B 297 28.21 -10.52 13.56
C ALA B 297 28.00 -11.73 12.67
N GLU B 298 27.87 -12.91 13.26
CA GLU B 298 27.60 -14.10 12.47
C GLU B 298 26.24 -14.00 11.79
N ALA B 299 25.24 -13.45 12.48
CA ALA B 299 23.93 -13.29 11.85
C ALA B 299 24.01 -12.36 10.65
N ILE B 300 24.73 -11.24 10.79
CA ILE B 300 24.87 -10.31 9.69
C ILE B 300 25.62 -10.95 8.53
N ARG B 301 26.71 -11.67 8.84
CA ARG B 301 27.51 -12.31 7.80
C ARG B 301 26.70 -13.36 7.05
N ARG B 302 25.93 -14.17 7.79
CA ARG B 302 25.12 -15.19 7.13
C ARG B 302 23.98 -14.59 6.34
N THR B 303 23.38 -13.51 6.83
CA THR B 303 22.36 -12.81 6.07
C THR B 303 22.93 -12.29 4.76
N HIS B 304 24.12 -11.70 4.82
CA HIS B 304 24.76 -11.20 3.60
C HIS B 304 25.10 -12.33 2.64
N ASN B 305 25.57 -13.45 3.16
CA ASN B 305 26.00 -14.57 2.33
C ASN B 305 24.86 -15.50 1.94
N GLY B 306 23.63 -15.22 2.39
CA GLY B 306 22.52 -16.09 2.08
C GLY B 306 22.63 -17.47 2.70
N ALA B 307 23.06 -17.53 3.96
CA ALA B 307 23.19 -18.77 4.70
C ALA B 307 22.25 -18.76 5.89
N SER B 308 21.87 -19.97 6.33
CA SER B 308 20.97 -20.11 7.46
C SER B 308 21.62 -19.62 8.74
N VAL B 309 20.81 -19.02 9.61
CA VAL B 309 21.27 -18.61 10.94
C VAL B 309 20.86 -19.63 12.00
N SER B 310 20.37 -20.79 11.60
CA SER B 310 19.94 -21.81 12.56
C SER B 310 21.09 -22.27 13.43
N TYR B 311 22.32 -22.21 12.91
CA TYR B 311 23.49 -22.61 13.69
C TYR B 311 23.62 -21.77 14.96
N LEU B 312 23.17 -20.51 14.91
CA LEU B 312 23.29 -19.62 16.05
C LEU B 312 22.38 -20.00 17.21
N PHE B 313 21.41 -20.87 16.99
CA PHE B 313 20.48 -21.27 18.04
C PHE B 313 20.94 -22.50 18.81
N SER B 314 22.07 -23.08 18.44
CA SER B 314 22.64 -24.22 19.15
C SER B 314 24.08 -24.00 19.58
N HIS B 315 24.77 -23.01 19.05
CA HIS B 315 26.18 -22.81 19.33
C HIS B 315 26.47 -21.32 19.50
N VAL B 316 27.50 -21.03 20.29
CA VAL B 316 28.03 -19.68 20.42
C VAL B 316 29.30 -19.60 19.59
N PRO B 317 29.33 -18.82 18.50
CA PRO B 317 30.51 -18.72 17.63
C PRO B 317 31.71 -18.06 18.29
N PRO C 2 -20.25 12.24 15.06
CA PRO C 2 -18.94 12.38 15.73
C PRO C 2 -18.77 13.72 16.42
N ASN C 3 -18.08 13.72 17.55
CA ASN C 3 -17.82 14.92 18.31
C ASN C 3 -16.34 15.26 18.28
N ILE C 4 -16.04 16.55 18.44
CA ILE C 4 -14.65 16.98 18.52
C ILE C 4 -14.05 16.49 19.84
N LYS C 5 -12.95 15.76 19.75
CA LYS C 5 -12.13 15.41 20.90
C LYS C 5 -10.76 16.02 20.70
N ILE C 6 -10.37 16.88 21.62
CA ILE C 6 -9.08 17.57 21.56
C ILE C 6 -8.16 16.92 22.58
N PHE C 7 -7.05 16.37 22.12
CA PHE C 7 -6.06 15.76 23.00
C PHE C 7 -4.75 16.54 22.88
N SER C 8 -4.10 16.74 24.02
CA SER C 8 -2.85 17.46 24.08
C SER C 8 -1.70 16.49 24.30
N GLY C 9 -0.63 16.66 23.52
CA GLY C 9 0.64 16.08 23.86
C GLY C 9 1.36 16.89 24.91
N SER C 10 2.58 16.46 25.23
CA SER C 10 3.35 17.14 26.26
C SER C 10 4.00 18.43 25.77
N SER C 11 4.02 18.66 24.46
CA SER C 11 4.81 19.76 23.92
C SER C 11 4.23 21.12 24.29
N HIS C 12 2.99 21.40 23.87
CA HIS C 12 2.38 22.72 24.05
C HIS C 12 0.98 22.53 24.62
N GLN C 13 0.91 22.35 25.95
CA GLN C 13 -0.38 22.09 26.57
C GLN C 13 -1.17 23.37 26.82
N ASP C 14 -0.47 24.50 26.99
CA ASP C 14 -1.17 25.78 27.13
C ASP C 14 -1.92 26.13 25.85
N LEU C 15 -1.28 25.90 24.69
CA LEU C 15 -1.97 26.15 23.42
C LEU C 15 -3.16 25.21 23.25
N SER C 16 -3.00 23.95 23.65
CA SER C 16 -4.11 23.01 23.57
C SER C 16 -5.26 23.47 24.46
N GLN C 17 -4.94 23.97 25.65
CA GLN C 17 -5.98 24.49 26.54
C GLN C 17 -6.68 25.68 25.91
N LYS C 18 -5.92 26.59 25.30
CA LYS C 18 -6.54 27.75 24.66
C LYS C 18 -7.46 27.32 23.52
N ILE C 19 -7.02 26.35 22.72
CA ILE C 19 -7.84 25.85 21.62
C ILE C 19 -9.13 25.23 22.17
N ALA C 20 -9.01 24.43 23.22
CA ALA C 20 -10.18 23.78 23.80
C ALA C 20 -11.15 24.81 24.38
N ASP C 21 -10.64 25.83 25.06
CA ASP C 21 -11.52 26.88 25.58
C ASP C 21 -12.22 27.62 24.45
N ARG C 22 -11.50 27.93 23.38
CA ARG C 22 -12.13 28.62 22.26
C ARG C 22 -13.16 27.74 21.57
N LEU C 23 -13.00 26.42 21.64
CA LEU C 23 -13.98 25.49 21.13
C LEU C 23 -15.06 25.15 22.14
N GLY C 24 -14.98 25.70 23.35
CA GLY C 24 -15.95 25.36 24.39
C GLY C 24 -15.89 23.91 24.81
N LEU C 25 -14.70 23.33 24.88
CA LEU C 25 -14.52 21.93 25.22
C LEU C 25 -13.48 21.79 26.32
N GLU C 26 -13.55 20.67 27.03
CA GLU C 26 -12.46 20.24 27.88
C GLU C 26 -11.51 19.37 27.10
N LEU C 27 -10.23 19.49 27.42
CA LEU C 27 -9.23 18.64 26.79
C LEU C 27 -9.53 17.18 27.11
N GLY C 28 -9.32 16.31 26.12
CA GLY C 28 -9.52 14.90 26.34
C GLY C 28 -8.55 14.37 27.39
N LYS C 29 -8.99 13.35 28.12
CA LYS C 29 -8.20 12.78 29.19
C LYS C 29 -7.09 11.92 28.58
N VAL C 30 -5.85 12.38 28.73
CA VAL C 30 -4.68 11.61 28.29
C VAL C 30 -3.60 11.74 29.34
N VAL C 31 -2.94 10.64 29.64
CA VAL C 31 -1.71 10.64 30.41
C VAL C 31 -0.57 10.40 29.44
N THR C 32 0.30 11.39 29.30
CA THR C 32 1.44 11.33 28.40
C THR C 32 2.69 11.45 29.25
N LYS C 33 3.28 10.32 29.60
CA LYS C 33 4.46 10.31 30.44
C LYS C 33 5.56 9.47 29.81
N LYS C 34 6.60 9.18 30.57
CA LYS C 34 7.66 8.29 30.14
C LYS C 34 7.76 7.09 31.07
N PHE C 35 7.90 5.91 30.47
CA PHE C 35 8.31 4.74 31.23
C PHE C 35 9.71 4.98 31.80
N SER C 36 10.12 4.08 32.71
CA SER C 36 11.42 4.24 33.36
C SER C 36 12.55 4.24 32.34
N ASN C 37 12.47 3.37 31.33
CA ASN C 37 13.50 3.29 30.30
C ASN C 37 13.36 4.36 29.23
N GLN C 38 12.60 5.42 29.50
CA GLN C 38 12.42 6.58 28.65
C GLN C 38 11.60 6.30 27.40
N GLU C 39 10.90 5.17 27.34
CA GLU C 39 9.94 4.93 26.27
C GLU C 39 8.68 5.74 26.52
N THR C 40 8.09 6.25 25.45
CA THR C 40 6.89 7.07 25.57
C THR C 40 5.72 6.22 26.04
N CYS C 41 5.02 6.70 27.07
CA CYS C 41 3.83 6.05 27.60
C CYS C 41 2.64 6.95 27.31
N VAL C 42 1.65 6.41 26.61
CA VAL C 42 0.44 7.14 26.25
C VAL C 42 -0.76 6.37 26.79
N GLU C 43 -1.56 7.02 27.61
CA GLU C 43 -2.74 6.41 28.23
C GLU C 43 -3.93 7.31 27.96
N ILE C 44 -4.64 7.03 26.87
CA ILE C 44 -5.88 7.76 26.57
C ILE C 44 -6.94 7.33 27.58
N GLY C 45 -7.49 8.30 28.30
CA GLY C 45 -8.38 8.03 29.41
C GLY C 45 -9.86 8.04 29.10
N GLU C 46 -10.26 8.04 27.82
CA GLU C 46 -11.66 8.03 27.49
C GLU C 46 -11.85 7.41 26.11
N SER C 47 -13.08 7.02 25.83
CA SER C 47 -13.41 6.46 24.53
C SER C 47 -13.32 7.52 23.45
N VAL C 48 -12.78 7.14 22.31
CA VAL C 48 -12.77 7.98 21.11
C VAL C 48 -13.50 7.29 19.96
N ARG C 49 -14.31 6.29 20.27
CA ARG C 49 -15.00 5.51 19.25
C ARG C 49 -15.91 6.41 18.42
N GLY C 50 -15.70 6.41 17.11
CA GLY C 50 -16.50 7.24 16.23
C GLY C 50 -16.37 8.72 16.46
N GLU C 51 -15.31 9.16 17.11
CA GLU C 51 -15.09 10.56 17.43
C GLU C 51 -14.17 11.20 16.40
N ASP C 52 -14.26 12.51 16.30
CA ASP C 52 -13.39 13.32 15.45
C ASP C 52 -12.26 13.83 16.35
N VAL C 53 -11.13 13.14 16.32
CA VAL C 53 -10.04 13.35 17.27
C VAL C 53 -9.05 14.34 16.68
N TYR C 54 -8.72 15.36 17.45
CA TYR C 54 -7.67 16.32 17.09
C TYR C 54 -6.60 16.25 18.16
N ILE C 55 -5.38 15.93 17.75
CA ILE C 55 -4.24 15.82 18.65
C ILE C 55 -3.32 17.00 18.38
N VAL C 56 -3.13 17.84 19.40
CA VAL C 56 -2.29 19.02 19.30
C VAL C 56 -0.90 18.67 19.82
N GLN C 57 0.10 18.81 18.96
CA GLN C 57 1.48 18.51 19.33
C GLN C 57 2.38 19.31 18.41
N SER C 58 3.12 20.26 18.97
CA SER C 58 4.03 21.07 18.19
C SER C 58 5.39 20.41 18.11
N GLY C 59 6.11 20.68 17.03
CA GLY C 59 7.48 20.21 16.94
C GLY C 59 8.39 21.19 17.63
N CYS C 60 8.68 20.92 18.89
CA CYS C 60 9.45 21.82 19.74
C CYS C 60 9.85 21.05 20.98
N GLY C 61 10.70 21.68 21.79
CA GLY C 61 11.18 21.01 22.99
C GLY C 61 11.92 19.74 22.64
N GLU C 62 11.57 18.66 23.33
CA GLU C 62 12.13 17.35 23.06
C GLU C 62 11.49 16.83 21.78
N ILE C 63 12.13 17.14 20.64
CA ILE C 63 11.50 16.97 19.34
C ILE C 63 11.12 15.52 19.09
N ASN C 64 12.07 14.61 19.27
CA ASN C 64 11.80 13.21 18.96
C ASN C 64 10.85 12.61 19.97
N ASP C 65 11.00 12.99 21.23
CA ASP C 65 10.04 12.62 22.27
C ASP C 65 8.62 13.03 21.88
N ASN C 66 8.45 14.28 21.47
CA ASN C 66 7.12 14.79 21.15
C ASN C 66 6.56 14.14 19.89
N LEU C 67 7.41 13.94 18.88
CA LEU C 67 6.93 13.30 17.65
C LEU C 67 6.51 11.87 17.91
N MET C 68 7.29 11.13 18.71
CA MET C 68 6.90 9.77 19.05
C MET C 68 5.61 9.76 19.85
N GLU C 69 5.47 10.71 20.78
CA GLU C 69 4.23 10.86 21.53
C GLU C 69 3.04 11.04 20.60
N LEU C 70 3.20 11.94 19.63
CA LEU C 70 2.15 12.22 18.65
C LEU C 70 1.80 10.98 17.83
N LEU C 71 2.82 10.27 17.36
CA LEU C 71 2.57 9.08 16.55
C LEU C 71 1.85 8.00 17.36
N ILE C 72 2.29 7.80 18.61
CA ILE C 72 1.67 6.78 19.45
C ILE C 72 0.23 7.16 19.75
N MET C 73 -0.03 8.43 20.02
CA MET C 73 -1.40 8.88 20.29
C MET C 73 -2.29 8.74 19.05
N ILE C 74 -1.75 9.06 17.87
CA ILE C 74 -2.50 8.87 16.63
C ILE C 74 -2.85 7.40 16.44
N ASN C 75 -1.87 6.52 16.62
CA ASN C 75 -2.11 5.10 16.41
C ASN C 75 -3.09 4.55 17.44
N ALA C 76 -2.98 4.99 18.69
CA ALA C 76 -3.92 4.55 19.72
C ALA C 76 -5.33 4.99 19.37
N CYS C 77 -5.50 6.22 18.92
CA CYS C 77 -6.83 6.70 18.53
C CYS C 77 -7.37 5.92 17.34
N LYS C 78 -6.52 5.62 16.36
CA LYS C 78 -6.97 4.85 15.20
C LYS C 78 -7.40 3.44 15.60
N ILE C 79 -6.60 2.76 16.40
CA ILE C 79 -6.95 1.41 16.83
C ILE C 79 -8.15 1.45 17.78
N ALA C 80 -8.33 2.56 18.49
CA ALA C 80 -9.51 2.76 19.32
C ALA C 80 -10.73 3.17 18.52
N SER C 81 -10.68 3.03 17.19
CA SER C 81 -11.84 3.19 16.32
C SER C 81 -12.35 4.63 16.29
N ALA C 82 -11.43 5.59 16.32
CA ALA C 82 -11.82 6.97 16.09
C ALA C 82 -12.33 7.13 14.66
N SER C 83 -13.34 7.98 14.49
CA SER C 83 -13.87 8.23 13.15
C SER C 83 -12.82 8.89 12.28
N ARG C 84 -12.08 9.85 12.83
CA ARG C 84 -11.06 10.57 12.10
C ARG C 84 -10.04 11.08 13.09
N VAL C 85 -8.76 11.00 12.72
CA VAL C 85 -7.67 11.47 13.57
C VAL C 85 -6.94 12.57 12.82
N THR C 86 -6.88 13.75 13.42
CA THR C 86 -6.20 14.90 12.84
C THR C 86 -5.05 15.28 13.74
N ALA C 87 -3.87 15.42 13.14
CA ALA C 87 -2.69 15.89 13.86
C ALA C 87 -2.59 17.40 13.69
N VAL C 88 -2.79 18.13 14.78
CA VAL C 88 -2.63 19.57 14.79
C VAL C 88 -1.19 19.84 15.22
N ILE C 89 -0.33 20.13 14.24
CA ILE C 89 1.09 20.32 14.48
C ILE C 89 1.44 21.76 14.16
N PRO C 90 1.35 22.68 15.13
CA PRO C 90 1.57 24.09 14.82
C PRO C 90 2.93 24.38 14.19
N CYS C 91 3.99 23.73 14.66
CA CYS C 91 5.32 23.84 14.07
C CYS C 91 5.73 22.45 13.62
N PHE C 92 5.80 22.24 12.31
CA PHE C 92 6.07 20.91 11.77
C PHE C 92 7.52 20.53 12.03
N PRO C 93 7.78 19.41 12.71
CA PRO C 93 9.18 19.03 12.96
C PRO C 93 9.86 18.55 11.70
N TYR C 94 11.18 18.76 11.66
CA TYR C 94 12.03 18.36 10.54
C TYR C 94 11.64 19.02 9.23
N ALA C 95 10.90 20.14 9.31
CA ALA C 95 10.42 20.80 8.10
C ALA C 95 11.57 21.37 7.27
N ARG C 96 12.68 21.72 7.91
CA ARG C 96 13.83 22.24 7.18
C ARG C 96 14.58 21.17 6.42
N GLN C 97 14.33 19.90 6.68
CA GLN C 97 14.93 18.81 5.93
C GLN C 97 13.93 18.33 4.88
N ASP C 98 13.68 19.20 3.91
CA ASP C 98 12.61 19.04 2.94
C ASP C 98 13.10 18.70 1.54
N LYS C 99 14.39 18.43 1.38
CA LYS C 99 14.95 18.12 0.07
C LYS C 99 16.27 17.41 0.27
N LYS C 100 16.74 16.80 -0.81
CA LYS C 100 18.06 16.16 -0.84
C LYS C 100 18.95 16.98 -1.75
N ASP C 101 19.63 17.96 -1.16
CA ASP C 101 20.62 18.77 -1.89
C ASP C 101 22.04 18.42 -1.47
N LYS C 102 22.22 17.30 -0.79
CA LYS C 102 23.53 16.79 -0.42
C LYS C 102 23.54 15.29 -0.67
N SER C 103 24.74 14.75 -0.89
CA SER C 103 24.87 13.31 -1.05
C SER C 103 24.44 12.60 0.23
N ARG C 104 23.64 11.55 0.07
CA ARG C 104 23.19 10.68 1.16
C ARG C 104 22.31 11.41 2.17
N ALA C 105 21.86 12.63 1.86
CA ALA C 105 21.05 13.38 2.80
C ALA C 105 19.64 12.80 2.88
N PRO C 106 19.10 12.62 4.07
CA PRO C 106 17.70 12.20 4.19
C PRO C 106 16.76 13.36 3.96
N ILE C 107 15.57 13.04 3.48
CA ILE C 107 14.48 14.01 3.45
C ILE C 107 13.66 13.69 4.69
N SER C 108 14.05 14.29 5.82
CA SER C 108 13.45 13.93 7.10
C SER C 108 12.00 14.39 7.19
N ALA C 109 11.65 15.49 6.52
CA ALA C 109 10.25 15.92 6.50
C ALA C 109 9.38 14.88 5.83
N LYS C 110 9.84 14.30 4.73
CA LYS C 110 9.08 13.24 4.08
C LYS C 110 8.98 12.01 4.96
N LEU C 111 10.04 11.67 5.68
CA LEU C 111 9.98 10.55 6.60
C LEU C 111 8.96 10.79 7.71
N VAL C 112 8.93 12.02 8.24
CA VAL C 112 7.96 12.36 9.27
C VAL C 112 6.54 12.27 8.72
N ALA C 113 6.35 12.75 7.49
CA ALA C 113 5.05 12.64 6.85
C ALA C 113 4.63 11.19 6.68
N ASN C 114 5.55 10.33 6.24
CA ASN C 114 5.25 8.92 6.08
C ASN C 114 4.93 8.26 7.42
N MET C 115 5.66 8.65 8.46
CA MET C 115 5.40 8.11 9.79
C MET C 115 4.02 8.53 10.30
N LEU C 116 3.65 9.79 10.08
CA LEU C 116 2.32 10.25 10.46
C LEU C 116 1.24 9.51 9.67
N SER C 117 1.49 9.28 8.38
CA SER C 117 0.52 8.56 7.57
C SER C 117 0.35 7.12 8.03
N VAL C 118 1.45 6.45 8.35
CA VAL C 118 1.37 5.05 8.76
C VAL C 118 0.83 4.94 10.19
N ALA C 119 1.00 5.98 11.02
CA ALA C 119 0.36 5.98 12.32
C ALA C 119 -1.16 6.08 12.20
N GLY C 120 -1.66 6.62 11.10
CA GLY C 120 -3.08 6.63 10.84
C GLY C 120 -3.72 8.00 10.79
N ALA C 121 -2.91 9.04 10.69
CA ALA C 121 -3.44 10.38 10.57
C ALA C 121 -4.24 10.52 9.27
N ASP C 122 -5.43 11.11 9.38
CA ASP C 122 -6.28 11.37 8.24
C ASP C 122 -6.22 12.82 7.77
N HIS C 123 -5.66 13.70 8.58
CA HIS C 123 -5.69 15.14 8.32
C HIS C 123 -4.58 15.79 9.12
N ILE C 124 -3.91 16.76 8.53
CA ILE C 124 -2.86 17.51 9.19
C ILE C 124 -3.23 18.99 9.17
N ILE C 125 -3.17 19.64 10.32
CA ILE C 125 -3.33 21.07 10.43
C ILE C 125 -2.04 21.63 10.98
N THR C 126 -1.44 22.56 10.25
CA THR C 126 -0.16 23.14 10.63
C THR C 126 -0.16 24.61 10.26
N MET C 127 0.81 25.34 10.81
CA MET C 127 0.93 26.77 10.55
C MET C 127 2.29 27.07 9.94
N ASP C 128 2.28 27.75 8.79
CA ASP C 128 3.48 28.30 8.16
C ASP C 128 4.58 27.25 8.02
N LEU C 129 4.29 26.23 7.22
CA LEU C 129 5.29 25.24 6.88
C LEU C 129 6.54 25.91 6.32
N HIS C 130 7.71 25.43 6.75
CA HIS C 130 8.96 25.98 6.23
C HIS C 130 8.99 25.92 4.71
N ALA C 131 8.47 24.83 4.14
CA ALA C 131 8.22 24.74 2.71
C ALA C 131 6.78 24.29 2.51
N SER C 132 6.02 25.07 1.76
CA SER C 132 4.61 24.73 1.52
C SER C 132 4.47 23.41 0.77
N GLN C 133 5.51 23.00 0.04
CA GLN C 133 5.46 21.72 -0.68
C GLN C 133 5.39 20.53 0.27
N ILE C 134 5.64 20.74 1.56
CA ILE C 134 5.45 19.67 2.54
C ILE C 134 4.01 19.17 2.53
N GLN C 135 3.06 20.03 2.13
CA GLN C 135 1.70 19.56 1.90
C GLN C 135 1.67 18.38 0.95
N GLY C 136 2.54 18.40 -0.06
CA GLY C 136 2.65 17.32 -1.01
C GLY C 136 3.37 16.09 -0.50
N PHE C 137 3.94 16.15 0.69
CA PHE C 137 4.58 14.98 1.28
C PHE C 137 3.56 13.97 1.81
N PHE C 138 2.30 14.39 1.95
CA PHE C 138 1.21 13.52 2.40
C PHE C 138 0.30 13.21 1.23
N ASP C 139 -0.47 12.13 1.38
CA ASP C 139 -1.60 11.85 0.52
C ASP C 139 -2.93 12.19 1.18
N ILE C 140 -2.89 12.84 2.33
CA ILE C 140 -4.09 13.28 3.04
C ILE C 140 -4.16 14.79 2.96
N PRO C 141 -5.31 15.42 3.21
CA PRO C 141 -5.35 16.88 3.23
C PRO C 141 -4.44 17.44 4.31
N VAL C 142 -3.74 18.51 3.96
CA VAL C 142 -2.84 19.20 4.88
C VAL C 142 -3.18 20.68 4.87
N ASP C 143 -3.61 21.19 6.01
CA ASP C 143 -3.93 22.60 6.15
C ASP C 143 -2.69 23.37 6.56
N ASN C 144 -2.22 24.25 5.70
CA ASN C 144 -1.05 25.07 5.95
C ASN C 144 -1.54 26.48 6.25
N LEU C 145 -1.86 26.73 7.51
CA LEU C 145 -2.38 28.03 7.92
C LEU C 145 -1.28 29.08 7.94
N TYR C 146 -1.65 30.31 7.67
CA TYR C 146 -0.71 31.43 7.67
C TYR C 146 -0.88 32.25 8.94
N ALA C 147 0.24 32.66 9.51
CA ALA C 147 0.21 33.66 10.56
C ALA C 147 0.26 35.07 9.99
N GLU C 148 0.27 35.21 8.66
CA GLU C 148 0.42 36.51 8.03
C GLU C 148 -0.68 37.50 8.41
N PRO C 149 -1.97 37.15 8.44
CA PRO C 149 -2.96 38.14 8.90
C PRO C 149 -2.71 38.64 10.31
N ALA C 150 -2.25 37.74 11.19
CA ALA C 150 -1.95 38.12 12.59
C ALA C 150 -0.71 39.03 12.64
N VAL C 151 0.27 38.77 11.77
CA VAL C 151 1.51 39.59 11.72
C VAL C 151 1.13 41.01 11.28
N LEU C 152 0.35 41.13 10.21
CA LEU C 152 -0.06 42.44 9.69
C LEU C 152 -0.82 43.22 10.74
N LYS C 153 -1.70 42.55 11.50
CA LYS C 153 -2.41 43.21 12.59
C LYS C 153 -1.44 43.76 13.62
N TRP C 154 -0.46 42.94 14.02
CA TRP C 154 0.52 43.40 14.99
C TRP C 154 1.32 44.59 14.47
N ILE C 155 1.73 44.55 13.20
CA ILE C 155 2.50 45.65 12.63
C ILE C 155 1.69 46.93 12.63
N ARG C 156 0.45 46.85 12.16
CA ARG C 156 -0.39 48.04 12.09
C ARG C 156 -0.74 48.59 13.47
N GLU C 157 -0.77 47.74 14.50
CA GLU C 157 -1.14 48.21 15.83
C GLU C 157 0.04 48.57 16.73
N ASN C 158 1.27 48.15 16.40
CA ASN C 158 2.39 48.32 17.31
C ASN C 158 3.54 49.13 16.75
N ILE C 159 3.58 49.40 15.45
CA ILE C 159 4.65 50.18 14.83
C ILE C 159 4.01 51.43 14.26
N SER C 160 4.32 52.58 14.85
CA SER C 160 3.66 53.82 14.47
C SER C 160 3.97 54.22 13.04
N GLU C 161 5.21 54.03 12.61
CA GLU C 161 5.66 54.41 11.27
C GLU C 161 5.67 53.23 10.32
N TRP C 162 4.69 52.34 10.45
CA TRP C 162 4.67 51.15 9.61
C TRP C 162 4.44 51.49 8.14
N ARG C 163 3.77 52.61 7.85
CA ARG C 163 3.53 52.97 6.46
C ARG C 163 4.80 53.41 5.74
N ASN C 164 5.84 53.81 6.48
CA ASN C 164 7.12 54.16 5.88
C ASN C 164 8.19 53.12 6.15
N CYS C 165 7.81 51.96 6.70
CA CYS C 165 8.78 50.93 7.03
C CYS C 165 9.18 50.16 5.79
N THR C 166 10.20 49.33 5.94
CA THR C 166 10.61 48.39 4.92
C THR C 166 10.68 47.00 5.55
N ILE C 167 10.06 46.04 4.89
CA ILE C 167 10.06 44.66 5.38
C ILE C 167 11.29 43.97 4.80
N VAL C 168 12.09 43.36 5.64
CA VAL C 168 13.40 42.84 5.26
C VAL C 168 13.40 41.32 5.37
N SER C 169 13.82 40.65 4.31
CA SER C 169 14.06 39.22 4.36
C SER C 169 15.46 38.95 4.92
N PRO C 170 15.58 38.12 5.96
CA PRO C 170 16.91 37.80 6.49
C PRO C 170 17.71 36.85 5.63
N ASP C 171 17.10 36.18 4.65
CA ASP C 171 17.82 35.32 3.72
C ASP C 171 17.07 35.31 2.40
N ALA C 172 17.65 34.63 1.41
CA ALA C 172 17.03 34.57 0.09
C ALA C 172 15.73 33.78 0.11
N GLY C 173 15.63 32.76 0.97
CA GLY C 173 14.44 31.92 0.99
C GLY C 173 13.20 32.61 1.53
N GLY C 174 13.36 33.69 2.28
CA GLY C 174 12.23 34.41 2.82
C GLY C 174 11.64 35.46 1.90
N ALA C 175 12.14 35.54 0.67
CA ALA C 175 11.76 36.64 -0.22
C ALA C 175 10.27 36.65 -0.50
N LYS C 176 9.68 35.47 -0.74
CA LYS C 176 8.25 35.42 -1.05
C LYS C 176 7.41 35.93 0.11
N ARG C 177 7.74 35.50 1.33
CA ARG C 177 7.00 35.94 2.51
C ARG C 177 7.12 37.46 2.70
N VAL C 178 8.33 37.98 2.56
CA VAL C 178 8.55 39.42 2.71
C VAL C 178 7.85 40.21 1.62
N THR C 179 7.89 39.75 0.38
CA THR C 179 7.22 40.47 -0.68
C THR C 179 5.71 40.46 -0.47
N SER C 180 5.16 39.34 -0.02
CA SER C 180 3.74 39.28 0.26
C SER C 180 3.35 40.26 1.36
N ILE C 181 4.13 40.31 2.44
CA ILE C 181 3.82 41.22 3.53
C ILE C 181 3.95 42.68 3.08
N ALA C 182 5.00 42.99 2.31
CA ALA C 182 5.20 44.35 1.83
C ALA C 182 4.08 44.78 0.88
N ASP C 183 3.62 43.87 0.03
CA ASP C 183 2.47 44.14 -0.82
C ASP C 183 1.23 44.43 0.01
N ARG C 184 0.96 43.61 1.02
CA ARG C 184 -0.23 43.83 1.85
C ARG C 184 -0.15 45.13 2.62
N LEU C 185 1.05 45.53 3.04
CA LEU C 185 1.22 46.80 3.73
C LEU C 185 1.48 47.97 2.80
N ASN C 186 1.67 47.71 1.51
CA ASN C 186 2.04 48.74 0.53
C ASN C 186 3.28 49.51 0.98
N VAL C 187 4.33 48.76 1.31
CA VAL C 187 5.58 49.33 1.78
C VAL C 187 6.72 48.73 0.96
N ASP C 188 7.89 49.34 1.10
CA ASP C 188 9.09 48.83 0.45
C ASP C 188 9.54 47.53 1.12
N PHE C 189 10.35 46.77 0.41
CA PHE C 189 10.97 45.59 0.95
C PHE C 189 12.44 45.58 0.61
N ALA C 190 13.21 44.85 1.43
CA ALA C 190 14.62 44.65 1.19
C ALA C 190 14.95 43.18 1.47
N LEU C 191 16.09 42.75 0.95
CA LEU C 191 16.54 41.38 1.16
C LEU C 191 17.99 41.41 1.62
N ILE C 192 18.30 40.55 2.60
CA ILE C 192 19.65 40.40 3.10
C ILE C 192 20.10 38.97 2.81
N HIS C 193 21.29 38.83 2.25
CA HIS C 193 21.84 37.53 1.93
C HIS C 193 23.19 37.38 2.58
N LYS C 194 23.39 36.26 3.28
CA LYS C 194 24.71 35.87 3.76
C LYS C 194 25.36 35.00 2.71
N GLU C 195 26.45 35.47 2.11
CA GLU C 195 27.00 34.70 1.00
C GLU C 195 27.69 33.44 1.50
N ARG C 196 27.85 32.49 0.60
CA ARG C 196 28.24 31.14 0.97
C ARG C 196 29.66 31.11 1.53
N LYS C 197 29.87 30.23 2.50
CA LYS C 197 31.12 30.12 3.23
C LYS C 197 32.08 29.26 2.41
N LYS C 198 32.83 29.92 1.52
CA LYS C 198 33.79 29.19 0.71
C LYS C 198 35.03 28.80 1.51
N ALA C 199 35.39 29.61 2.50
CA ALA C 199 36.55 29.33 3.34
C ALA C 199 36.25 29.88 4.73
N ASN C 200 37.29 30.04 5.55
CA ASN C 200 37.13 30.44 6.94
C ASN C 200 37.32 31.94 7.15
N GLU C 201 37.00 32.77 6.16
CA GLU C 201 37.06 34.20 6.37
C GLU C 201 35.80 34.69 7.08
N VAL C 202 35.68 36.01 7.20
CA VAL C 202 34.56 36.59 7.92
C VAL C 202 33.28 36.43 7.10
N ASP C 203 32.21 36.02 7.79
CA ASP C 203 30.89 36.04 7.19
C ASP C 203 30.49 37.47 6.86
N ARG C 204 30.15 37.73 5.61
CA ARG C 204 29.74 39.05 5.18
C ARG C 204 28.34 38.98 4.58
N MET C 205 27.55 40.01 4.84
CA MET C 205 26.16 40.05 4.45
C MET C 205 25.95 41.14 3.42
N VAL C 206 25.25 40.82 2.36
CA VAL C 206 24.90 41.78 1.32
C VAL C 206 23.43 42.15 1.49
N LEU C 207 23.16 43.44 1.40
CA LEU C 207 21.80 43.96 1.48
C LEU C 207 21.41 44.56 0.14
N VAL C 208 20.27 44.13 -0.39
CA VAL C 208 19.68 44.71 -1.59
C VAL C 208 18.39 45.41 -1.18
N GLY C 209 18.28 46.68 -1.52
CA GLY C 209 17.18 47.50 -1.06
C GLY C 209 17.66 48.60 -0.13
N ASP C 210 16.80 49.59 0.06
CA ASP C 210 17.12 50.79 0.83
C ASP C 210 16.40 50.73 2.17
N VAL C 211 17.18 50.78 3.26
CA VAL C 211 16.63 50.79 4.60
C VAL C 211 17.09 52.01 5.40
N LYS C 212 17.77 52.94 4.75
CA LYS C 212 18.38 54.06 5.46
C LYS C 212 17.32 54.98 6.05
N ASP C 213 17.47 55.31 7.32
CA ASP C 213 16.60 56.23 8.05
C ASP C 213 15.14 55.75 8.06
N ARG C 214 14.92 54.45 7.95
CA ARG C 214 13.59 53.88 8.01
C ARG C 214 13.58 52.76 9.04
N VAL C 215 12.40 52.48 9.56
CA VAL C 215 12.21 51.32 10.41
C VAL C 215 12.26 50.07 9.54
N ALA C 216 13.06 49.10 9.96
CA ALA C 216 13.20 47.84 9.26
C ALA C 216 12.51 46.75 10.07
N ILE C 217 11.65 46.00 9.41
CA ILE C 217 10.96 44.87 10.02
C ILE C 217 11.50 43.61 9.38
N LEU C 218 12.22 42.81 10.16
CA LEU C 218 12.67 41.50 9.72
C LEU C 218 11.53 40.51 9.87
N VAL C 219 11.15 39.86 8.77
CA VAL C 219 10.10 38.86 8.77
C VAL C 219 10.68 37.56 8.24
N ASP C 220 10.55 36.49 9.03
CA ASP C 220 11.00 35.18 8.64
C ASP C 220 10.04 34.14 9.20
N ASP C 221 10.17 32.91 8.72
CA ASP C 221 9.29 31.85 9.18
C ASP C 221 9.68 31.33 10.55
N MET C 222 10.96 31.41 10.92
CA MET C 222 11.37 30.88 12.21
C MET C 222 12.70 31.51 12.62
N ALA C 223 12.96 31.47 13.93
CA ALA C 223 14.23 31.89 14.49
C ALA C 223 14.68 30.78 15.44
N ASP C 224 15.58 29.92 14.97
CA ASP C 224 16.05 28.79 15.78
C ASP C 224 17.17 29.23 16.70
N THR C 225 18.32 29.58 16.13
CA THR C 225 19.44 30.09 16.89
C THR C 225 19.54 31.61 16.84
N CYS C 226 18.70 32.24 16.03
CA CYS C 226 18.67 33.68 15.82
C CYS C 226 19.94 34.21 15.19
N GLY C 227 20.78 33.34 14.64
CA GLY C 227 21.93 33.81 13.89
C GLY C 227 21.51 34.60 12.67
N THR C 228 20.49 34.12 11.95
CA THR C 228 20.02 34.81 10.76
C THR C 228 19.50 36.20 11.10
N ILE C 229 18.58 36.30 12.06
CA ILE C 229 17.98 37.59 12.37
C ILE C 229 18.99 38.51 13.06
N CYS C 230 19.87 37.97 13.89
CA CYS C 230 20.85 38.83 14.54
C CYS C 230 21.85 39.41 13.54
N HIS C 231 22.36 38.56 12.65
CA HIS C 231 23.27 39.06 11.62
C HIS C 231 22.57 40.07 10.71
N ALA C 232 21.31 39.79 10.35
CA ALA C 232 20.55 40.72 9.55
C ALA C 232 20.34 42.03 10.29
N ALA C 233 20.14 41.98 11.61
CA ALA C 233 19.95 43.19 12.39
C ALA C 233 21.21 44.04 12.43
N ASP C 234 22.36 43.40 12.62
CA ASP C 234 23.62 44.14 12.56
C ASP C 234 23.79 44.79 11.18
N LYS C 235 23.51 44.04 10.11
CA LYS C 235 23.61 44.61 8.78
C LYS C 235 22.67 45.78 8.59
N LEU C 236 21.43 45.64 9.07
CA LEU C 236 20.44 46.71 8.91
C LEU C 236 20.84 47.98 9.65
N LEU C 237 21.34 47.85 10.87
CA LEU C 237 21.83 49.04 11.57
C LEU C 237 23.02 49.64 10.87
N SER C 238 23.95 48.80 10.40
CA SER C 238 25.11 49.30 9.65
C SER C 238 24.68 50.02 8.38
N ALA C 239 23.51 49.67 7.84
CA ALA C 239 23.01 50.27 6.62
C ALA C 239 22.17 51.51 6.88
N GLY C 240 22.00 51.91 8.13
CA GLY C 240 21.29 53.13 8.45
C GLY C 240 19.85 52.99 8.86
N ALA C 241 19.40 51.79 9.19
CA ALA C 241 18.04 51.62 9.71
C ALA C 241 17.92 52.29 11.07
N THR C 242 16.81 52.98 11.30
CA THR C 242 16.58 53.64 12.58
C THR C 242 16.27 52.63 13.67
N ARG C 243 15.22 51.83 13.47
CA ARG C 243 14.84 50.78 14.40
C ARG C 243 14.68 49.48 13.64
N VAL C 244 14.92 48.37 14.32
CA VAL C 244 14.85 47.05 13.70
C VAL C 244 13.91 46.19 14.53
N TYR C 245 12.89 45.64 13.89
CA TYR C 245 12.01 44.66 14.48
C TYR C 245 12.24 43.31 13.83
N ALA C 246 11.96 42.26 14.58
CA ALA C 246 11.99 40.90 14.07
C ALA C 246 10.64 40.25 14.37
N ILE C 247 9.98 39.76 13.33
CA ILE C 247 8.72 39.06 13.47
C ILE C 247 8.87 37.68 12.85
N LEU C 248 8.63 36.65 13.67
CA LEU C 248 8.69 35.26 13.25
C LEU C 248 7.35 34.63 13.56
N THR C 249 7.06 33.52 12.90
CA THR C 249 5.90 32.76 13.37
C THR C 249 6.30 31.65 14.33
N HIS C 250 7.46 31.02 14.13
CA HIS C 250 7.94 29.98 15.03
C HIS C 250 9.15 30.51 15.80
N GLY C 251 8.96 30.74 17.10
CA GLY C 251 10.08 31.08 17.94
C GLY C 251 10.67 29.85 18.60
N ILE C 252 11.70 29.27 17.98
CA ILE C 252 12.33 28.10 18.56
C ILE C 252 13.31 28.51 19.66
N PHE C 253 14.14 29.52 19.38
CA PHE C 253 15.03 30.12 20.36
C PHE C 253 15.89 29.07 21.06
N SER C 254 16.40 28.12 20.29
CA SER C 254 17.29 27.11 20.85
C SER C 254 18.71 27.64 20.98
N GLY C 255 19.48 26.99 21.85
CA GLY C 255 20.87 27.30 22.02
C GLY C 255 21.15 28.72 22.49
N PRO C 256 21.98 29.43 21.75
CA PRO C 256 22.40 30.77 22.16
C PRO C 256 21.46 31.90 21.76
N ALA C 257 20.22 31.56 21.38
CA ALA C 257 19.32 32.57 20.80
C ALA C 257 18.97 33.66 21.80
N ILE C 258 18.73 33.29 23.05
CA ILE C 258 18.28 34.29 24.03
C ILE C 258 19.40 35.30 24.31
N SER C 259 20.63 34.83 24.49
CA SER C 259 21.75 35.73 24.69
C SER C 259 21.99 36.57 23.44
N ARG C 260 21.82 35.98 22.26
CA ARG C 260 21.99 36.73 21.02
C ARG C 260 20.98 37.87 20.92
N ILE C 261 19.72 37.60 21.25
CA ILE C 261 18.69 38.62 21.16
C ILE C 261 18.91 39.70 22.21
N ASN C 262 19.25 39.28 23.43
CA ASN C 262 19.48 40.25 24.50
C ASN C 262 20.62 41.19 24.17
N ASN C 263 21.61 40.73 23.40
CA ASN C 263 22.73 41.55 22.99
C ASN C 263 22.54 42.18 21.62
N ALA C 264 21.39 41.96 20.99
CA ALA C 264 21.09 42.55 19.70
C ALA C 264 20.39 43.89 19.88
N CYS C 265 20.01 44.50 18.76
CA CYS C 265 19.45 45.85 18.75
C CYS C 265 17.95 45.86 18.46
N PHE C 266 17.29 44.72 18.62
CA PHE C 266 15.89 44.61 18.23
C PHE C 266 15.01 45.49 19.11
N GLU C 267 14.10 46.23 18.48
CA GLU C 267 13.05 46.90 19.24
C GLU C 267 12.12 45.89 19.89
N ALA C 268 11.78 44.83 19.15
CA ALA C 268 10.96 43.75 19.67
C ALA C 268 11.17 42.53 18.79
N VAL C 269 11.15 41.36 19.40
CA VAL C 269 11.16 40.09 18.67
C VAL C 269 9.77 39.49 18.86
N VAL C 270 9.01 39.39 17.78
CA VAL C 270 7.62 38.99 17.83
C VAL C 270 7.49 37.59 17.25
N VAL C 271 6.92 36.67 18.02
CA VAL C 271 6.68 35.31 17.57
C VAL C 271 5.24 34.95 17.90
N THR C 272 4.73 33.94 17.22
CA THR C 272 3.47 33.37 17.61
C THR C 272 3.70 32.34 18.72
N ASN C 273 2.60 31.83 19.29
CA ASN C 273 2.69 30.80 20.30
C ASN C 273 2.49 29.40 19.71
N THR C 274 2.93 29.19 18.47
CA THR C 274 3.03 27.82 17.95
C THR C 274 4.01 26.99 18.78
N ILE C 275 4.96 27.64 19.45
CA ILE C 275 5.88 26.99 20.37
C ILE C 275 5.70 27.70 21.70
N PRO C 276 5.73 27.01 22.84
CA PRO C 276 5.62 27.70 24.12
C PRO C 276 6.75 28.71 24.29
N GLN C 277 6.39 29.90 24.74
CA GLN C 277 7.34 31.00 24.88
C GLN C 277 7.48 31.48 26.31
N GLU C 278 6.78 30.88 27.26
CA GLU C 278 6.78 31.38 28.63
C GLU C 278 8.19 31.45 29.20
N ASP C 279 8.95 30.36 29.02
CA ASP C 279 10.33 30.33 29.51
C ASP C 279 11.19 31.34 28.78
N LYS C 280 11.02 31.47 27.47
CA LYS C 280 11.83 32.41 26.70
C LYS C 280 11.58 33.85 27.10
N MET C 281 10.31 34.21 27.33
CA MET C 281 10.00 35.59 27.71
C MET C 281 10.57 35.95 29.07
N LYS C 282 10.78 34.97 29.95
CA LYS C 282 11.31 35.28 31.27
C LYS C 282 12.77 35.72 31.23
N HIS C 283 13.51 35.32 30.19
CA HIS C 283 14.91 35.68 30.07
C HIS C 283 15.17 36.71 28.97
N CYS C 284 14.17 37.08 28.19
CA CYS C 284 14.34 38.07 27.13
C CYS C 284 13.10 38.95 27.09
N SER C 285 13.23 40.17 27.59
CA SER C 285 12.11 41.10 27.60
C SER C 285 11.70 41.54 26.20
N LYS C 286 12.60 41.42 25.22
CA LYS C 286 12.29 41.84 23.86
C LYS C 286 11.23 40.96 23.20
N ILE C 287 11.03 39.74 23.68
CA ILE C 287 10.13 38.80 23.02
C ILE C 287 8.69 39.18 23.36
N GLN C 288 7.86 39.29 22.34
CA GLN C 288 6.43 39.43 22.48
C GLN C 288 5.75 38.33 21.66
N VAL C 289 4.55 37.93 22.09
CA VAL C 289 3.89 36.75 21.56
C VAL C 289 2.56 37.16 20.94
N ILE C 290 2.35 36.72 19.69
CA ILE C 290 1.04 36.80 19.06
C ILE C 290 0.32 35.48 19.30
N ASP C 291 -0.83 35.54 19.95
CA ASP C 291 -1.61 34.33 20.15
C ASP C 291 -2.26 33.92 18.84
N ILE C 292 -2.00 32.69 18.41
CA ILE C 292 -2.64 32.14 17.22
C ILE C 292 -3.61 31.03 17.58
N SER C 293 -3.93 30.86 18.86
CA SER C 293 -4.84 29.81 19.28
C SER C 293 -6.22 29.99 18.65
N MET C 294 -6.65 31.22 18.40
CA MET C 294 -7.94 31.42 17.76
C MET C 294 -7.91 30.94 16.32
N ILE C 295 -6.79 31.10 15.63
CA ILE C 295 -6.67 30.61 14.26
C ILE C 295 -6.76 29.09 14.24
N LEU C 296 -6.02 28.43 15.12
CA LEU C 296 -6.04 26.97 15.17
C LEU C 296 -7.42 26.46 15.59
N ALA C 297 -8.04 27.11 16.57
CA ALA C 297 -9.37 26.69 17.02
C ALA C 297 -10.39 26.85 15.90
N GLU C 298 -10.34 27.95 15.16
CA GLU C 298 -11.25 28.14 14.05
C GLU C 298 -10.99 27.10 12.96
N ALA C 299 -9.72 26.78 12.70
CA ALA C 299 -9.41 25.76 11.71
C ALA C 299 -9.97 24.41 12.11
N ILE C 300 -9.82 24.04 13.39
CA ILE C 300 -10.36 22.77 13.87
C ILE C 300 -11.88 22.76 13.78
N ARG C 301 -12.52 23.85 14.18
CA ARG C 301 -13.97 23.93 14.17
C ARG C 301 -14.50 23.84 12.73
N ARG C 302 -13.86 24.52 11.80
CA ARG C 302 -14.31 24.48 10.41
C ARG C 302 -14.04 23.12 9.79
N THR C 303 -12.92 22.48 10.14
CA THR C 303 -12.66 21.13 9.67
C THR C 303 -13.73 20.18 10.15
N HIS C 304 -14.11 20.28 11.42
CA HIS C 304 -15.16 19.43 11.96
C HIS C 304 -16.50 19.71 11.31
N ASN C 305 -16.82 20.97 11.05
CA ASN C 305 -18.10 21.35 10.47
C ASN C 305 -18.13 21.26 8.95
N GLY C 306 -17.03 20.88 8.32
CA GLY C 306 -17.00 20.82 6.87
C GLY C 306 -17.14 22.18 6.21
N ALA C 307 -16.46 23.19 6.74
CA ALA C 307 -16.46 24.53 6.20
C ALA C 307 -15.07 24.93 5.75
N SER C 308 -15.02 25.85 4.79
CA SER C 308 -13.74 26.31 4.25
C SER C 308 -12.95 27.06 5.32
N VAL C 309 -11.63 26.89 5.29
CA VAL C 309 -10.73 27.66 6.15
C VAL C 309 -10.12 28.85 5.42
N SER C 310 -10.61 29.16 4.22
CA SER C 310 -10.06 30.28 3.46
C SER C 310 -10.22 31.60 4.20
N TYR C 311 -11.25 31.71 5.03
CA TYR C 311 -11.47 32.93 5.81
C TYR C 311 -10.27 33.23 6.71
N LEU C 312 -9.56 32.19 7.17
CA LEU C 312 -8.43 32.37 8.07
C LEU C 312 -7.22 33.01 7.39
N PHE C 313 -7.20 33.06 6.06
CA PHE C 313 -6.08 33.64 5.32
C PHE C 313 -6.24 35.12 5.03
N SER C 314 -7.35 35.71 5.44
CA SER C 314 -7.58 37.14 5.27
C SER C 314 -7.95 37.85 6.57
N HIS C 315 -8.33 37.12 7.61
CA HIS C 315 -8.82 37.71 8.84
C HIS C 315 -8.26 36.96 10.04
N VAL C 316 -8.12 37.66 11.15
CA VAL C 316 -7.78 37.06 12.44
C VAL C 316 -9.05 36.99 13.26
N PRO C 317 -9.57 35.78 13.55
CA PRO C 317 -10.82 35.63 14.31
C PRO C 317 -10.72 36.08 15.76
N PRO D 2 22.43 -6.67 -15.48
CA PRO D 2 21.52 -5.78 -16.22
C PRO D 2 22.26 -4.78 -17.09
N ASN D 3 21.69 -4.46 -18.24
CA ASN D 3 22.27 -3.51 -19.17
C ASN D 3 21.40 -2.27 -19.26
N ILE D 4 22.04 -1.15 -19.60
CA ILE D 4 21.30 0.08 -19.81
C ILE D 4 20.46 -0.04 -21.08
N LYS D 5 19.16 0.18 -20.95
CA LYS D 5 18.26 0.32 -22.09
C LYS D 5 17.67 1.71 -22.05
N ILE D 6 17.91 2.49 -23.09
CA ILE D 6 17.42 3.86 -23.18
C ILE D 6 16.25 3.88 -24.16
N PHE D 7 15.09 4.28 -23.68
CA PHE D 7 13.91 4.39 -24.51
C PHE D 7 13.47 5.84 -24.57
N SER D 8 13.06 6.27 -25.76
CA SER D 8 12.61 7.64 -25.98
C SER D 8 11.10 7.68 -26.12
N GLY D 9 10.47 8.62 -25.44
CA GLY D 9 9.12 9.00 -25.76
C GLY D 9 9.09 9.93 -26.94
N SER D 10 7.87 10.40 -27.27
CA SER D 10 7.71 11.28 -28.42
C SER D 10 8.12 12.72 -28.13
N SER D 11 8.34 13.08 -26.87
CA SER D 11 8.52 14.48 -26.52
C SER D 11 9.84 15.04 -27.03
N HIS D 12 10.96 14.46 -26.59
CA HIS D 12 12.29 14.98 -26.91
C HIS D 12 13.17 13.83 -27.38
N GLN D 13 13.03 13.48 -28.66
CA GLN D 13 13.78 12.34 -29.18
C GLN D 13 15.21 12.71 -29.56
N ASP D 14 15.45 13.98 -29.91
CA ASP D 14 16.81 14.43 -30.18
C ASP D 14 17.66 14.34 -28.92
N LEU D 15 17.10 14.76 -27.78
CA LEU D 15 17.84 14.64 -26.52
C LEU D 15 18.09 13.18 -26.17
N SER D 16 17.11 12.32 -26.40
CA SER D 16 17.30 10.90 -26.15
C SER D 16 18.42 10.34 -27.02
N GLN D 17 18.46 10.76 -28.29
CA GLN D 17 19.53 10.33 -29.18
C GLN D 17 20.88 10.81 -28.68
N LYS D 18 20.97 12.06 -28.24
CA LYS D 18 22.23 12.58 -27.72
C LYS D 18 22.68 11.80 -26.49
N ILE D 19 21.74 11.50 -25.59
CA ILE D 19 22.08 10.71 -24.40
C ILE D 19 22.58 9.33 -24.79
N ALA D 20 21.89 8.68 -25.74
CA ALA D 20 22.30 7.35 -26.16
C ALA D 20 23.67 7.37 -26.82
N ASP D 21 23.95 8.37 -27.65
CA ASP D 21 25.27 8.48 -28.26
C ASP D 21 26.34 8.69 -27.21
N ARG D 22 26.09 9.54 -26.22
CA ARG D 22 27.08 9.77 -25.17
C ARG D 22 27.27 8.53 -24.33
N LEU D 23 26.26 7.67 -24.23
CA LEU D 23 26.39 6.39 -23.55
C LEU D 23 26.91 5.28 -24.45
N GLY D 24 27.15 5.59 -25.73
CA GLY D 24 27.59 4.55 -26.66
C GLY D 24 26.55 3.47 -26.88
N LEU D 25 25.27 3.85 -26.94
CA LEU D 25 24.18 2.90 -27.10
C LEU D 25 23.27 3.35 -28.23
N GLU D 26 22.53 2.40 -28.78
CA GLU D 26 21.40 2.70 -29.62
C GLU D 26 20.14 2.81 -28.78
N LEU D 27 19.26 3.71 -29.18
CA LEU D 27 17.98 3.85 -28.50
C LEU D 27 17.21 2.54 -28.60
N GLY D 28 16.53 2.18 -27.52
CA GLY D 28 15.70 0.99 -27.55
C GLY D 28 14.58 1.11 -28.56
N LYS D 29 14.19 -0.02 -29.12
CA LYS D 29 13.16 -0.05 -30.15
C LYS D 29 11.80 0.16 -29.49
N VAL D 30 11.18 1.30 -29.76
CA VAL D 30 9.82 1.59 -29.28
C VAL D 30 9.06 2.27 -30.40
N VAL D 31 7.82 1.87 -30.58
CA VAL D 31 6.87 2.59 -31.41
C VAL D 31 5.91 3.32 -30.48
N THR D 32 5.95 4.63 -30.51
CA THR D 32 5.11 5.48 -29.66
C THR D 32 4.22 6.30 -30.59
N LYS D 33 3.01 5.82 -30.82
CA LYS D 33 2.09 6.50 -31.71
C LYS D 33 0.74 6.70 -31.04
N LYS D 34 -0.26 7.10 -31.80
CA LYS D 34 -1.62 7.21 -31.31
C LYS D 34 -2.55 6.29 -32.07
N PHE D 35 -3.41 5.60 -31.33
CA PHE D 35 -4.54 4.92 -31.96
C PHE D 35 -5.44 5.96 -32.64
N SER D 36 -6.40 5.47 -33.43
CA SER D 36 -7.28 6.37 -34.15
C SER D 36 -8.07 7.26 -33.21
N ASN D 37 -8.54 6.70 -32.09
CA ASN D 37 -9.30 7.47 -31.11
C ASN D 37 -8.43 8.30 -30.18
N GLN D 38 -7.17 8.52 -30.55
CA GLN D 38 -6.20 9.36 -29.86
C GLN D 38 -5.73 8.78 -28.53
N GLU D 39 -5.97 7.49 -28.30
CA GLU D 39 -5.36 6.81 -27.16
C GLU D 39 -3.90 6.52 -27.44
N THR D 40 -3.07 6.63 -26.42
CA THR D 40 -1.64 6.41 -26.58
C THR D 40 -1.36 4.95 -26.88
N CYS D 41 -0.58 4.69 -27.93
CA CYS D 41 -0.16 3.35 -28.30
C CYS D 41 1.33 3.23 -28.08
N VAL D 42 1.74 2.27 -27.26
CA VAL D 42 3.15 2.04 -26.94
C VAL D 42 3.48 0.60 -27.31
N GLU D 43 4.47 0.43 -28.17
CA GLU D 43 4.90 -0.89 -28.64
C GLU D 43 6.40 -1.00 -28.43
N ILE D 44 6.79 -1.54 -27.28
CA ILE D 44 8.21 -1.80 -27.02
C ILE D 44 8.65 -2.95 -27.91
N GLY D 45 9.68 -2.71 -28.72
CA GLY D 45 10.10 -3.65 -29.73
C GLY D 45 11.21 -4.60 -29.35
N GLU D 46 11.57 -4.70 -28.07
CA GLU D 46 12.62 -5.61 -27.66
C GLU D 46 12.41 -6.00 -26.21
N SER D 47 13.07 -7.08 -25.82
CA SER D 47 13.00 -7.54 -24.44
C SER D 47 13.71 -6.56 -23.51
N VAL D 48 13.11 -6.33 -22.36
CA VAL D 48 13.73 -5.55 -21.29
C VAL D 48 13.87 -6.39 -20.02
N ARG D 49 13.77 -7.71 -20.15
CA ARG D 49 13.81 -8.60 -19.00
C ARG D 49 15.13 -8.45 -18.26
N GLY D 50 15.04 -8.13 -16.97
CA GLY D 50 16.23 -7.95 -16.16
C GLY D 50 17.13 -6.82 -16.60
N GLU D 51 16.60 -5.87 -17.35
CA GLU D 51 17.37 -4.75 -17.86
C GLU D 51 17.17 -3.53 -16.97
N ASP D 52 18.12 -2.61 -17.05
CA ASP D 52 18.07 -1.33 -16.35
C ASP D 52 17.52 -0.32 -17.37
N VAL D 53 16.23 -0.06 -17.30
CA VAL D 53 15.52 0.70 -18.33
C VAL D 53 15.47 2.17 -17.92
N TYR D 54 15.88 3.04 -18.83
CA TYR D 54 15.77 4.48 -18.67
C TYR D 54 14.88 5.01 -19.77
N ILE D 55 13.79 5.65 -19.38
CA ILE D 55 12.82 6.22 -20.32
C ILE D 55 12.95 7.74 -20.26
N VAL D 56 13.32 8.34 -21.39
CA VAL D 56 13.49 9.78 -21.48
C VAL D 56 12.21 10.39 -22.02
N GLN D 57 11.61 11.27 -21.24
CA GLN D 57 10.37 11.94 -21.64
C GLN D 57 10.28 13.24 -20.88
N SER D 58 10.35 14.36 -21.60
CA SER D 58 10.26 15.66 -20.98
C SER D 58 8.81 16.11 -20.88
N GLY D 59 8.53 16.93 -19.88
CA GLY D 59 7.20 17.52 -19.80
C GLY D 59 7.15 18.76 -20.66
N CYS D 60 6.69 18.59 -21.89
CA CYS D 60 6.68 19.65 -22.89
C CYS D 60 5.81 19.20 -24.04
N GLY D 61 5.56 20.12 -24.96
CA GLY D 61 4.69 19.80 -26.09
C GLY D 61 3.31 19.41 -25.62
N GLU D 62 2.81 18.30 -26.14
CA GLU D 62 1.53 17.75 -25.72
C GLU D 62 1.72 17.12 -24.35
N ILE D 63 1.51 17.92 -23.30
CA ILE D 63 1.94 17.54 -21.96
C ILE D 63 1.25 16.27 -21.50
N ASN D 64 -0.07 16.21 -21.61
CA ASN D 64 -0.80 15.06 -21.10
C ASN D 64 -0.55 13.84 -21.98
N ASP D 65 -0.47 14.06 -23.28
CA ASP D 65 -0.06 13.01 -24.22
C ASP D 65 1.27 12.40 -23.81
N ASN D 66 2.26 13.25 -23.56
CA ASN D 66 3.60 12.78 -23.24
C ASN D 66 3.65 12.09 -21.88
N LEU D 67 2.94 12.64 -20.89
CA LEU D 67 2.92 12.02 -19.57
C LEU D 67 2.26 10.66 -19.62
N MET D 68 1.14 10.54 -20.35
CA MET D 68 0.50 9.25 -20.49
C MET D 68 1.41 8.27 -21.22
N GLU D 69 2.11 8.74 -22.25
CA GLU D 69 3.08 7.92 -22.95
C GLU D 69 4.13 7.38 -21.99
N LEU D 70 4.67 8.26 -21.16
CA LEU D 70 5.69 7.89 -20.18
C LEU D 70 5.15 6.86 -19.18
N LEU D 71 3.94 7.09 -18.67
CA LEU D 71 3.37 6.16 -17.70
C LEU D 71 3.12 4.79 -18.32
N ILE D 72 2.61 4.77 -19.55
CA ILE D 72 2.34 3.50 -20.22
C ILE D 72 3.64 2.76 -20.49
N MET D 73 4.68 3.48 -20.92
CA MET D 73 5.97 2.85 -21.17
C MET D 73 6.60 2.32 -19.88
N ILE D 74 6.48 3.07 -18.78
CA ILE D 74 6.97 2.59 -17.49
C ILE D 74 6.26 1.31 -17.10
N ASN D 75 4.93 1.30 -17.21
CA ASN D 75 4.16 0.13 -16.80
C ASN D 75 4.46 -1.06 -17.70
N ALA D 76 4.61 -0.83 -18.99
CA ALA D 76 4.96 -1.92 -19.91
C ALA D 76 6.31 -2.50 -19.55
N CYS D 77 7.29 -1.66 -19.25
CA CYS D 77 8.61 -2.15 -18.86
C CYS D 77 8.55 -2.93 -17.56
N LYS D 78 7.77 -2.45 -16.59
CA LYS D 78 7.64 -3.15 -15.32
C LYS D 78 6.99 -4.52 -15.50
N ILE D 79 5.90 -4.59 -16.25
CA ILE D 79 5.24 -5.86 -16.48
C ILE D 79 6.10 -6.76 -17.36
N ALA D 80 6.94 -6.17 -18.21
CA ALA D 80 7.90 -6.93 -18.99
C ALA D 80 9.12 -7.34 -18.19
N SER D 81 9.06 -7.24 -16.86
CA SER D 81 10.07 -7.79 -15.96
C SER D 81 11.41 -7.07 -16.10
N ALA D 82 11.38 -5.76 -16.30
CA ALA D 82 12.60 -4.99 -16.24
C ALA D 82 13.16 -5.02 -14.81
N SER D 83 14.49 -5.06 -14.70
CA SER D 83 15.11 -5.06 -13.39
C SER D 83 14.83 -3.75 -12.66
N ARG D 84 14.90 -2.64 -13.37
CA ARG D 84 14.67 -1.32 -12.79
C ARG D 84 14.20 -0.40 -13.89
N VAL D 85 13.22 0.45 -13.58
CA VAL D 85 12.69 1.41 -14.54
C VAL D 85 12.92 2.81 -13.98
N THR D 86 13.65 3.63 -14.74
CA THR D 86 13.95 4.99 -14.35
C THR D 86 13.30 5.93 -15.34
N ALA D 87 12.56 6.90 -14.83
CA ALA D 87 11.96 7.94 -15.67
C ALA D 87 12.92 9.13 -15.70
N VAL D 88 13.50 9.38 -16.87
CA VAL D 88 14.34 10.55 -17.08
C VAL D 88 13.44 11.65 -17.61
N ILE D 89 13.06 12.57 -16.72
CA ILE D 89 12.12 13.63 -17.05
C ILE D 89 12.85 14.96 -16.95
N PRO D 90 13.48 15.44 -18.02
CA PRO D 90 14.28 16.66 -17.91
C PRO D 90 13.51 17.86 -17.40
N CYS D 91 12.26 18.04 -17.84
CA CYS D 91 11.38 19.09 -17.33
C CYS D 91 10.16 18.42 -16.72
N PHE D 92 10.04 18.48 -15.40
CA PHE D 92 8.98 17.76 -14.71
C PHE D 92 7.63 18.42 -14.98
N PRO D 93 6.65 17.70 -15.53
CA PRO D 93 5.36 18.32 -15.80
C PRO D 93 4.59 18.60 -14.52
N TYR D 94 3.76 19.65 -14.57
CA TYR D 94 2.92 20.07 -13.45
C TYR D 94 3.73 20.46 -12.23
N ALA D 95 5.02 20.78 -12.42
CA ALA D 95 5.87 21.09 -11.28
C ALA D 95 5.45 22.38 -10.59
N ARG D 96 4.83 23.31 -11.33
CA ARG D 96 4.38 24.55 -10.74
C ARG D 96 3.13 24.38 -9.88
N GLN D 97 2.45 23.25 -9.96
CA GLN D 97 1.32 22.95 -9.10
C GLN D 97 1.79 22.07 -7.94
N ASP D 98 2.61 22.67 -7.08
CA ASP D 98 3.34 21.96 -6.06
C ASP D 98 2.81 22.22 -4.65
N LYS D 99 1.69 22.92 -4.52
CA LYS D 99 1.14 23.24 -3.21
C LYS D 99 -0.32 23.59 -3.38
N LYS D 100 -1.03 23.60 -2.25
CA LYS D 100 -2.43 24.02 -2.21
C LYS D 100 -2.49 25.34 -1.46
N ASP D 101 -2.36 26.43 -2.21
CA ASP D 101 -2.51 27.78 -1.65
C ASP D 101 -3.82 28.43 -2.08
N LYS D 102 -4.74 27.64 -2.62
CA LYS D 102 -6.07 28.09 -2.99
C LYS D 102 -7.07 27.04 -2.54
N SER D 103 -8.31 27.49 -2.31
CA SER D 103 -9.36 26.55 -1.98
C SER D 103 -9.59 25.57 -3.13
N ARG D 104 -9.70 24.29 -2.80
CA ARG D 104 -10.00 23.21 -3.73
C ARG D 104 -8.90 23.01 -4.78
N ALA D 105 -7.75 23.65 -4.61
CA ALA D 105 -6.70 23.52 -5.60
C ALA D 105 -6.04 22.15 -5.53
N PRO D 106 -5.83 21.49 -6.66
CA PRO D 106 -5.08 20.24 -6.66
C PRO D 106 -3.59 20.47 -6.53
N ILE D 107 -2.91 19.51 -5.95
CA ILE D 107 -1.45 19.48 -5.99
C ILE D 107 -1.11 18.53 -7.15
N SER D 108 -1.07 19.08 -8.35
CA SER D 108 -0.93 18.25 -9.54
C SER D 108 0.44 17.60 -9.62
N ALA D 109 1.48 18.25 -9.08
CA ALA D 109 2.80 17.63 -9.05
C ALA D 109 2.79 16.37 -8.20
N LYS D 110 2.11 16.41 -7.06
CA LYS D 110 1.98 15.21 -6.23
C LYS D 110 1.19 14.13 -6.94
N LEU D 111 0.14 14.50 -7.67
CA LEU D 111 -0.61 13.52 -8.43
C LEU D 111 0.25 12.87 -9.51
N VAL D 112 1.06 13.67 -10.19
CA VAL D 112 1.96 13.13 -11.20
C VAL D 112 2.98 12.19 -10.57
N ALA D 113 3.51 12.57 -9.41
CA ALA D 113 4.43 11.69 -8.70
C ALA D 113 3.77 10.38 -8.32
N ASN D 114 2.54 10.43 -7.81
CA ASN D 114 1.81 9.22 -7.45
C ASN D 114 1.54 8.35 -8.68
N MET D 115 1.20 8.99 -9.80
CA MET D 115 0.97 8.24 -11.03
C MET D 115 2.25 7.56 -11.52
N LEU D 116 3.38 8.26 -11.44
CA LEU D 116 4.65 7.65 -11.82
C LEU D 116 4.99 6.49 -10.88
N SER D 117 4.72 6.65 -9.58
CA SER D 117 4.99 5.58 -8.64
C SER D 117 4.12 4.36 -8.90
N VAL D 118 2.84 4.57 -9.18
CA VAL D 118 1.95 3.44 -9.40
C VAL D 118 2.19 2.81 -10.77
N ALA D 119 2.72 3.57 -11.73
CA ALA D 119 3.14 2.97 -12.99
C ALA D 119 4.33 2.04 -12.81
N GLY D 120 5.12 2.24 -11.76
CA GLY D 120 6.19 1.33 -11.44
C GLY D 120 7.58 1.91 -11.54
N ALA D 121 7.69 3.22 -11.61
CA ALA D 121 8.99 3.86 -11.65
C ALA D 121 9.74 3.59 -10.34
N ASP D 122 11.01 3.21 -10.46
CA ASP D 122 11.87 2.98 -9.32
C ASP D 122 12.83 4.13 -9.05
N HIS D 123 12.96 5.05 -10.00
CA HIS D 123 13.96 6.11 -9.92
C HIS D 123 13.53 7.23 -10.87
N ILE D 124 13.72 8.46 -10.44
CA ILE D 124 13.42 9.63 -11.24
C ILE D 124 14.69 10.46 -11.39
N ILE D 125 15.02 10.82 -12.63
CA ILE D 125 16.10 11.74 -12.92
C ILE D 125 15.50 12.94 -13.61
N THR D 126 15.71 14.12 -13.04
CA THR D 126 15.14 15.35 -13.55
C THR D 126 16.14 16.48 -13.38
N MET D 127 15.89 17.58 -14.07
CA MET D 127 16.77 18.74 -14.00
C MET D 127 16.00 19.95 -13.51
N ASP D 128 16.53 20.59 -12.47
CA ASP D 128 16.04 21.88 -11.97
C ASP D 128 14.53 21.87 -11.76
N LEU D 129 14.10 21.05 -10.81
CA LEU D 129 12.71 21.04 -10.40
C LEU D 129 12.27 22.44 -9.99
N HIS D 130 11.06 22.82 -10.41
CA HIS D 130 10.53 24.13 -10.03
C HIS D 130 10.55 24.30 -8.52
N ALA D 131 10.24 23.24 -7.80
CA ALA D 131 10.43 23.19 -6.35
C ALA D 131 11.19 21.93 -6.02
N SER D 132 12.32 22.08 -5.34
CA SER D 132 13.14 20.92 -4.98
C SER D 132 12.40 19.96 -4.06
N GLN D 133 11.39 20.45 -3.34
CA GLN D 133 10.60 19.59 -2.46
C GLN D 133 9.82 18.54 -3.24
N ILE D 134 9.70 18.69 -4.55
CA ILE D 134 9.08 17.66 -5.37
C ILE D 134 9.80 16.33 -5.22
N GLN D 135 11.10 16.37 -4.89
CA GLN D 135 11.81 15.14 -4.54
C GLN D 135 11.08 14.39 -3.43
N GLY D 136 10.50 15.12 -2.48
CA GLY D 136 9.74 14.53 -1.41
C GLY D 136 8.36 14.06 -1.78
N PHE D 137 7.92 14.32 -3.00
CA PHE D 137 6.63 13.82 -3.46
C PHE D 137 6.68 12.33 -3.80
N PHE D 138 7.88 11.77 -3.94
CA PHE D 138 8.08 10.35 -4.21
C PHE D 138 8.60 9.66 -2.96
N ASP D 139 8.44 8.34 -2.93
CA ASP D 139 9.13 7.48 -1.98
C ASP D 139 10.31 6.75 -2.61
N ILE D 140 10.66 7.10 -3.84
CA ILE D 140 11.80 6.52 -4.54
C ILE D 140 12.87 7.59 -4.66
N PRO D 141 14.13 7.24 -4.93
CA PRO D 141 15.14 8.28 -5.13
C PRO D 141 14.80 9.16 -6.33
N VAL D 142 15.01 10.45 -6.16
CA VAL D 142 14.76 11.44 -7.21
C VAL D 142 16.00 12.29 -7.37
N ASP D 143 16.61 12.22 -8.55
CA ASP D 143 17.80 13.01 -8.86
C ASP D 143 17.36 14.35 -9.43
N ASN D 144 17.66 15.42 -8.71
CA ASN D 144 17.33 16.78 -9.13
C ASN D 144 18.63 17.43 -9.58
N LEU D 145 18.97 17.24 -10.85
CA LEU D 145 20.20 17.78 -11.40
C LEU D 145 20.09 19.28 -11.62
N TYR D 146 21.21 19.96 -11.49
CA TYR D 146 21.26 21.41 -11.68
C TYR D 146 21.87 21.73 -13.04
N ALA D 147 21.29 22.71 -13.72
CA ALA D 147 21.94 23.28 -14.89
C ALA D 147 22.87 24.42 -14.51
N GLU D 148 23.03 24.70 -13.21
CA GLU D 148 23.83 25.83 -12.77
C GLU D 148 25.28 25.77 -13.22
N PRO D 149 26.00 24.63 -13.13
CA PRO D 149 27.38 24.63 -13.67
C PRO D 149 27.45 24.98 -15.14
N ALA D 150 26.46 24.51 -15.92
CA ALA D 150 26.43 24.81 -17.38
C ALA D 150 26.12 26.30 -17.60
N VAL D 151 25.27 26.88 -16.76
CA VAL D 151 24.90 28.33 -16.88
C VAL D 151 26.16 29.16 -16.61
N LEU D 152 26.87 28.87 -15.53
CA LEU D 152 28.08 29.61 -15.16
C LEU D 152 29.11 29.53 -16.28
N LYS D 153 29.27 28.35 -16.88
CA LYS D 153 30.18 28.21 -18.01
C LYS D 153 29.78 29.13 -19.15
N TRP D 154 28.49 29.14 -19.50
CA TRP D 154 28.02 30.00 -20.57
C TRP D 154 28.26 31.47 -20.25
N ILE D 155 28.00 31.89 -19.01
CA ILE D 155 28.19 33.28 -18.63
C ILE D 155 29.65 33.67 -18.76
N ARG D 156 30.54 32.84 -18.22
CA ARG D 156 31.96 33.16 -18.27
C ARG D 156 32.52 33.12 -19.69
N GLU D 157 31.92 32.36 -20.60
CA GLU D 157 32.43 32.28 -21.95
C GLU D 157 31.77 33.22 -22.95
N ASN D 158 30.59 33.77 -22.63
CA ASN D 158 29.83 34.53 -23.61
C ASN D 158 29.55 35.97 -23.22
N ILE D 159 29.78 36.37 -21.98
CA ILE D 159 29.53 37.73 -21.52
C ILE D 159 30.88 38.30 -21.08
N SER D 160 31.39 39.27 -21.83
CA SER D 160 32.74 39.77 -21.59
C SER D 160 32.84 40.46 -20.24
N GLU D 161 31.82 41.22 -19.86
CA GLU D 161 31.81 41.97 -18.61
C GLU D 161 31.07 41.24 -17.50
N TRP D 162 31.18 39.92 -17.47
CA TRP D 162 30.44 39.14 -16.48
C TRP D 162 30.92 39.43 -15.05
N ARG D 163 32.17 39.84 -14.88
CA ARG D 163 32.67 40.12 -13.54
C ARG D 163 32.06 41.39 -12.95
N ASN D 164 31.53 42.28 -13.78
CA ASN D 164 30.84 43.48 -13.31
C ASN D 164 29.34 43.40 -13.50
N CYS D 165 28.82 42.23 -13.86
CA CYS D 165 27.40 42.09 -14.11
C CYS D 165 26.64 41.95 -12.79
N THR D 166 25.32 42.02 -12.89
CA THR D 166 24.44 41.75 -11.77
C THR D 166 23.42 40.70 -12.22
N ILE D 167 23.27 39.66 -11.41
CA ILE D 167 22.31 38.60 -11.71
C ILE D 167 20.97 38.99 -11.10
N VAL D 168 19.92 38.97 -11.90
CA VAL D 168 18.62 39.53 -11.52
C VAL D 168 17.61 38.40 -11.44
N SER D 169 16.90 38.35 -10.31
CA SER D 169 15.75 37.46 -10.19
C SER D 169 14.51 38.12 -10.78
N PRO D 170 13.81 37.46 -11.70
CA PRO D 170 12.59 38.05 -12.26
C PRO D 170 11.40 38.02 -11.32
N ASP D 171 11.46 37.24 -10.24
CA ASP D 171 10.39 37.23 -9.24
C ASP D 171 11.00 36.89 -7.89
N ALA D 172 10.18 36.91 -6.84
CA ALA D 172 10.65 36.62 -5.50
C ALA D 172 11.08 35.16 -5.35
N GLY D 173 10.43 34.25 -6.06
CA GLY D 173 10.74 32.84 -5.91
C GLY D 173 12.09 32.43 -6.47
N GLY D 174 12.66 33.23 -7.37
CA GLY D 174 13.95 32.92 -7.94
C GLY D 174 15.14 33.41 -7.14
N ALA D 175 14.89 33.96 -5.95
CA ALA D 175 15.95 34.63 -5.20
C ALA D 175 17.07 33.67 -4.84
N LYS D 176 16.74 32.45 -4.42
CA LYS D 176 17.77 31.49 -4.04
C LYS D 176 18.68 31.15 -5.21
N ARG D 177 18.08 30.89 -6.38
CA ARG D 177 18.86 30.56 -7.56
C ARG D 177 19.78 31.72 -7.96
N VAL D 178 19.24 32.94 -7.95
CA VAL D 178 20.05 34.11 -8.30
C VAL D 178 21.15 34.36 -7.29
N THR D 179 20.86 34.22 -6.00
CA THR D 179 21.91 34.44 -5.01
C THR D 179 23.01 33.39 -5.15
N SER D 180 22.63 32.13 -5.41
CA SER D 180 23.63 31.10 -5.61
C SER D 180 24.52 31.41 -6.81
N ILE D 181 23.92 31.83 -7.92
CA ILE D 181 24.71 32.14 -9.11
C ILE D 181 25.61 33.35 -8.86
N ALA D 182 25.08 34.38 -8.20
CA ALA D 182 25.88 35.57 -7.91
C ALA D 182 27.04 35.26 -6.97
N ASP D 183 26.81 34.39 -5.98
CA ASP D 183 27.89 33.93 -5.12
C ASP D 183 28.96 33.20 -5.91
N ARG D 184 28.55 32.29 -6.79
CA ARG D 184 29.54 31.54 -7.58
C ARG D 184 30.31 32.44 -8.52
N LEU D 185 29.68 33.49 -9.05
CA LEU D 185 30.37 34.43 -9.91
C LEU D 185 31.01 35.58 -9.15
N ASN D 186 30.76 35.69 -7.85
CA ASN D 186 31.23 36.82 -7.04
C ASN D 186 30.81 38.15 -7.65
N VAL D 187 29.52 38.27 -7.92
CA VAL D 187 28.95 39.47 -8.53
C VAL D 187 27.75 39.90 -7.70
N ASP D 188 27.28 41.11 -7.98
CA ASP D 188 26.08 41.63 -7.33
C ASP D 188 24.85 40.90 -7.84
N PHE D 189 23.78 40.98 -7.08
CA PHE D 189 22.49 40.46 -7.51
C PHE D 189 21.41 41.49 -7.24
N ALA D 190 20.32 41.37 -7.98
CA ALA D 190 19.15 42.20 -7.80
C ALA D 190 17.91 41.32 -7.89
N LEU D 191 16.80 41.83 -7.38
CA LEU D 191 15.54 41.12 -7.43
C LEU D 191 14.47 42.05 -7.97
N ILE D 192 13.61 41.50 -8.83
CA ILE D 192 12.48 42.23 -9.39
C ILE D 192 11.21 41.53 -8.93
N HIS D 193 10.26 42.31 -8.42
CA HIS D 193 8.99 41.77 -7.96
C HIS D 193 7.86 42.48 -8.66
N LYS D 194 6.93 41.71 -9.21
CA LYS D 194 5.67 42.25 -9.70
C LYS D 194 4.66 42.19 -8.58
N GLU D 195 4.20 43.35 -8.10
CA GLU D 195 3.33 43.30 -6.93
C GLU D 195 1.94 42.78 -7.30
N ARG D 196 1.24 42.31 -6.28
CA ARG D 196 0.02 41.54 -6.50
C ARG D 196 -1.07 42.40 -7.12
N LYS D 197 -1.87 41.77 -7.97
CA LYS D 197 -2.91 42.43 -8.74
C LYS D 197 -4.16 42.56 -7.88
N LYS D 198 -4.22 43.67 -7.13
CA LYS D 198 -5.38 43.88 -6.26
C LYS D 198 -6.59 44.32 -7.07
N ALA D 199 -6.37 45.02 -8.18
CA ALA D 199 -7.45 45.49 -9.03
C ALA D 199 -6.93 45.51 -10.47
N ASN D 200 -7.64 46.21 -11.35
CA ASN D 200 -7.32 46.22 -12.77
C ASN D 200 -6.47 47.41 -13.18
N GLU D 201 -5.62 47.93 -12.29
CA GLU D 201 -4.71 48.99 -12.70
C GLU D 201 -3.48 48.40 -13.40
N VAL D 202 -2.52 49.27 -13.69
CA VAL D 202 -1.33 48.84 -14.41
C VAL D 202 -0.46 47.98 -13.52
N ASP D 203 0.02 46.87 -14.09
CA ASP D 203 1.04 46.07 -13.43
C ASP D 203 2.31 46.89 -13.28
N ARG D 204 2.80 47.02 -12.05
CA ARG D 204 4.01 47.76 -11.78
C ARG D 204 5.03 46.85 -11.11
N MET D 205 6.29 47.03 -11.46
CA MET D 205 7.37 46.17 -11.01
C MET D 205 8.32 46.97 -10.13
N VAL D 206 8.67 46.40 -8.99
CA VAL D 206 9.62 47.00 -8.08
C VAL D 206 10.94 46.26 -8.21
N LEU D 207 12.02 47.03 -8.28
CA LEU D 207 13.38 46.49 -8.37
C LEU D 207 14.13 46.84 -7.09
N VAL D 208 14.71 45.83 -6.45
CA VAL D 208 15.60 46.02 -5.32
C VAL D 208 17.00 45.60 -5.74
N GLY D 209 17.95 46.51 -5.57
CA GLY D 209 19.29 46.30 -6.07
C GLY D 209 19.63 47.30 -7.17
N ASP D 210 20.92 47.42 -7.44
CA ASP D 210 21.45 48.41 -8.38
C ASP D 210 21.87 47.70 -9.66
N VAL D 211 21.28 48.12 -10.78
CA VAL D 211 21.62 47.58 -12.08
C VAL D 211 22.05 48.67 -13.06
N LYS D 212 22.21 49.90 -12.57
CA LYS D 212 22.48 51.03 -13.45
C LYS D 212 23.86 50.91 -14.09
N ASP D 213 23.90 51.08 -15.42
CA ASP D 213 25.13 51.07 -16.21
C ASP D 213 25.88 49.74 -16.09
N ARG D 214 25.17 48.66 -15.79
CA ARG D 214 25.76 47.34 -15.72
C ARG D 214 24.96 46.38 -16.58
N VAL D 215 25.63 45.32 -17.00
CA VAL D 215 24.95 44.23 -17.68
C VAL D 215 24.11 43.47 -16.65
N ALA D 216 22.84 43.25 -16.99
CA ALA D 216 21.93 42.52 -16.13
C ALA D 216 21.67 41.15 -16.75
N ILE D 217 21.83 40.11 -15.96
CA ILE D 217 21.56 38.74 -16.38
C ILE D 217 20.34 38.27 -15.60
N LEU D 218 19.24 38.07 -16.31
CA LEU D 218 18.04 37.48 -15.72
C LEU D 218 18.21 35.96 -15.68
N VAL D 219 18.11 35.38 -14.49
CA VAL D 219 18.21 33.95 -14.31
C VAL D 219 16.94 33.46 -13.64
N ASP D 220 16.28 32.49 -14.28
CA ASP D 220 15.08 31.89 -13.74
C ASP D 220 15.07 30.41 -14.11
N ASP D 221 14.17 29.67 -13.48
CA ASP D 221 14.08 28.24 -13.75
C ASP D 221 13.37 27.95 -15.07
N MET D 222 12.46 28.81 -15.50
CA MET D 222 11.74 28.54 -16.72
C MET D 222 11.16 29.83 -17.28
N ALA D 223 10.88 29.81 -18.58
CA ALA D 223 10.19 30.89 -19.26
C ALA D 223 9.06 30.26 -20.08
N ASP D 224 7.84 30.30 -19.54
CA ASP D 224 6.70 29.68 -20.22
C ASP D 224 6.11 30.64 -21.25
N THR D 225 5.53 31.74 -20.79
CA THR D 225 5.00 32.77 -21.67
C THR D 225 5.96 33.95 -21.82
N CYS D 226 7.04 33.95 -21.06
CA CYS D 226 8.04 35.00 -21.04
C CYS D 226 7.49 36.33 -20.55
N GLY D 227 6.31 36.33 -19.94
CA GLY D 227 5.82 37.54 -19.31
C GLY D 227 6.72 38.00 -18.18
N THR D 228 7.18 37.06 -17.36
CA THR D 228 8.07 37.40 -16.25
C THR D 228 9.37 38.02 -16.74
N ILE D 229 10.06 37.35 -17.66
CA ILE D 229 11.35 37.84 -18.11
C ILE D 229 11.19 39.10 -18.96
N CYS D 230 10.13 39.19 -19.76
CA CYS D 230 9.96 40.40 -20.57
C CYS D 230 9.66 41.62 -19.70
N HIS D 231 8.75 41.46 -18.73
CA HIS D 231 8.47 42.57 -17.82
C HIS D 231 9.71 42.95 -17.03
N ALA D 232 10.47 41.95 -16.57
CA ALA D 232 11.71 42.22 -15.86
C ALA D 232 12.70 42.94 -16.75
N ALA D 233 12.75 42.60 -18.04
CA ALA D 233 13.67 43.25 -18.96
C ALA D 233 13.30 44.70 -19.18
N ASP D 234 12.01 44.99 -19.34
CA ASP D 234 11.58 46.38 -19.44
C ASP D 234 11.97 47.15 -18.18
N LYS D 235 11.73 46.56 -17.01
CA LYS D 235 12.09 47.22 -15.76
C LYS D 235 13.59 47.46 -15.68
N LEU D 236 14.39 46.47 -16.08
CA LEU D 236 15.84 46.59 -16.01
C LEU D 236 16.36 47.70 -16.92
N LEU D 237 15.84 47.78 -18.15
CA LEU D 237 16.24 48.88 -19.02
C LEU D 237 15.80 50.22 -18.46
N SER D 238 14.57 50.28 -17.93
CA SER D 238 14.11 51.52 -17.33
C SER D 238 14.96 51.93 -16.14
N ALA D 239 15.61 50.96 -15.49
CA ALA D 239 16.45 51.23 -14.34
C ALA D 239 17.90 51.53 -14.72
N GLY D 240 18.23 51.54 -16.00
CA GLY D 240 19.55 51.92 -16.44
C GLY D 240 20.50 50.78 -16.75
N ALA D 241 20.02 49.56 -16.90
CA ALA D 241 20.87 48.46 -17.32
C ALA D 241 21.35 48.69 -18.75
N THR D 242 22.63 48.41 -19.01
CA THR D 242 23.16 48.57 -20.35
C THR D 242 22.66 47.48 -21.29
N ARG D 243 22.91 46.23 -20.93
CA ARG D 243 22.44 45.08 -21.69
C ARG D 243 21.72 44.13 -20.76
N VAL D 244 20.75 43.39 -21.30
CA VAL D 244 19.95 42.46 -20.51
C VAL D 244 20.03 41.09 -21.17
N TYR D 245 20.45 40.09 -20.41
CA TYR D 245 20.41 38.71 -20.82
C TYR D 245 19.36 37.96 -20.01
N ALA D 246 18.82 36.91 -20.60
CA ALA D 246 17.92 36.00 -19.91
C ALA D 246 18.46 34.59 -20.06
N ILE D 247 18.67 33.92 -18.93
CA ILE D 247 19.13 32.54 -18.91
C ILE D 247 18.12 31.72 -18.13
N LEU D 248 17.56 30.71 -18.79
CA LEU D 248 16.61 29.79 -18.19
C LEU D 248 17.16 28.38 -18.35
N THR D 249 16.66 27.47 -17.53
CA THR D 249 16.98 26.08 -17.84
C THR D 249 15.89 25.41 -18.67
N HIS D 250 14.62 25.76 -18.45
CA HIS D 250 13.52 25.20 -19.22
C HIS D 250 12.94 26.29 -20.12
N GLY D 251 13.17 26.17 -21.42
CA GLY D 251 12.53 27.06 -22.35
C GLY D 251 11.23 26.47 -22.88
N ILE D 252 10.12 26.82 -22.24
CA ILE D 252 8.83 26.32 -22.70
C ILE D 252 8.33 27.13 -23.88
N PHE D 253 8.41 28.45 -23.78
CA PHE D 253 8.10 29.36 -24.88
C PHE D 253 6.72 29.09 -25.48
N SER D 254 5.75 28.84 -24.62
CA SER D 254 4.39 28.63 -25.08
C SER D 254 3.70 29.95 -25.36
N GLY D 255 2.65 29.89 -26.17
CA GLY D 255 1.81 31.02 -26.45
C GLY D 255 2.54 32.17 -27.12
N PRO D 256 2.44 33.36 -26.53
CA PRO D 256 3.00 34.56 -27.12
C PRO D 256 4.48 34.80 -26.83
N ALA D 257 5.19 33.77 -26.33
CA ALA D 257 6.56 33.98 -25.86
C ALA D 257 7.50 34.41 -26.98
N ILE D 258 7.37 33.81 -28.15
CA ILE D 258 8.32 34.11 -29.23
C ILE D 258 8.16 35.55 -29.70
N SER D 259 6.92 36.01 -29.87
CA SER D 259 6.69 37.40 -30.25
C SER D 259 7.14 38.34 -29.14
N ARG D 260 6.93 37.96 -27.88
CA ARG D 260 7.37 38.78 -26.76
C ARG D 260 8.89 38.94 -26.76
N ILE D 261 9.62 37.85 -26.98
CA ILE D 261 11.07 37.91 -26.98
C ILE D 261 11.58 38.71 -28.17
N ASN D 262 10.99 38.47 -29.34
CA ASN D 262 11.42 39.19 -30.53
C ASN D 262 11.22 40.69 -30.39
N ASN D 263 10.23 41.11 -29.63
CA ASN D 263 9.97 42.52 -29.38
C ASN D 263 10.60 43.03 -28.10
N ALA D 264 11.33 42.19 -27.39
CA ALA D 264 12.01 42.59 -26.17
C ALA D 264 13.42 43.07 -26.50
N CYS D 265 14.17 43.40 -25.45
CA CYS D 265 15.49 44.01 -25.58
C CYS D 265 16.62 43.05 -25.22
N PHE D 266 16.34 41.75 -25.20
CA PHE D 266 17.32 40.78 -24.72
C PHE D 266 18.51 40.72 -25.67
N GLU D 267 19.72 40.73 -25.10
CA GLU D 267 20.90 40.41 -25.88
C GLU D 267 20.88 38.97 -26.34
N ALA D 268 20.45 38.06 -25.45
CA ALA D 268 20.30 36.65 -25.78
C ALA D 268 19.37 36.03 -24.76
N VAL D 269 18.57 35.08 -25.21
CA VAL D 269 17.76 34.24 -24.33
C VAL D 269 18.36 32.86 -24.36
N VAL D 270 18.91 32.42 -23.24
CA VAL D 270 19.67 31.18 -23.16
C VAL D 270 18.85 30.16 -22.40
N VAL D 271 18.62 29.00 -23.01
CA VAL D 271 17.90 27.90 -22.38
C VAL D 271 18.71 26.63 -22.58
N THR D 272 18.45 25.64 -21.74
CA THR D 272 18.97 24.33 -21.99
C THR D 272 18.06 23.58 -22.97
N ASN D 273 18.49 22.40 -23.41
CA ASN D 273 17.68 21.58 -24.27
C ASN D 273 16.92 20.50 -23.50
N THR D 274 16.51 20.81 -22.26
CA THR D 274 15.54 19.94 -21.58
C THR D 274 14.23 19.88 -22.33
N ILE D 275 13.93 20.91 -23.13
CA ILE D 275 12.76 20.94 -24.01
C ILE D 275 13.31 21.16 -25.41
N PRO D 276 12.76 20.53 -26.45
CA PRO D 276 13.24 20.78 -27.80
C PRO D 276 13.07 22.25 -28.16
N GLN D 277 14.12 22.82 -28.74
CA GLN D 277 14.14 24.24 -29.08
C GLN D 277 14.29 24.50 -30.56
N GLU D 278 14.36 23.47 -31.39
CA GLU D 278 14.63 23.65 -32.81
C GLU D 278 13.59 24.57 -33.45
N ASP D 279 12.32 24.32 -33.17
CA ASP D 279 11.26 25.15 -33.73
C ASP D 279 11.33 26.57 -33.18
N LYS D 280 11.61 26.72 -31.89
CA LYS D 280 11.68 28.05 -31.29
C LYS D 280 12.82 28.88 -31.87
N MET D 281 13.98 28.26 -32.08
CA MET D 281 15.12 29.00 -32.62
C MET D 281 14.88 29.47 -34.05
N LYS D 282 14.02 28.78 -34.80
CA LYS D 282 13.76 29.19 -36.17
C LYS D 282 12.98 30.49 -36.26
N HIS D 283 12.22 30.83 -35.22
CA HIS D 283 11.43 32.07 -35.21
C HIS D 283 11.98 33.13 -34.28
N CYS D 284 13.02 32.83 -33.50
CA CYS D 284 13.61 33.81 -32.59
C CYS D 284 15.12 33.62 -32.61
N SER D 285 15.82 34.53 -33.27
CA SER D 285 17.27 34.46 -33.34
C SER D 285 17.94 34.69 -32.00
N LYS D 286 17.24 35.33 -31.06
CA LYS D 286 17.83 35.60 -29.75
C LYS D 286 18.05 34.34 -28.92
N ILE D 287 17.35 33.26 -29.23
CA ILE D 287 17.43 32.05 -28.41
C ILE D 287 18.72 31.31 -28.72
N GLN D 288 19.46 30.97 -27.68
CA GLN D 288 20.61 30.09 -27.75
C GLN D 288 20.41 28.94 -26.77
N VAL D 289 21.01 27.79 -27.09
CA VAL D 289 20.73 26.56 -26.37
C VAL D 289 22.02 26.04 -25.74
N ILE D 290 21.95 25.74 -24.44
CA ILE D 290 23.00 25.00 -23.76
C ILE D 290 22.63 23.53 -23.78
N ASP D 291 23.48 22.71 -24.37
CA ASP D 291 23.25 21.28 -24.38
C ASP D 291 23.51 20.72 -22.99
N ILE D 292 22.52 20.05 -22.41
CA ILE D 292 22.68 19.38 -21.13
C ILE D 292 22.63 17.87 -21.29
N SER D 293 22.69 17.37 -22.53
CA SER D 293 22.63 15.93 -22.74
C SER D 293 23.80 15.20 -22.09
N MET D 294 24.96 15.86 -21.98
CA MET D 294 26.08 15.22 -21.30
C MET D 294 25.81 15.08 -19.81
N ILE D 295 25.13 16.05 -19.21
CA ILE D 295 24.78 15.94 -17.80
C ILE D 295 23.83 14.78 -17.57
N LEU D 296 22.79 14.68 -18.40
CA LEU D 296 21.83 13.59 -18.25
C LEU D 296 22.48 12.24 -18.53
N ALA D 297 23.32 12.17 -19.55
CA ALA D 297 24.00 10.92 -19.87
C ALA D 297 24.91 10.49 -18.73
N GLU D 298 25.66 11.42 -18.15
CA GLU D 298 26.51 11.09 -17.01
C GLU D 298 25.67 10.66 -15.82
N ALA D 299 24.54 11.31 -15.59
CA ALA D 299 23.67 10.90 -14.49
C ALA D 299 23.16 9.49 -14.69
N ILE D 300 22.74 9.16 -15.91
CA ILE D 300 22.25 7.81 -16.19
C ILE D 300 23.37 6.78 -16.02
N ARG D 301 24.56 7.10 -16.53
CA ARG D 301 25.69 6.19 -16.44
C ARG D 301 26.09 5.95 -14.99
N ARG D 302 26.12 7.00 -14.19
CA ARG D 302 26.50 6.85 -12.79
C ARG D 302 25.42 6.12 -12.00
N THR D 303 24.14 6.37 -12.33
CA THR D 303 23.07 5.62 -11.70
C THR D 303 23.20 4.14 -11.99
N HIS D 304 23.49 3.79 -13.24
CA HIS D 304 23.66 2.39 -13.61
C HIS D 304 24.86 1.78 -12.93
N ASN D 305 25.95 2.53 -12.82
CA ASN D 305 27.19 2.02 -12.24
C ASN D 305 27.24 2.13 -10.73
N GLY D 306 26.20 2.67 -10.11
CA GLY D 306 26.22 2.84 -8.66
C GLY D 306 27.26 3.83 -8.18
N ALA D 307 27.41 4.95 -8.87
CA ALA D 307 28.34 5.99 -8.52
C ALA D 307 27.60 7.28 -8.19
N SER D 308 28.23 8.11 -7.36
CA SER D 308 27.63 9.38 -6.96
C SER D 308 27.49 10.31 -8.15
N VAL D 309 26.40 11.09 -8.17
CA VAL D 309 26.21 12.13 -9.17
C VAL D 309 26.60 13.50 -8.64
N SER D 310 27.23 13.56 -7.47
CA SER D 310 27.62 14.84 -6.88
C SER D 310 28.58 15.60 -7.78
N TYR D 311 29.38 14.88 -8.57
CA TYR D 311 30.31 15.52 -9.50
C TYR D 311 29.59 16.43 -10.48
N LEU D 312 28.34 16.09 -10.83
CA LEU D 312 27.58 16.86 -11.81
C LEU D 312 27.15 18.23 -11.27
N PHE D 313 27.24 18.45 -9.97
CA PHE D 313 26.83 19.72 -9.38
C PHE D 313 27.96 20.73 -9.28
N SER D 314 29.17 20.36 -9.69
CA SER D 314 30.30 21.28 -9.71
C SER D 314 30.98 21.37 -11.07
N HIS D 315 30.72 20.44 -11.98
CA HIS D 315 31.42 20.39 -13.26
C HIS D 315 30.44 20.06 -14.37
N VAL D 316 30.75 20.51 -15.57
CA VAL D 316 30.03 20.14 -16.78
C VAL D 316 30.87 19.12 -17.53
N PRO D 317 30.43 17.86 -17.63
CA PRO D 317 31.21 16.80 -18.30
C PRO D 317 31.37 17.02 -19.79
N PRO E 2 -24.05 13.96 3.57
CA PRO E 2 -23.43 14.32 2.28
C PRO E 2 -24.44 14.54 1.17
N ASN E 3 -24.16 15.46 0.28
CA ASN E 3 -25.02 15.78 -0.85
C ASN E 3 -24.35 15.39 -2.15
N ILE E 4 -25.16 15.09 -3.16
CA ILE E 4 -24.63 14.79 -4.48
C ILE E 4 -24.05 16.07 -5.08
N LYS E 5 -22.79 16.00 -5.48
CA LYS E 5 -22.15 17.05 -6.27
C LYS E 5 -21.74 16.44 -7.60
N ILE E 6 -22.29 16.97 -8.69
CA ILE E 6 -22.00 16.47 -10.03
C ILE E 6 -21.06 17.47 -10.69
N PHE E 7 -19.88 17.01 -11.07
CA PHE E 7 -18.90 17.83 -11.77
C PHE E 7 -18.66 17.26 -13.15
N SER E 8 -18.56 18.16 -14.13
CA SER E 8 -18.33 17.77 -15.51
C SER E 8 -16.89 18.07 -15.92
N GLY E 9 -16.26 17.10 -16.57
CA GLY E 9 -15.05 17.37 -17.31
C GLY E 9 -15.37 17.98 -18.66
N SER E 10 -14.32 18.20 -19.45
CA SER E 10 -14.49 18.83 -20.75
C SER E 10 -15.01 17.86 -21.81
N SER E 11 -15.01 16.55 -21.52
CA SER E 11 -15.28 15.58 -22.58
C SER E 11 -16.74 15.61 -23.02
N HIS E 12 -17.67 15.36 -22.10
CA HIS E 12 -19.08 15.24 -22.44
C HIS E 12 -19.90 16.08 -21.46
N GLN E 13 -19.98 17.38 -21.72
CA GLN E 13 -20.67 18.27 -20.80
C GLN E 13 -22.17 18.26 -21.02
N ASP E 14 -22.64 17.96 -22.24
CA ASP E 14 -24.07 17.82 -22.47
C ASP E 14 -24.63 16.64 -21.69
N LEU E 15 -23.92 15.52 -21.66
CA LEU E 15 -24.37 14.38 -20.87
C LEU E 15 -24.37 14.71 -19.38
N SER E 16 -23.35 15.43 -18.92
CA SER E 16 -23.32 15.85 -17.52
C SER E 16 -24.51 16.73 -17.19
N GLN E 17 -24.85 17.65 -18.11
CA GLN E 17 -26.02 18.50 -17.90
C GLN E 17 -27.29 17.68 -17.84
N LYS E 18 -27.43 16.70 -18.73
CA LYS E 18 -28.63 15.85 -18.71
C LYS E 18 -28.73 15.08 -17.40
N ILE E 19 -27.60 14.55 -16.92
CA ILE E 19 -27.59 13.81 -15.66
C ILE E 19 -28.00 14.73 -14.51
N ALA E 20 -27.43 15.94 -14.49
CA ALA E 20 -27.75 16.89 -13.42
C ALA E 20 -29.22 17.29 -13.44
N ASP E 21 -29.78 17.52 -14.64
CA ASP E 21 -31.20 17.85 -14.73
C ASP E 21 -32.06 16.70 -14.25
N ARG E 22 -31.72 15.47 -14.62
CA ARG E 22 -32.49 14.32 -14.17
C ARG E 22 -32.37 14.13 -12.67
N LEU E 23 -31.25 14.56 -12.08
CA LEU E 23 -31.10 14.54 -10.63
C LEU E 23 -31.64 15.78 -9.96
N GLY E 24 -32.17 16.73 -10.71
CA GLY E 24 -32.64 17.98 -10.14
C GLY E 24 -31.56 18.80 -9.49
N LEU E 25 -30.38 18.84 -10.10
CA LEU E 25 -29.23 19.54 -9.54
C LEU E 25 -28.62 20.44 -10.61
N GLU E 26 -27.90 21.45 -10.15
CA GLU E 26 -27.00 22.19 -11.02
C GLU E 26 -25.61 21.55 -10.99
N LEU E 27 -24.96 21.58 -12.14
CA LEU E 27 -23.59 21.09 -12.21
C LEU E 27 -22.70 21.87 -11.26
N GLY E 28 -21.78 21.18 -10.61
CA GLY E 28 -20.85 21.85 -9.74
C GLY E 28 -19.97 22.81 -10.51
N LYS E 29 -19.56 23.88 -9.84
CA LYS E 29 -18.75 24.91 -10.48
C LYS E 29 -17.32 24.42 -10.63
N VAL E 30 -16.91 24.19 -11.88
CA VAL E 30 -15.54 23.81 -12.19
C VAL E 30 -15.11 24.56 -13.43
N VAL E 31 -13.88 25.07 -13.40
CA VAL E 31 -13.21 25.58 -14.58
C VAL E 31 -12.18 24.53 -15.00
N THR E 32 -12.38 23.94 -16.17
CA THR E 32 -11.50 22.91 -16.71
C THR E 32 -10.92 23.46 -18.00
N LYS E 33 -9.72 24.02 -17.93
CA LYS E 33 -9.09 24.62 -19.09
C LYS E 33 -7.67 24.08 -19.25
N LYS E 34 -6.89 24.70 -20.13
CA LYS E 34 -5.48 24.38 -20.28
C LYS E 34 -4.62 25.59 -19.98
N PHE E 35 -3.55 25.36 -19.24
CA PHE E 35 -2.51 26.36 -19.14
C PHE E 35 -1.89 26.57 -20.51
N SER E 36 -1.06 27.62 -20.62
CA SER E 36 -0.45 27.95 -21.90
C SER E 36 0.40 26.80 -22.43
N ASN E 37 1.14 26.14 -21.55
CA ASN E 37 1.99 25.01 -21.94
C ASN E 37 1.22 23.71 -22.10
N GLN E 38 -0.11 23.79 -22.20
CA GLN E 38 -1.01 22.67 -22.45
C GLN E 38 -1.13 21.72 -21.26
N GLU E 39 -0.71 22.13 -20.08
CA GLU E 39 -0.98 21.37 -18.88
C GLU E 39 -2.43 21.57 -18.45
N THR E 40 -3.04 20.52 -17.93
CA THR E 40 -4.43 20.60 -17.52
C THR E 40 -4.59 21.50 -16.31
N CYS E 41 -5.52 22.44 -16.39
CA CYS E 41 -5.84 23.34 -15.29
C CYS E 41 -7.25 23.02 -14.79
N VAL E 42 -7.36 22.70 -13.51
CA VAL E 42 -8.63 22.35 -12.89
C VAL E 42 -8.84 23.30 -11.72
N GLU E 43 -9.97 24.02 -11.74
CA GLU E 43 -10.31 24.98 -10.71
C GLU E 43 -11.73 24.68 -10.22
N ILE E 44 -11.82 23.87 -9.18
CA ILE E 44 -13.10 23.58 -8.55
C ILE E 44 -13.57 24.84 -7.84
N GLY E 45 -14.75 25.32 -8.19
CA GLY E 45 -15.26 26.59 -7.72
C GLY E 45 -16.14 26.56 -6.50
N GLU E 46 -16.23 25.44 -5.80
CA GLU E 46 -17.07 25.36 -4.61
C GLU E 46 -16.52 24.31 -3.68
N SER E 47 -16.95 24.37 -2.43
CA SER E 47 -16.56 23.38 -1.44
C SER E 47 -17.17 22.04 -1.75
N VAL E 48 -16.39 20.98 -1.57
CA VAL E 48 -16.89 19.61 -1.67
C VAL E 48 -16.67 18.87 -0.35
N ARG E 49 -16.43 19.60 0.73
CA ARG E 49 -16.15 19.00 2.03
C ARG E 49 -17.30 18.12 2.47
N GLY E 50 -16.99 16.85 2.74
CA GLY E 50 -18.01 15.92 3.17
C GLY E 50 -19.11 15.67 2.16
N GLU E 51 -18.86 15.96 0.89
CA GLU E 51 -19.84 15.79 -0.16
C GLU E 51 -19.62 14.46 -0.89
N ASP E 52 -20.68 13.99 -1.53
CA ASP E 52 -20.63 12.80 -2.38
C ASP E 52 -20.44 13.29 -3.80
N VAL E 53 -19.19 13.26 -4.26
CA VAL E 53 -18.80 13.90 -5.51
C VAL E 53 -18.85 12.88 -6.64
N TYR E 54 -19.54 13.22 -7.72
CA TYR E 54 -19.57 12.42 -8.93
C TYR E 54 -18.98 13.26 -10.06
N ILE E 55 -17.92 12.76 -10.67
CA ILE E 55 -17.24 13.43 -11.77
C ILE E 55 -17.54 12.66 -13.05
N VAL E 56 -18.19 13.33 -14.00
CA VAL E 56 -18.56 12.73 -15.27
C VAL E 56 -17.49 13.07 -16.29
N GLN E 57 -16.85 12.05 -16.84
CA GLN E 57 -15.81 12.25 -17.85
C GLN E 57 -15.74 10.98 -18.69
N SER E 58 -16.08 11.08 -19.95
CA SER E 58 -16.03 9.94 -20.86
C SER E 58 -14.65 9.84 -21.49
N GLY E 59 -14.27 8.61 -21.84
CA GLY E 59 -13.04 8.44 -22.58
C GLY E 59 -13.31 8.62 -24.06
N CYS E 60 -13.08 9.84 -24.53
CA CYS E 60 -13.41 10.22 -25.90
C CYS E 60 -12.73 11.55 -26.17
N GLY E 61 -12.78 11.96 -27.44
CA GLY E 61 -12.13 13.21 -27.81
C GLY E 61 -10.64 13.14 -27.54
N GLU E 62 -10.13 14.17 -26.88
CA GLU E 62 -8.73 14.22 -26.49
C GLU E 62 -8.56 13.29 -25.30
N ILE E 63 -8.25 12.02 -25.59
CA ILE E 63 -8.35 10.95 -24.59
C ILE E 63 -7.44 11.23 -23.40
N ASN E 64 -6.17 11.50 -23.67
CA ASN E 64 -5.22 11.68 -22.57
C ASN E 64 -5.48 12.98 -21.84
N ASP E 65 -5.86 14.02 -22.58
CA ASP E 65 -6.30 15.27 -21.98
C ASP E 65 -7.45 15.04 -21.00
N ASN E 66 -8.47 14.30 -21.45
CA ASN E 66 -9.65 14.07 -20.63
C ASN E 66 -9.34 13.21 -19.43
N LEU E 67 -8.52 12.16 -19.61
CA LEU E 67 -8.17 11.29 -18.50
C LEU E 67 -7.36 12.04 -17.46
N MET E 68 -6.42 12.87 -17.89
CA MET E 68 -5.66 13.67 -16.94
C MET E 68 -6.56 14.66 -16.22
N GLU E 69 -7.51 15.26 -16.94
CA GLU E 69 -8.49 16.14 -16.33
C GLU E 69 -9.26 15.41 -15.23
N LEU E 70 -9.72 14.20 -15.55
CA LEU E 70 -10.47 13.40 -14.58
C LEU E 70 -9.63 13.06 -13.36
N LEU E 71 -8.38 12.65 -13.57
CA LEU E 71 -7.52 12.31 -12.45
C LEU E 71 -7.24 13.52 -11.56
N ILE E 72 -6.97 14.66 -12.18
CA ILE E 72 -6.69 15.87 -11.42
C ILE E 72 -7.93 16.30 -10.62
N MET E 73 -9.11 16.21 -11.24
CA MET E 73 -10.33 16.56 -10.53
C MET E 73 -10.62 15.60 -9.38
N ILE E 74 -10.38 14.30 -9.59
CA ILE E 74 -10.55 13.34 -8.50
C ILE E 74 -9.61 13.66 -7.35
N ASN E 75 -8.34 13.93 -7.66
CA ASN E 75 -7.38 14.21 -6.61
C ASN E 75 -7.71 15.51 -5.88
N ALA E 76 -8.14 16.52 -6.63
CA ALA E 76 -8.52 17.78 -6.00
C ALA E 76 -9.70 17.58 -5.06
N CYS E 77 -10.70 16.80 -5.48
CA CYS E 77 -11.84 16.53 -4.62
C CYS E 77 -11.43 15.75 -3.38
N LYS E 78 -10.54 14.77 -3.54
CA LYS E 78 -10.07 13.99 -2.38
C LYS E 78 -9.31 14.87 -1.39
N ILE E 79 -8.38 15.69 -1.89
CA ILE E 79 -7.63 16.56 -0.99
C ILE E 79 -8.54 17.65 -0.42
N ALA E 80 -9.59 18.01 -1.13
CA ALA E 80 -10.59 18.94 -0.61
C ALA E 80 -11.58 18.28 0.34
N SER E 81 -11.27 17.07 0.81
CA SER E 81 -11.99 16.41 1.89
C SER E 81 -13.42 16.04 1.47
N ALA E 82 -13.58 15.61 0.22
CA ALA E 82 -14.86 15.04 -0.19
C ALA E 82 -15.11 13.74 0.56
N SER E 83 -16.37 13.51 0.92
CA SER E 83 -16.73 12.28 1.61
C SER E 83 -16.46 11.07 0.73
N ARG E 84 -16.80 11.17 -0.56
CA ARG E 84 -16.62 10.08 -1.50
C ARG E 84 -16.51 10.67 -2.89
N VAL E 85 -15.60 10.14 -3.69
CA VAL E 85 -15.38 10.58 -5.06
C VAL E 85 -15.67 9.42 -5.99
N THR E 86 -16.63 9.62 -6.90
CA THR E 86 -17.01 8.61 -7.87
C THR E 86 -16.68 9.13 -9.26
N ALA E 87 -15.98 8.32 -10.04
CA ALA E 87 -15.69 8.65 -11.42
C ALA E 87 -16.76 8.02 -12.30
N VAL E 88 -17.60 8.86 -12.91
CA VAL E 88 -18.61 8.39 -13.86
C VAL E 88 -17.96 8.45 -15.23
N ILE E 89 -17.53 7.30 -15.73
CA ILE E 89 -16.81 7.23 -17.00
C ILE E 89 -17.65 6.43 -17.97
N PRO E 90 -18.54 7.07 -18.73
CA PRO E 90 -19.45 6.31 -19.60
C PRO E 90 -18.74 5.40 -20.59
N CYS E 91 -17.63 5.85 -21.18
CA CYS E 91 -16.81 5.03 -22.05
C CYS E 91 -15.42 4.96 -21.44
N PHE E 92 -15.05 3.79 -20.95
CA PHE E 92 -13.79 3.63 -20.22
C PHE E 92 -12.62 3.73 -21.19
N PRO E 93 -11.69 4.66 -20.99
CA PRO E 93 -10.55 4.77 -21.91
C PRO E 93 -9.59 3.61 -21.75
N TYR E 94 -8.92 3.27 -22.85
CA TYR E 94 -7.93 2.20 -22.91
C TYR E 94 -8.52 0.84 -22.56
N ALA E 95 -9.85 0.70 -22.66
CA ALA E 95 -10.50 -0.54 -22.28
C ALA E 95 -10.11 -1.69 -23.19
N ARG E 96 -9.76 -1.39 -24.45
CA ARG E 96 -9.35 -2.43 -25.38
C ARG E 96 -7.96 -2.96 -25.10
N GLN E 97 -7.17 -2.28 -24.28
CA GLN E 97 -5.86 -2.76 -23.86
C GLN E 97 -5.98 -3.43 -22.50
N ASP E 98 -6.67 -4.56 -22.49
CA ASP E 98 -7.10 -5.23 -21.27
C ASP E 98 -6.34 -6.51 -20.99
N LYS E 99 -5.31 -6.81 -21.77
CA LYS E 99 -4.56 -8.05 -21.60
C LYS E 99 -3.21 -7.89 -22.26
N LYS E 100 -2.31 -8.80 -21.93
CA LYS E 100 -0.98 -8.86 -22.55
C LYS E 100 -0.93 -10.11 -23.39
N ASP E 101 -1.34 -9.99 -24.66
CA ASP E 101 -1.25 -11.07 -25.63
C ASP E 101 -0.14 -10.84 -26.65
N LYS E 102 0.75 -9.88 -26.37
CA LYS E 102 1.91 -9.61 -27.19
C LYS E 102 3.10 -9.39 -26.28
N SER E 103 4.30 -9.65 -26.81
CA SER E 103 5.50 -9.38 -26.05
C SER E 103 5.62 -7.90 -25.73
N ARG E 104 5.94 -7.59 -24.48
CA ARG E 104 6.18 -6.23 -24.00
C ARG E 104 4.94 -5.35 -24.08
N ALA E 105 3.77 -5.92 -24.33
CA ALA E 105 2.56 -5.13 -24.44
C ALA E 105 2.11 -4.64 -23.07
N PRO E 106 1.75 -3.37 -22.94
CA PRO E 106 1.18 -2.88 -21.68
C PRO E 106 -0.27 -3.29 -21.55
N ILE E 107 -0.71 -3.43 -20.31
CA ILE E 107 -2.13 -3.55 -20.00
C ILE E 107 -2.56 -2.15 -19.61
N SER E 108 -2.92 -1.34 -20.61
CA SER E 108 -3.20 0.06 -20.37
C SER E 108 -4.46 0.26 -19.56
N ALA E 109 -5.44 -0.62 -19.70
CA ALA E 109 -6.64 -0.54 -18.88
C ALA E 109 -6.31 -0.68 -17.40
N LYS E 110 -5.43 -1.63 -17.07
CA LYS E 110 -5.00 -1.79 -15.69
C LYS E 110 -4.23 -0.57 -15.20
N LEU E 111 -3.40 0.02 -16.06
CA LEU E 111 -2.70 1.24 -15.68
C LEU E 111 -3.67 2.37 -15.40
N VAL E 112 -4.70 2.51 -16.24
CA VAL E 112 -5.71 3.55 -16.03
C VAL E 112 -6.45 3.30 -14.73
N ALA E 113 -6.78 2.04 -14.45
CA ALA E 113 -7.44 1.70 -13.18
C ALA E 113 -6.56 2.07 -11.99
N ASN E 114 -5.27 1.74 -12.07
CA ASN E 114 -4.35 2.08 -10.99
C ASN E 114 -4.23 3.58 -10.82
N MET E 115 -4.19 4.32 -11.92
CA MET E 115 -4.12 5.77 -11.85
C MET E 115 -5.37 6.36 -11.22
N LEU E 116 -6.55 5.83 -11.57
CA LEU E 116 -7.78 6.29 -10.94
C LEU E 116 -7.78 5.96 -9.45
N SER E 117 -7.29 4.78 -9.08
CA SER E 117 -7.23 4.40 -7.68
C SER E 117 -6.30 5.31 -6.89
N VAL E 118 -5.13 5.62 -7.45
CA VAL E 118 -4.16 6.45 -6.74
C VAL E 118 -4.60 7.91 -6.72
N ALA E 119 -5.39 8.34 -7.71
CA ALA E 119 -5.98 9.68 -7.65
C ALA E 119 -6.98 9.79 -6.52
N GLY E 120 -7.56 8.68 -6.08
CA GLY E 120 -8.44 8.70 -4.92
C GLY E 120 -9.87 8.34 -5.21
N ALA E 121 -10.15 7.78 -6.37
CA ALA E 121 -11.51 7.36 -6.68
C ALA E 121 -11.94 6.26 -5.73
N ASP E 122 -13.16 6.38 -5.20
CA ASP E 122 -13.75 5.38 -4.33
C ASP E 122 -14.76 4.50 -5.03
N HIS E 123 -15.19 4.89 -6.22
CA HIS E 123 -16.27 4.21 -6.93
C HIS E 123 -16.18 4.57 -8.40
N ILE E 124 -16.43 3.60 -9.26
CA ILE E 124 -16.44 3.81 -10.70
C ILE E 124 -17.80 3.41 -11.23
N ILE E 125 -18.41 4.28 -12.03
CA ILE E 125 -19.64 3.98 -12.75
C ILE E 125 -19.33 4.10 -14.23
N THR E 126 -19.56 3.03 -14.97
CA THR E 126 -19.25 2.98 -16.38
C THR E 126 -20.33 2.19 -17.10
N MET E 127 -20.37 2.32 -18.42
CA MET E 127 -21.35 1.62 -19.24
C MET E 127 -20.65 0.72 -20.24
N ASP E 128 -21.04 -0.56 -20.24
CA ASP E 128 -20.62 -1.53 -21.25
C ASP E 128 -19.10 -1.53 -21.45
N LEU E 129 -18.40 -1.93 -20.41
CA LEU E 129 -16.96 -2.13 -20.50
C LEU E 129 -16.62 -3.07 -21.63
N HIS E 130 -15.58 -2.73 -22.39
CA HIS E 130 -15.15 -3.60 -23.48
C HIS E 130 -14.88 -5.01 -22.98
N ALA E 131 -14.30 -5.13 -21.79
CA ALA E 131 -14.20 -6.39 -21.08
C ALA E 131 -14.73 -6.19 -19.67
N SER E 132 -15.71 -7.00 -19.28
CA SER E 132 -16.29 -6.87 -17.95
C SER E 132 -15.27 -7.15 -16.85
N GLN E 133 -14.21 -7.89 -17.17
CA GLN E 133 -13.17 -8.17 -16.18
C GLN E 133 -12.43 -6.91 -15.75
N ILE E 134 -12.60 -5.80 -16.48
CA ILE E 134 -12.03 -4.53 -16.06
C ILE E 134 -12.54 -4.14 -14.69
N GLN E 135 -13.74 -4.60 -14.32
CA GLN E 135 -14.21 -4.45 -12.94
C GLN E 135 -13.19 -4.97 -11.94
N GLY E 136 -12.53 -6.07 -12.29
CA GLY E 136 -11.50 -6.65 -11.46
C GLY E 136 -10.17 -5.95 -11.48
N PHE E 137 -10.02 -4.93 -12.33
CA PHE E 137 -8.80 -4.14 -12.33
C PHE E 137 -8.74 -3.16 -11.17
N PHE E 138 -9.86 -2.92 -10.50
CA PHE E 138 -9.93 -2.06 -9.34
C PHE E 138 -10.11 -2.90 -8.08
N ASP E 139 -9.79 -2.28 -6.94
CA ASP E 139 -10.17 -2.81 -5.63
C ASP E 139 -11.35 -2.07 -5.03
N ILE E 140 -11.98 -1.20 -5.81
CA ILE E 140 -13.15 -0.44 -5.37
C ILE E 140 -14.35 -0.96 -6.15
N PRO E 141 -15.58 -0.72 -5.70
CA PRO E 141 -16.74 -1.14 -6.51
C PRO E 141 -16.75 -0.46 -7.87
N VAL E 142 -17.08 -1.23 -8.90
CA VAL E 142 -17.16 -0.74 -10.27
C VAL E 142 -18.50 -1.13 -10.83
N ASP E 143 -19.32 -0.14 -11.17
CA ASP E 143 -20.63 -0.39 -11.76
C ASP E 143 -20.49 -0.45 -13.28
N ASN E 144 -20.76 -1.61 -13.84
CA ASN E 144 -20.69 -1.83 -15.28
C ASN E 144 -22.12 -1.89 -15.79
N LEU E 145 -22.68 -0.73 -16.11
CA LEU E 145 -24.05 -0.65 -16.57
C LEU E 145 -24.17 -1.13 -18.01
N TYR E 146 -25.32 -1.70 -18.34
CA TYR E 146 -25.58 -2.20 -19.68
C TYR E 146 -26.49 -1.23 -20.42
N ALA E 147 -26.17 -1.01 -21.70
CA ALA E 147 -27.10 -0.33 -22.59
C ALA E 147 -28.08 -1.31 -23.24
N GLU E 148 -28.00 -2.59 -22.88
CA GLU E 148 -28.83 -3.60 -23.53
C GLU E 148 -30.33 -3.35 -23.38
N PRO E 149 -30.87 -2.99 -22.21
CA PRO E 149 -32.31 -2.68 -22.16
C PRO E 149 -32.72 -1.56 -23.09
N ALA E 150 -31.86 -0.54 -23.22
CA ALA E 150 -32.15 0.60 -24.12
C ALA E 150 -32.07 0.15 -25.58
N VAL E 151 -31.14 -0.75 -25.90
CA VAL E 151 -30.99 -1.27 -27.30
C VAL E 151 -32.27 -2.04 -27.66
N LEU E 152 -32.71 -2.95 -26.79
CA LEU E 152 -33.89 -3.75 -27.04
C LEU E 152 -35.12 -2.87 -27.25
N LYS E 153 -35.24 -1.81 -26.45
CA LYS E 153 -36.34 -0.87 -26.64
C LYS E 153 -36.29 -0.24 -28.02
N TRP E 154 -35.10 0.21 -28.44
CA TRP E 154 -34.97 0.81 -29.76
C TRP E 154 -35.31 -0.18 -30.86
N ILE E 155 -34.85 -1.42 -30.73
CA ILE E 155 -35.13 -2.42 -31.75
C ILE E 155 -36.63 -2.67 -31.86
N ARG E 156 -37.29 -2.86 -30.72
CA ARG E 156 -38.72 -3.15 -30.75
C ARG E 156 -39.54 -1.95 -31.22
N GLU E 157 -39.04 -0.72 -31.06
CA GLU E 157 -39.80 0.44 -31.48
C GLU E 157 -39.47 0.96 -32.87
N ASN E 158 -38.33 0.57 -33.45
CA ASN E 158 -37.87 1.17 -34.69
C ASN E 158 -37.70 0.20 -35.85
N ILE E 159 -37.71 -1.10 -35.60
CA ILE E 159 -37.57 -2.11 -36.65
C ILE E 159 -38.85 -2.92 -36.70
N SER E 160 -39.61 -2.77 -37.77
CA SER E 160 -40.93 -3.38 -37.84
C SER E 160 -40.85 -4.89 -37.83
N GLU E 161 -39.88 -5.46 -38.54
CA GLU E 161 -39.72 -6.90 -38.67
C GLU E 161 -38.68 -7.44 -37.69
N TRP E 162 -38.63 -6.88 -36.49
CA TRP E 162 -37.61 -7.30 -35.52
C TRP E 162 -37.83 -8.74 -35.07
N ARG E 163 -39.06 -9.23 -35.09
CA ARG E 163 -39.32 -10.60 -34.66
C ARG E 163 -38.76 -11.64 -35.65
N ASN E 164 -38.51 -11.25 -36.89
CA ASN E 164 -37.90 -12.14 -37.87
C ASN E 164 -36.46 -11.74 -38.19
N CYS E 165 -35.89 -10.82 -37.42
CA CYS E 165 -34.54 -10.38 -37.68
C CYS E 165 -33.52 -11.38 -37.15
N THR E 166 -32.27 -11.16 -37.51
CA THR E 166 -31.15 -11.91 -36.95
C THR E 166 -30.13 -10.91 -36.43
N ILE E 167 -29.69 -11.12 -35.20
CA ILE E 167 -28.70 -10.25 -34.59
C ILE E 167 -27.32 -10.80 -34.94
N VAL E 168 -26.46 -9.96 -35.47
CA VAL E 168 -25.19 -10.39 -36.04
C VAL E 168 -24.03 -9.83 -35.22
N SER E 169 -23.12 -10.71 -34.83
CA SER E 169 -21.88 -10.26 -34.22
C SER E 169 -20.86 -9.91 -35.30
N PRO E 170 -20.29 -8.70 -35.27
CA PRO E 170 -19.29 -8.34 -36.28
C PRO E 170 -17.94 -9.00 -36.07
N ASP E 171 -17.67 -9.59 -34.91
CA ASP E 171 -16.44 -10.34 -34.67
C ASP E 171 -16.73 -11.45 -33.66
N ALA E 172 -15.72 -12.27 -33.40
CA ALA E 172 -15.89 -13.38 -32.46
C ALA E 172 -16.10 -12.89 -31.04
N GLY E 173 -15.49 -11.76 -30.66
CA GLY E 173 -15.59 -11.27 -29.30
C GLY E 173 -16.97 -10.76 -28.91
N GLY E 174 -17.79 -10.40 -29.89
CA GLY E 174 -19.13 -9.92 -29.62
C GLY E 174 -20.18 -11.00 -29.46
N ALA E 175 -19.78 -12.27 -29.49
CA ALA E 175 -20.73 -13.36 -29.53
C ALA E 175 -21.64 -13.38 -28.30
N LYS E 176 -21.08 -13.13 -27.12
CA LYS E 176 -21.90 -13.16 -25.91
C LYS E 176 -22.97 -12.08 -25.93
N ARG E 177 -22.59 -10.87 -26.33
CA ARG E 177 -23.55 -9.76 -26.41
C ARG E 177 -24.66 -10.06 -27.41
N VAL E 178 -24.28 -10.56 -28.59
CA VAL E 178 -25.27 -10.89 -29.61
C VAL E 178 -26.18 -12.03 -29.17
N THR E 179 -25.63 -13.06 -28.54
CA THR E 179 -26.48 -14.16 -28.09
C THR E 179 -27.44 -13.69 -27.01
N SER E 180 -26.97 -12.83 -26.11
CA SER E 180 -27.86 -12.30 -25.08
C SER E 180 -29.00 -11.50 -25.70
N ILE E 181 -28.69 -10.64 -26.67
CA ILE E 181 -29.73 -9.84 -27.31
C ILE E 181 -30.70 -10.72 -28.08
N ALA E 182 -30.18 -11.72 -28.80
CA ALA E 182 -31.04 -12.62 -29.56
C ALA E 182 -31.95 -13.44 -28.65
N ASP E 183 -31.43 -13.88 -27.51
CA ASP E 183 -32.25 -14.56 -26.51
C ASP E 183 -33.36 -13.66 -26.00
N ARG E 184 -33.02 -12.41 -25.66
CA ARG E 184 -34.05 -11.50 -25.15
C ARG E 184 -35.10 -11.18 -26.21
N LEU E 185 -34.71 -11.12 -27.48
CA LEU E 185 -35.67 -10.88 -28.55
C LEU E 185 -36.28 -12.15 -29.10
N ASN E 186 -35.80 -13.32 -28.69
CA ASN E 186 -36.23 -14.62 -29.22
C ASN E 186 -36.10 -14.64 -30.74
N VAL E 187 -34.91 -14.29 -31.22
CA VAL E 187 -34.63 -14.25 -32.65
C VAL E 187 -33.35 -15.04 -32.91
N ASP E 188 -33.09 -15.29 -34.18
CA ASP E 188 -31.86 -15.95 -34.60
C ASP E 188 -30.68 -15.02 -34.42
N PHE E 189 -29.49 -15.60 -34.37
CA PHE E 189 -28.26 -14.82 -34.36
C PHE E 189 -27.29 -15.41 -35.36
N ALA E 190 -26.35 -14.56 -35.79
CA ALA E 190 -25.28 -14.97 -36.68
C ALA E 190 -23.99 -14.32 -36.19
N LEU E 191 -22.87 -14.88 -36.64
CA LEU E 191 -21.56 -14.35 -36.28
C LEU E 191 -20.74 -14.17 -37.55
N ILE E 192 -20.02 -13.07 -37.61
CA ILE E 192 -19.12 -12.77 -38.72
C ILE E 192 -17.70 -12.70 -38.16
N HIS E 193 -16.78 -13.39 -38.79
CA HIS E 193 -15.38 -13.40 -38.38
C HIS E 193 -14.51 -12.97 -39.53
N LYS E 194 -13.62 -12.02 -39.28
CA LYS E 194 -12.55 -11.68 -40.22
C LYS E 194 -11.34 -12.52 -39.88
N GLU E 195 -10.94 -13.42 -40.78
CA GLU E 195 -9.86 -14.32 -40.40
C GLU E 195 -8.52 -13.59 -40.37
N ARG E 196 -7.57 -14.18 -39.66
CA ARG E 196 -6.34 -13.48 -39.32
C ARG E 196 -5.50 -13.20 -40.56
N LYS E 197 -4.81 -12.06 -40.53
CA LYS E 197 -4.04 -11.57 -41.67
C LYS E 197 -2.67 -12.23 -41.65
N LYS E 198 -2.60 -13.40 -42.30
CA LYS E 198 -1.33 -14.12 -42.34
C LYS E 198 -0.36 -13.48 -43.32
N ALA E 199 -0.88 -12.85 -44.37
CA ALA E 199 -0.05 -12.18 -45.37
C ALA E 199 -0.85 -10.99 -45.91
N ASN E 200 -0.42 -10.46 -47.05
CA ASN E 200 -1.01 -9.25 -47.61
C ASN E 200 -2.06 -9.53 -48.67
N GLU E 201 -2.77 -10.66 -48.57
CA GLU E 201 -3.87 -10.91 -49.50
C GLU E 201 -5.13 -10.17 -49.04
N VAL E 202 -6.23 -10.44 -49.74
CA VAL E 202 -7.48 -9.75 -49.44
C VAL E 202 -8.05 -10.23 -48.12
N ASP E 203 -8.49 -9.28 -47.30
CA ASP E 203 -9.25 -9.61 -46.10
C ASP E 203 -10.56 -10.27 -46.51
N ARG E 204 -10.80 -11.47 -45.99
CA ARG E 204 -12.03 -12.20 -46.29
C ARG E 204 -12.77 -12.50 -44.99
N MET E 205 -14.09 -12.41 -45.06
CA MET E 205 -14.94 -12.55 -43.89
C MET E 205 -15.78 -13.81 -44.02
N VAL E 206 -15.83 -14.59 -42.96
CA VAL E 206 -16.65 -15.78 -42.90
C VAL E 206 -17.88 -15.49 -42.05
N LEU E 207 -19.03 -15.91 -42.54
CA LEU E 207 -20.30 -15.75 -41.83
C LEU E 207 -20.82 -17.12 -41.43
N VAL E 208 -21.13 -17.28 -40.15
CA VAL E 208 -21.80 -18.48 -39.65
C VAL E 208 -23.19 -18.09 -39.20
N GLY E 209 -24.19 -18.77 -39.72
CA GLY E 209 -25.58 -18.40 -39.49
C GLY E 209 -26.25 -17.93 -40.79
N ASP E 210 -27.57 -17.90 -40.75
CA ASP E 210 -28.38 -17.60 -41.92
C ASP E 210 -28.96 -16.20 -41.78
N VAL E 211 -28.66 -15.34 -42.74
CA VAL E 211 -29.19 -13.99 -42.78
C VAL E 211 -29.93 -13.69 -44.07
N LYS E 212 -30.14 -14.70 -44.91
CA LYS E 212 -30.71 -14.48 -46.23
C LYS E 212 -32.17 -14.03 -46.13
N ASP E 213 -32.48 -12.95 -46.85
CA ASP E 213 -33.84 -12.40 -46.93
C ASP E 213 -34.39 -11.99 -45.57
N ARG E 214 -33.51 -11.66 -44.63
CA ARG E 214 -33.91 -11.19 -43.32
C ARG E 214 -33.18 -9.89 -43.01
N VAL E 215 -33.79 -9.11 -42.13
CA VAL E 215 -33.13 -7.93 -41.60
C VAL E 215 -32.01 -8.37 -40.66
N ALA E 216 -30.82 -7.83 -40.86
CA ALA E 216 -29.67 -8.12 -40.02
C ALA E 216 -29.38 -6.92 -39.14
N ILE E 217 -29.26 -7.16 -37.85
CA ILE E 217 -28.90 -6.12 -36.89
C ILE E 217 -27.50 -6.43 -36.38
N LEU E 218 -26.55 -5.58 -36.73
CA LEU E 218 -25.20 -5.69 -36.18
C LEU E 218 -25.18 -5.05 -34.81
N VAL E 219 -24.77 -5.81 -33.80
CA VAL E 219 -24.65 -5.31 -32.44
C VAL E 219 -23.23 -5.52 -31.98
N ASP E 220 -22.59 -4.44 -31.53
CA ASP E 220 -21.25 -4.48 -31.00
C ASP E 220 -21.13 -3.48 -29.87
N ASP E 221 -20.04 -3.58 -29.11
CA ASP E 221 -19.83 -2.68 -28.00
C ASP E 221 -19.37 -1.30 -28.46
N MET E 222 -18.68 -1.20 -29.59
CA MET E 222 -18.18 0.09 -30.02
C MET E 222 -17.89 0.05 -31.52
N ALA E 223 -17.87 1.24 -32.12
CA ALA E 223 -17.46 1.43 -33.50
C ALA E 223 -16.45 2.56 -33.53
N ASP E 224 -15.17 2.22 -33.57
CA ASP E 224 -14.11 3.24 -33.54
C ASP E 224 -13.86 3.78 -34.95
N THR E 225 -13.33 2.92 -35.83
CA THR E 225 -13.12 3.28 -37.22
C THR E 225 -14.22 2.77 -38.13
N CYS E 226 -15.13 1.96 -37.59
CA CYS E 226 -16.23 1.35 -38.31
C CYS E 226 -15.76 0.37 -39.37
N GLY E 227 -14.49 -0.03 -39.33
CA GLY E 227 -14.04 -1.08 -40.23
C GLY E 227 -14.75 -2.40 -39.97
N THR E 228 -14.92 -2.73 -38.69
CA THR E 228 -15.59 -3.98 -38.32
C THR E 228 -17.03 -4.00 -38.82
N ILE E 229 -17.81 -2.95 -38.50
CA ILE E 229 -19.21 -2.95 -38.87
C ILE E 229 -19.38 -2.76 -40.38
N CYS E 230 -18.52 -1.97 -41.03
CA CYS E 230 -18.66 -1.80 -42.47
C CYS E 230 -18.33 -3.08 -43.21
N HIS E 231 -17.25 -3.76 -42.85
CA HIS E 231 -16.93 -5.04 -43.48
C HIS E 231 -18.03 -6.06 -43.22
N ALA E 232 -18.54 -6.09 -41.98
CA ALA E 232 -19.64 -7.00 -41.67
C ALA E 232 -20.88 -6.66 -42.50
N ALA E 233 -21.13 -5.37 -42.75
CA ALA E 233 -22.29 -4.98 -43.53
C ALA E 233 -22.15 -5.41 -44.98
N ASP E 234 -20.97 -5.25 -45.56
CA ASP E 234 -20.74 -5.76 -46.92
C ASP E 234 -20.95 -7.27 -46.96
N LYS E 235 -20.42 -7.99 -45.98
CA LYS E 235 -20.60 -9.43 -45.94
C LYS E 235 -22.07 -9.80 -45.82
N LEU E 236 -22.82 -9.08 -44.97
CA LEU E 236 -24.23 -9.39 -44.76
C LEU E 236 -25.04 -9.15 -46.02
N LEU E 237 -24.79 -8.05 -46.73
CA LEU E 237 -25.49 -7.84 -47.99
C LEU E 237 -25.11 -8.89 -49.01
N SER E 238 -23.82 -9.25 -49.09
CA SER E 238 -23.40 -10.29 -50.01
C SER E 238 -24.04 -11.63 -49.67
N ALA E 239 -24.43 -11.82 -48.41
CA ALA E 239 -25.05 -13.06 -47.98
C ALA E 239 -26.57 -13.05 -48.12
N GLY E 240 -27.15 -11.97 -48.63
CA GLY E 240 -28.56 -11.92 -48.89
C GLY E 240 -29.41 -11.23 -47.85
N ALA E 241 -28.82 -10.47 -46.92
CA ALA E 241 -29.62 -9.71 -45.97
C ALA E 241 -30.38 -8.61 -46.70
N THR E 242 -31.64 -8.41 -46.31
CA THR E 242 -32.44 -7.37 -46.94
C THR E 242 -32.01 -5.99 -46.48
N ARG E 243 -32.03 -5.75 -45.18
CA ARG E 243 -31.58 -4.49 -44.60
C ARG E 243 -30.58 -4.79 -43.49
N VAL E 244 -29.67 -3.86 -43.27
CA VAL E 244 -28.61 -4.02 -42.27
C VAL E 244 -28.65 -2.81 -41.34
N TYR E 245 -28.79 -3.07 -40.05
CA TYR E 245 -28.66 -2.07 -39.01
C TYR E 245 -27.39 -2.30 -38.23
N ALA E 246 -26.86 -1.23 -37.66
CA ALA E 246 -25.73 -1.31 -36.74
C ALA E 246 -26.12 -0.60 -35.46
N ILE E 247 -26.02 -1.31 -34.33
CA ILE E 247 -26.29 -0.74 -33.02
C ILE E 247 -25.06 -0.92 -32.16
N LEU E 248 -24.53 0.19 -31.68
CA LEU E 248 -23.37 0.21 -30.80
C LEU E 248 -23.76 0.93 -29.52
N THR E 249 -23.00 0.70 -28.46
CA THR E 249 -23.20 1.57 -27.31
C THR E 249 -22.23 2.74 -27.30
N HIS E 250 -20.99 2.54 -27.76
CA HIS E 250 -20.01 3.61 -27.83
C HIS E 250 -19.75 3.96 -29.28
N GLY E 251 -20.22 5.13 -29.69
CA GLY E 251 -19.89 5.62 -31.01
C GLY E 251 -18.66 6.51 -30.98
N ILE E 252 -17.50 5.93 -31.24
CA ILE E 252 -16.27 6.72 -31.25
C ILE E 252 -16.12 7.44 -32.57
N PHE E 253 -16.33 6.73 -33.67
CA PHE E 253 -16.37 7.32 -35.02
C PHE E 253 -15.11 8.13 -35.31
N SER E 254 -13.96 7.61 -34.91
CA SER E 254 -12.71 8.28 -35.19
C SER E 254 -12.24 7.99 -36.62
N GLY E 255 -11.37 8.86 -37.11
CA GLY E 255 -10.76 8.69 -38.40
C GLY E 255 -11.73 8.66 -39.55
N PRO E 256 -11.66 7.60 -40.37
CA PRO E 256 -12.48 7.50 -41.57
C PRO E 256 -13.88 6.96 -41.35
N ALA E 257 -14.35 6.91 -40.11
CA ALA E 257 -15.61 6.23 -39.80
C ALA E 257 -16.81 6.89 -40.48
N ILE E 258 -16.84 8.22 -40.49
CA ILE E 258 -18.01 8.92 -41.03
C ILE E 258 -18.12 8.67 -42.54
N SER E 259 -17.00 8.76 -43.26
CA SER E 259 -17.03 8.48 -44.69
C SER E 259 -17.36 7.02 -44.95
N ARG E 260 -16.86 6.12 -44.09
CA ARG E 260 -17.17 4.70 -44.25
C ARG E 260 -18.67 4.44 -44.09
N ILE E 261 -19.28 5.05 -43.08
CA ILE E 261 -20.71 4.84 -42.84
C ILE E 261 -21.53 5.47 -43.96
N ASN E 262 -21.16 6.67 -44.39
CA ASN E 262 -21.91 7.33 -45.45
C ASN E 262 -21.87 6.54 -46.74
N ASN E 263 -20.79 5.79 -46.98
CA ASN E 263 -20.67 4.96 -48.16
C ASN E 263 -21.09 3.51 -47.92
N ALA E 264 -21.56 3.19 -46.73
CA ALA E 264 -22.03 1.85 -46.42
C ALA E 264 -23.52 1.75 -46.70
N CYS E 265 -24.09 0.59 -46.39
CA CYS E 265 -25.47 0.26 -46.73
C CYS E 265 -26.38 0.26 -45.50
N PHE E 266 -25.94 0.87 -44.41
CA PHE E 266 -26.68 0.78 -43.15
C PHE E 266 -28.02 1.50 -43.27
N GLU E 267 -29.08 0.83 -42.78
CA GLU E 267 -30.35 1.53 -42.62
C GLU E 267 -30.25 2.61 -41.55
N ALA E 268 -29.54 2.30 -40.47
CA ALA E 268 -29.30 3.26 -39.39
C ALA E 268 -28.11 2.76 -38.58
N VAL E 269 -27.30 3.70 -38.10
CA VAL E 269 -26.23 3.40 -37.16
C VAL E 269 -26.67 4.00 -35.83
N VAL E 270 -26.92 3.15 -34.84
CA VAL E 270 -27.49 3.57 -33.57
C VAL E 270 -26.42 3.46 -32.49
N VAL E 271 -26.18 4.56 -31.79
CA VAL E 271 -25.22 4.60 -30.70
C VAL E 271 -25.90 5.27 -29.51
N THR E 272 -25.35 5.02 -28.33
CA THR E 272 -25.75 5.79 -27.18
C THR E 272 -24.97 7.10 -27.14
N ASN E 273 -25.34 7.97 -26.20
CA ASN E 273 -24.61 9.22 -26.01
C ASN E 273 -23.58 9.13 -24.89
N THR E 274 -22.98 7.95 -24.69
CA THR E 274 -21.81 7.86 -23.83
C THR E 274 -20.67 8.71 -24.36
N ILE E 275 -20.66 8.98 -25.66
CA ILE E 275 -19.70 9.88 -26.31
C ILE E 275 -20.54 10.94 -27.01
N PRO E 276 -20.13 12.21 -27.01
CA PRO E 276 -20.91 13.22 -27.73
C PRO E 276 -20.98 12.89 -29.21
N GLN E 277 -22.19 12.99 -29.76
CA GLN E 277 -22.45 12.63 -31.14
C GLN E 277 -22.92 13.80 -31.99
N GLU E 278 -23.03 15.00 -31.43
CA GLU E 278 -23.59 16.13 -32.16
C GLU E 278 -22.82 16.39 -33.44
N ASP E 279 -21.50 16.42 -33.35
CA ASP E 279 -20.67 16.64 -34.54
C ASP E 279 -20.81 15.50 -35.53
N LYS E 280 -20.85 14.26 -35.05
CA LYS E 280 -20.96 13.12 -35.94
C LYS E 280 -22.28 13.10 -36.69
N MET E 281 -23.38 13.44 -36.01
CA MET E 281 -24.68 13.42 -36.68
C MET E 281 -24.78 14.50 -37.75
N LYS E 282 -24.01 15.58 -37.64
CA LYS E 282 -24.09 16.62 -38.65
C LYS E 282 -23.50 16.19 -39.99
N HIS E 283 -22.60 15.22 -39.99
CA HIS E 283 -21.98 14.74 -41.22
C HIS E 283 -22.45 13.36 -41.64
N CYS E 284 -23.27 12.69 -40.83
CA CYS E 284 -23.78 11.36 -41.18
C CYS E 284 -25.23 11.29 -40.71
N SER E 285 -26.16 11.36 -41.67
CA SER E 285 -27.58 11.28 -41.36
C SER E 285 -27.99 9.91 -40.84
N LYS E 286 -27.20 8.87 -41.12
CA LYS E 286 -27.55 7.52 -40.69
C LYS E 286 -27.45 7.36 -39.18
N ILE E 287 -26.70 8.21 -38.49
CA ILE E 287 -26.46 8.04 -37.06
C ILE E 287 -27.69 8.50 -36.28
N GLN E 288 -28.17 7.65 -35.40
CA GLN E 288 -29.19 7.99 -34.42
C GLN E 288 -28.66 7.68 -33.03
N VAL E 289 -29.16 8.41 -32.04
CA VAL E 289 -28.60 8.39 -30.70
C VAL E 289 -29.65 7.92 -29.71
N ILE E 290 -29.30 6.93 -28.90
CA ILE E 290 -30.10 6.53 -27.75
C ILE E 290 -29.57 7.29 -26.54
N ASP E 291 -30.41 8.07 -25.90
CA ASP E 291 -30.00 8.78 -24.69
C ASP E 291 -29.93 7.78 -23.55
N ILE E 292 -28.76 7.70 -22.90
CA ILE E 292 -28.59 6.86 -21.72
C ILE E 292 -28.38 7.71 -20.48
N SER E 293 -28.63 9.02 -20.56
CA SER E 293 -28.44 9.89 -19.41
C SER E 293 -29.36 9.50 -18.25
N MET E 294 -30.54 8.96 -18.55
CA MET E 294 -31.42 8.53 -17.47
C MET E 294 -30.85 7.32 -16.75
N ILE E 295 -30.18 6.42 -17.47
CA ILE E 295 -29.55 5.26 -16.84
C ILE E 295 -28.44 5.72 -15.91
N LEU E 296 -27.58 6.62 -16.39
CA LEU E 296 -26.48 7.12 -15.56
C LEU E 296 -27.00 7.90 -14.37
N ALA E 297 -28.03 8.73 -14.58
CA ALA E 297 -28.59 9.50 -13.47
C ALA E 297 -29.20 8.60 -12.42
N GLU E 298 -29.93 7.57 -12.85
CA GLU E 298 -30.49 6.62 -11.90
C GLU E 298 -29.39 5.87 -11.16
N ALA E 299 -28.32 5.51 -11.87
CA ALA E 299 -27.21 4.83 -11.20
C ALA E 299 -26.58 5.72 -10.13
N ILE E 300 -26.36 7.00 -10.46
CA ILE E 300 -25.78 7.92 -9.50
C ILE E 300 -26.72 8.12 -8.30
N ARG E 301 -28.01 8.28 -8.57
CA ARG E 301 -28.97 8.48 -7.50
C ARG E 301 -29.06 7.27 -6.58
N ARG E 302 -29.06 6.07 -7.16
CA ARG E 302 -29.12 4.87 -6.33
C ARG E 302 -27.83 4.64 -5.57
N THR E 303 -26.69 4.97 -6.17
CA THR E 303 -25.43 4.88 -5.46
C THR E 303 -25.43 5.81 -4.25
N HIS E 304 -25.91 7.04 -4.45
CA HIS E 304 -25.98 7.99 -3.35
C HIS E 304 -26.95 7.53 -2.27
N ASN E 305 -28.08 6.96 -2.66
CA ASN E 305 -29.11 6.53 -1.71
C ASN E 305 -28.86 5.15 -1.15
N GLY E 306 -27.80 4.47 -1.56
CA GLY E 306 -27.55 3.13 -1.08
C GLY E 306 -28.59 2.12 -1.52
N ALA E 307 -29.00 2.20 -2.78
CA ALA E 307 -29.97 1.28 -3.36
C ALA E 307 -29.34 0.50 -4.49
N SER E 308 -29.89 -0.69 -4.74
CA SER E 308 -29.38 -1.56 -5.80
C SER E 308 -29.59 -0.93 -7.16
N VAL E 309 -28.63 -1.15 -8.06
CA VAL E 309 -28.77 -0.71 -9.46
C VAL E 309 -29.21 -1.87 -10.35
N SER E 310 -29.60 -3.00 -9.77
CA SER E 310 -30.02 -4.15 -10.57
C SER E 310 -31.22 -3.83 -11.43
N TYR E 311 -32.07 -2.90 -10.99
CA TYR E 311 -33.24 -2.50 -11.77
C TYR E 311 -32.83 -1.96 -13.13
N LEU E 312 -31.66 -1.34 -13.23
CA LEU E 312 -31.21 -0.76 -14.49
C LEU E 312 -30.84 -1.80 -15.54
N PHE E 313 -30.70 -3.07 -15.16
CA PHE E 313 -30.34 -4.12 -16.10
C PHE E 313 -31.54 -4.81 -16.72
N SER E 314 -32.75 -4.42 -16.33
CA SER E 314 -33.97 -4.96 -16.91
C SER E 314 -34.91 -3.90 -17.45
N HIS E 315 -34.72 -2.64 -17.09
CA HIS E 315 -35.65 -1.58 -17.46
C HIS E 315 -34.87 -0.33 -17.84
N VAL E 316 -35.47 0.48 -18.70
CA VAL E 316 -34.96 1.80 -19.05
C VAL E 316 -35.81 2.82 -18.30
N PRO E 317 -35.25 3.56 -17.33
CA PRO E 317 -36.01 4.53 -16.54
C PRO E 317 -36.49 5.73 -17.34
N PRO F 2 21.20 -16.45 -8.22
CA PRO F 2 20.04 -17.25 -7.78
C PRO F 2 19.85 -18.50 -8.63
N ASN F 3 19.40 -19.57 -8.00
CA ASN F 3 19.17 -20.84 -8.68
C ASN F 3 17.67 -21.15 -8.70
N ILE F 4 17.25 -21.91 -9.70
CA ILE F 4 15.87 -22.36 -9.76
C ILE F 4 15.60 -23.35 -8.64
N LYS F 5 14.60 -23.07 -7.83
CA LYS F 5 14.08 -24.01 -6.85
C LYS F 5 12.62 -24.30 -7.20
N ILE F 6 12.32 -25.56 -7.49
CA ILE F 6 10.97 -25.97 -7.86
C ILE F 6 10.36 -26.68 -6.67
N PHE F 7 9.26 -26.15 -6.17
CA PHE F 7 8.53 -26.75 -5.06
C PHE F 7 7.15 -27.18 -5.53
N SER F 8 6.72 -28.35 -5.08
CA SER F 8 5.42 -28.89 -5.44
C SER F 8 4.46 -28.77 -4.26
N GLY F 9 3.25 -28.30 -4.55
CA GLY F 9 2.15 -28.47 -3.62
C GLY F 9 1.56 -29.86 -3.74
N SER F 10 0.49 -30.10 -2.99
CA SER F 10 -0.14 -31.41 -2.99
C SER F 10 -1.02 -31.65 -4.21
N SER F 11 -1.32 -30.61 -4.98
CA SER F 11 -2.34 -30.73 -6.02
C SER F 11 -1.86 -31.62 -7.17
N HIS F 12 -0.77 -31.23 -7.83
CA HIS F 12 -0.32 -31.92 -9.04
C HIS F 12 1.19 -32.17 -8.90
N GLN F 13 1.55 -33.24 -8.19
CA GLN F 13 2.96 -33.51 -7.94
C GLN F 13 3.61 -34.23 -9.11
N ASP F 14 2.84 -34.99 -9.89
CA ASP F 14 3.38 -35.61 -11.09
C ASP F 14 3.81 -34.55 -12.10
N LEU F 15 3.00 -33.51 -12.29
CA LEU F 15 3.39 -32.43 -13.18
C LEU F 15 4.62 -31.70 -12.67
N SER F 16 4.70 -31.49 -11.36
CA SER F 16 5.88 -30.85 -10.78
C SER F 16 7.11 -31.70 -11.03
N GLN F 17 6.99 -33.02 -10.88
CA GLN F 17 8.10 -33.91 -11.17
C GLN F 17 8.52 -33.83 -12.63
N LYS F 18 7.55 -33.80 -13.54
CA LYS F 18 7.89 -33.70 -14.96
C LYS F 18 8.60 -32.39 -15.26
N ILE F 19 8.14 -31.29 -14.67
CA ILE F 19 8.78 -30.00 -14.86
C ILE F 19 10.22 -30.04 -14.34
N ALA F 20 10.41 -30.60 -13.15
CA ALA F 20 11.74 -30.68 -12.56
C ALA F 20 12.67 -31.53 -13.41
N ASP F 21 12.18 -32.67 -13.92
CA ASP F 21 13.00 -33.50 -14.78
C ASP F 21 13.38 -32.77 -16.05
N ARG F 22 12.44 -32.06 -16.66
CA ARG F 22 12.74 -31.31 -17.87
C ARG F 22 13.72 -30.18 -17.60
N LEU F 23 13.73 -29.66 -16.39
CA LEU F 23 14.70 -28.65 -15.98
C LEU F 23 15.99 -29.26 -15.45
N GLY F 24 16.08 -30.58 -15.39
CA GLY F 24 17.26 -31.22 -14.84
C GLY F 24 17.47 -30.93 -13.37
N LEU F 25 16.40 -30.87 -12.60
CA LEU F 25 16.46 -30.54 -11.18
C LEU F 25 15.69 -31.56 -10.37
N GLU F 26 16.04 -31.67 -9.10
CA GLU F 26 15.19 -32.35 -8.14
C GLU F 26 14.22 -31.38 -7.51
N LEU F 27 13.02 -31.87 -7.23
CA LEU F 27 12.03 -31.04 -6.55
C LEU F 27 12.56 -30.61 -5.20
N GLY F 28 12.27 -29.37 -4.83
CA GLY F 28 12.67 -28.89 -3.53
C GLY F 28 12.01 -29.68 -2.42
N LYS F 29 12.70 -29.80 -1.29
CA LYS F 29 12.21 -30.57 -0.17
C LYS F 29 11.11 -29.78 0.54
N VAL F 30 9.87 -30.25 0.45
CA VAL F 30 8.75 -29.67 1.16
C VAL F 30 7.89 -30.78 1.72
N VAL F 31 7.44 -30.61 2.95
CA VAL F 31 6.40 -31.44 3.53
C VAL F 31 5.13 -30.61 3.54
N THR F 32 4.13 -31.05 2.78
CA THR F 32 2.85 -30.37 2.67
C THR F 32 1.79 -31.32 3.17
N LYS F 33 1.41 -31.18 4.44
CA LYS F 33 0.44 -32.07 5.06
C LYS F 33 -0.65 -31.25 5.74
N LYS F 34 -1.48 -31.91 6.53
CA LYS F 34 -2.49 -31.25 7.33
C LYS F 34 -2.26 -31.52 8.81
N PHE F 35 -2.38 -30.47 9.61
CA PHE F 35 -2.47 -30.65 11.05
C PHE F 35 -3.75 -31.44 11.37
N SER F 36 -3.86 -31.87 12.63
CA SER F 36 -5.02 -32.66 13.02
C SER F 36 -6.33 -31.90 12.81
N ASN F 37 -6.33 -30.61 13.13
CA ASN F 37 -7.53 -29.79 12.96
C ASN F 37 -7.73 -29.32 11.52
N GLN F 38 -7.06 -29.97 10.56
CA GLN F 38 -7.20 -29.73 9.13
C GLN F 38 -6.62 -28.40 8.67
N GLU F 39 -5.81 -27.75 9.50
CA GLU F 39 -5.07 -26.58 9.05
C GLU F 39 -3.89 -27.02 8.20
N THR F 40 -3.58 -26.23 7.17
CA THR F 40 -2.50 -26.57 6.27
C THR F 40 -1.15 -26.46 6.99
N CYS F 41 -0.34 -27.49 6.88
CA CYS F 41 1.00 -27.51 7.43
C CYS F 41 2.01 -27.54 6.29
N VAL F 42 2.89 -26.55 6.26
CA VAL F 42 3.91 -26.43 5.23
C VAL F 42 5.27 -26.40 5.91
N GLU F 43 6.14 -27.33 5.52
CA GLU F 43 7.48 -27.45 6.09
C GLU F 43 8.48 -27.49 4.96
N ILE F 44 8.99 -26.31 4.58
CA ILE F 44 10.04 -26.23 3.57
C ILE F 44 11.31 -26.80 4.18
N GLY F 45 11.88 -27.80 3.53
CA GLY F 45 13.00 -28.55 4.06
C GLY F 45 14.38 -28.10 3.63
N GLU F 46 14.50 -26.93 3.00
CA GLU F 46 15.82 -26.46 2.58
C GLU F 46 15.80 -24.95 2.49
N SER F 47 16.98 -24.36 2.48
CA SER F 47 17.12 -22.93 2.33
C SER F 47 16.70 -22.48 0.95
N VAL F 48 15.99 -21.36 0.89
CA VAL F 48 15.64 -20.70 -0.36
C VAL F 48 16.21 -19.28 -0.41
N ARG F 49 17.18 -18.99 0.46
CA ARG F 49 17.74 -17.65 0.56
C ARG F 49 18.35 -17.24 -0.77
N GLY F 50 17.88 -16.11 -1.30
CA GLY F 50 18.39 -15.62 -2.56
C GLY F 50 18.14 -16.52 -3.74
N GLU F 51 17.18 -17.43 -3.63
CA GLU F 51 16.85 -18.38 -4.69
C GLU F 51 15.68 -17.87 -5.51
N ASP F 52 15.58 -18.39 -6.73
CA ASP F 52 14.48 -18.12 -7.63
C ASP F 52 13.49 -19.28 -7.47
N VAL F 53 12.47 -19.07 -6.65
CA VAL F 53 11.57 -20.13 -6.21
C VAL F 53 10.37 -20.19 -7.13
N TYR F 54 10.07 -21.38 -7.64
CA TYR F 54 8.87 -21.63 -8.43
C TYR F 54 8.05 -22.67 -7.68
N ILE F 55 6.82 -22.32 -7.35
CA ILE F 55 5.90 -23.19 -6.63
C ILE F 55 4.81 -23.62 -7.60
N VAL F 56 4.72 -24.92 -7.86
CA VAL F 56 3.74 -25.48 -8.78
C VAL F 56 2.54 -25.94 -7.97
N GLN F 57 1.39 -25.36 -8.27
CA GLN F 57 0.15 -25.72 -7.57
C GLN F 57 -1.01 -25.39 -8.49
N SER F 58 -1.73 -26.41 -8.94
CA SER F 58 -2.87 -26.20 -9.82
C SER F 58 -4.12 -25.99 -8.99
N GLY F 59 -5.08 -25.26 -9.56
CA GLY F 59 -6.36 -25.13 -8.91
C GLY F 59 -7.25 -26.30 -9.29
N CYS F 60 -7.24 -27.33 -8.45
CA CYS F 60 -7.93 -28.57 -8.73
C CYS F 60 -7.97 -29.36 -7.43
N GLY F 61 -8.72 -30.46 -7.46
CA GLY F 61 -8.87 -31.27 -6.26
C GLY F 61 -9.50 -30.46 -5.15
N GLU F 62 -8.89 -30.53 -3.97
CA GLU F 62 -9.34 -29.75 -2.82
C GLU F 62 -8.90 -28.31 -3.06
N ILE F 63 -9.80 -27.54 -3.68
CA ILE F 63 -9.41 -26.23 -4.24
C ILE F 63 -8.91 -25.30 -3.14
N ASN F 64 -9.69 -25.14 -2.08
CA ASN F 64 -9.33 -24.20 -1.04
C ASN F 64 -8.11 -24.69 -0.25
N ASP F 65 -8.06 -26.00 -0.01
CA ASP F 65 -6.89 -26.62 0.58
C ASP F 65 -5.64 -26.30 -0.22
N ASN F 66 -5.70 -26.49 -1.54
CA ASN F 66 -4.54 -26.29 -2.40
C ASN F 66 -4.15 -24.82 -2.47
N LEU F 67 -5.15 -23.93 -2.57
CA LEU F 67 -4.85 -22.51 -2.64
C LEU F 67 -4.23 -22.01 -1.34
N MET F 68 -4.73 -22.48 -0.20
CA MET F 68 -4.12 -22.10 1.07
C MET F 68 -2.70 -22.64 1.17
N GLU F 69 -2.49 -23.88 0.70
CA GLU F 69 -1.16 -24.45 0.66
C GLU F 69 -0.21 -23.57 -0.16
N LEU F 70 -0.68 -23.16 -1.33
CA LEU F 70 0.13 -22.30 -2.20
C LEU F 70 0.46 -20.97 -1.54
N LEU F 71 -0.55 -20.35 -0.92
CA LEU F 71 -0.32 -19.06 -0.27
C LEU F 71 0.66 -19.19 0.88
N ILE F 72 0.51 -20.23 1.70
CA ILE F 72 1.41 -20.44 2.83
C ILE F 72 2.83 -20.70 2.35
N MET F 73 2.98 -21.50 1.29
CA MET F 73 4.30 -21.76 0.74
C MET F 73 4.94 -20.51 0.15
N ILE F 74 4.15 -19.68 -0.54
CA ILE F 74 4.66 -18.41 -1.06
C ILE F 74 5.14 -17.53 0.07
N ASN F 75 4.32 -17.41 1.12
CA ASN F 75 4.69 -16.53 2.24
C ASN F 75 5.91 -17.07 2.97
N ALA F 76 6.00 -18.38 3.15
CA ALA F 76 7.17 -18.97 3.79
C ALA F 76 8.42 -18.69 2.99
N CYS F 77 8.35 -18.83 1.66
CA CYS F 77 9.50 -18.56 0.82
C CYS F 77 9.89 -17.08 0.88
N LYS F 78 8.91 -16.19 0.89
CA LYS F 78 9.21 -14.77 0.96
C LYS F 78 9.89 -14.40 2.29
N ILE F 79 9.33 -14.90 3.41
CA ILE F 79 9.93 -14.61 4.70
C ILE F 79 11.27 -15.32 4.84
N ALA F 80 11.46 -16.44 4.15
CA ALA F 80 12.74 -17.11 4.10
C ALA F 80 13.73 -16.45 3.14
N SER F 81 13.43 -15.22 2.70
CA SER F 81 14.37 -14.39 1.95
C SER F 81 14.68 -14.97 0.58
N ALA F 82 13.68 -15.56 -0.08
CA ALA F 82 13.84 -15.94 -1.46
C ALA F 82 14.03 -14.70 -2.33
N SER F 83 14.89 -14.81 -3.34
CA SER F 83 15.10 -13.69 -4.25
C SER F 83 13.83 -13.35 -5.01
N ARG F 84 13.10 -14.37 -5.46
CA ARG F 84 11.88 -14.18 -6.22
C ARG F 84 11.01 -15.41 -6.04
N VAL F 85 9.71 -15.21 -5.87
CA VAL F 85 8.76 -16.30 -5.69
C VAL F 85 7.78 -16.24 -6.85
N THR F 86 7.69 -17.32 -7.61
CA THR F 86 6.78 -17.43 -8.74
C THR F 86 5.78 -18.53 -8.45
N ALA F 87 4.50 -18.21 -8.60
CA ALA F 87 3.44 -19.20 -8.46
C ALA F 87 3.13 -19.76 -9.85
N VAL F 88 3.45 -21.03 -10.05
CA VAL F 88 3.12 -21.72 -11.28
C VAL F 88 1.77 -22.40 -11.05
N ILE F 89 0.71 -21.78 -11.57
CA ILE F 89 -0.64 -22.25 -11.34
C ILE F 89 -1.22 -22.67 -12.68
N PRO F 90 -1.06 -23.94 -13.08
CA PRO F 90 -1.51 -24.35 -14.41
C PRO F 90 -2.99 -24.09 -14.68
N CYS F 91 -3.85 -24.33 -13.68
CA CYS F 91 -5.27 -24.02 -13.78
C CYS F 91 -5.60 -23.04 -12.67
N PHE F 92 -5.89 -21.80 -13.04
CA PHE F 92 -6.10 -20.74 -12.05
C PHE F 92 -7.41 -20.96 -11.31
N PRO F 93 -7.40 -21.09 -9.99
CA PRO F 93 -8.66 -21.30 -9.27
C PRO F 93 -9.52 -20.05 -9.26
N TYR F 94 -10.83 -20.26 -9.20
CA TYR F 94 -11.84 -19.20 -9.17
C TYR F 94 -11.79 -18.31 -10.40
N ALA F 95 -11.19 -18.80 -11.49
CA ALA F 95 -11.05 -17.99 -12.69
C ALA F 95 -12.39 -17.67 -13.32
N ARG F 96 -13.40 -18.52 -13.14
CA ARG F 96 -14.72 -18.27 -13.68
C ARG F 96 -15.48 -17.19 -12.93
N GLN F 97 -15.02 -16.81 -11.74
CA GLN F 97 -15.62 -15.71 -10.99
C GLN F 97 -14.79 -14.43 -11.22
N ASP F 98 -14.86 -13.97 -12.46
CA ASP F 98 -13.99 -12.91 -12.96
C ASP F 98 -14.70 -11.59 -13.15
N LYS F 99 -15.95 -11.48 -12.74
CA LYS F 99 -16.71 -10.25 -12.93
C LYS F 99 -17.88 -10.25 -11.96
N LYS F 100 -18.48 -9.08 -11.80
CA LYS F 100 -19.68 -8.91 -10.98
C LYS F 100 -20.83 -8.60 -11.93
N ASP F 101 -21.50 -9.65 -12.41
CA ASP F 101 -22.68 -9.51 -13.23
C ASP F 101 -23.95 -9.88 -12.46
N LYS F 102 -23.86 -9.98 -11.14
CA LYS F 102 -24.99 -10.24 -10.27
C LYS F 102 -24.87 -9.32 -9.07
N SER F 103 -26.01 -9.02 -8.45
CA SER F 103 -26.00 -8.25 -7.22
C SER F 103 -25.25 -8.98 -6.13
N ARG F 104 -24.37 -8.26 -5.43
CA ARG F 104 -23.61 -8.77 -4.29
C ARG F 104 -22.64 -9.89 -4.67
N ALA F 105 -22.42 -10.12 -5.95
CA ALA F 105 -21.54 -11.20 -6.37
C ALA F 105 -20.08 -10.82 -6.11
N PRO F 106 -19.30 -11.72 -5.54
CA PRO F 106 -17.86 -11.47 -5.39
C PRO F 106 -17.13 -11.69 -6.70
N ILE F 107 -16.03 -10.97 -6.87
CA ILE F 107 -15.08 -11.25 -7.93
C ILE F 107 -14.00 -12.11 -7.28
N SER F 108 -14.24 -13.42 -7.24
CA SER F 108 -13.36 -14.31 -6.49
C SER F 108 -11.99 -14.42 -7.14
N ALA F 109 -11.91 -14.30 -8.46
CA ALA F 109 -10.61 -14.31 -9.13
C ALA F 109 -9.75 -13.14 -8.68
N LYS F 110 -10.36 -11.95 -8.55
CA LYS F 110 -9.62 -10.80 -8.05
C LYS F 110 -9.20 -11.00 -6.61
N LEU F 111 -10.05 -11.61 -5.80
CA LEU F 111 -9.67 -11.89 -4.42
C LEU F 111 -8.49 -12.85 -4.36
N VAL F 112 -8.51 -13.88 -5.20
CA VAL F 112 -7.40 -14.83 -5.25
C VAL F 112 -6.12 -14.13 -5.70
N ALA F 113 -6.23 -13.24 -6.69
CA ALA F 113 -5.06 -12.47 -7.13
C ALA F 113 -4.53 -11.61 -6.01
N ASN F 114 -5.41 -10.94 -5.27
CA ASN F 114 -4.97 -10.11 -4.15
C ASN F 114 -4.32 -10.95 -3.06
N MET F 115 -4.87 -12.12 -2.79
CA MET F 115 -4.28 -13.02 -1.79
C MET F 115 -2.90 -13.49 -2.22
N LEU F 116 -2.74 -13.83 -3.49
CA LEU F 116 -1.42 -14.21 -3.99
C LEU F 116 -0.44 -13.06 -3.91
N SER F 117 -0.90 -11.84 -4.21
CA SER F 117 -0.03 -10.67 -4.12
C SER F 117 0.39 -10.39 -2.69
N VAL F 118 -0.53 -10.50 -1.74
CA VAL F 118 -0.20 -10.21 -0.35
C VAL F 118 0.62 -11.34 0.27
N ALA F 119 0.49 -12.57 -0.26
CA ALA F 119 1.38 -13.64 0.18
C ALA F 119 2.81 -13.40 -0.27
N GLY F 120 3.02 -12.61 -1.32
CA GLY F 120 4.35 -12.22 -1.72
C GLY F 120 4.78 -12.74 -3.07
N ALA F 121 3.85 -13.23 -3.87
CA ALA F 121 4.20 -13.68 -5.21
C ALA F 121 4.69 -12.50 -6.04
N ASP F 122 5.80 -12.73 -6.75
CA ASP F 122 6.36 -11.74 -7.65
C ASP F 122 6.05 -12.01 -9.11
N HIS F 123 5.55 -13.19 -9.42
CA HIS F 123 5.35 -13.62 -10.80
C HIS F 123 4.35 -14.76 -10.81
N ILE F 124 3.47 -14.77 -11.80
CA ILE F 124 2.48 -15.83 -11.95
C ILE F 124 2.66 -16.43 -13.34
N ILE F 125 2.76 -17.76 -13.39
CA ILE F 125 2.76 -18.51 -14.64
C ILE F 125 1.55 -19.41 -14.63
N THR F 126 0.70 -19.27 -15.65
CA THR F 126 -0.53 -20.02 -15.73
C THR F 126 -0.79 -20.36 -17.19
N MET F 127 -1.71 -21.30 -17.41
CA MET F 127 -2.06 -21.75 -18.75
C MET F 127 -3.54 -21.51 -19.01
N ASP F 128 -3.83 -20.82 -20.11
CA ASP F 128 -5.19 -20.66 -20.62
C ASP F 128 -6.16 -20.19 -19.54
N LEU F 129 -5.92 -18.98 -19.06
CA LEU F 129 -6.84 -18.34 -18.14
C LEU F 129 -8.24 -18.32 -18.72
N HIS F 130 -9.24 -18.61 -17.88
CA HIS F 130 -10.61 -18.56 -18.35
C HIS F 130 -10.95 -17.21 -18.94
N ALA F 131 -10.41 -16.14 -18.34
CA ALA F 131 -10.45 -14.81 -18.94
C ALA F 131 -9.03 -14.26 -18.91
N SER F 132 -8.53 -13.86 -20.08
CA SER F 132 -7.18 -13.32 -20.14
C SER F 132 -7.03 -12.04 -19.34
N GLN F 133 -8.12 -11.32 -19.09
CA GLN F 133 -8.07 -10.10 -18.30
C GLN F 133 -7.67 -10.37 -16.85
N ILE F 134 -7.67 -11.64 -16.43
CA ILE F 134 -7.17 -11.98 -15.10
C ILE F 134 -5.71 -11.57 -14.95
N GLN F 135 -4.97 -11.50 -16.06
CA GLN F 135 -3.63 -10.91 -16.03
C GLN F 135 -3.66 -9.52 -15.41
N GLY F 136 -4.70 -8.75 -15.68
CA GLY F 136 -4.87 -7.44 -15.13
C GLY F 136 -5.32 -7.41 -13.69
N PHE F 137 -5.64 -8.55 -13.10
CA PHE F 137 -6.01 -8.60 -11.69
C PHE F 137 -4.79 -8.48 -10.78
N PHE F 138 -3.58 -8.65 -11.32
CA PHE F 138 -2.34 -8.51 -10.60
C PHE F 138 -1.64 -7.22 -11.00
N ASP F 139 -0.73 -6.76 -10.14
CA ASP F 139 0.24 -5.73 -10.49
C ASP F 139 1.62 -6.31 -10.77
N ILE F 140 1.74 -7.63 -10.84
CA ILE F 140 2.99 -8.31 -11.14
C ILE F 140 2.84 -8.94 -12.52
N PRO F 141 3.94 -9.30 -13.20
CA PRO F 141 3.81 -10.00 -14.49
C PRO F 141 3.07 -11.31 -14.32
N VAL F 142 2.19 -11.59 -15.28
CA VAL F 142 1.41 -12.82 -15.30
C VAL F 142 1.57 -13.44 -16.68
N ASP F 143 2.14 -14.64 -16.71
CA ASP F 143 2.32 -15.37 -17.96
C ASP F 143 1.09 -16.24 -18.20
N ASN F 144 0.36 -15.94 -19.26
CA ASN F 144 -0.83 -16.69 -19.64
C ASN F 144 -0.46 -17.53 -20.85
N LEU F 145 0.06 -18.73 -20.60
CA LEU F 145 0.50 -19.61 -21.66
C LEU F 145 -0.70 -20.25 -22.34
N TYR F 146 -0.53 -20.55 -23.62
CA TYR F 146 -1.59 -21.16 -24.42
C TYR F 146 -1.28 -22.65 -24.62
N ALA F 147 -2.30 -23.47 -24.50
CA ALA F 147 -2.19 -24.85 -24.95
C ALA F 147 -2.53 -25.01 -26.42
N GLU F 148 -2.81 -23.91 -27.11
CA GLU F 148 -3.24 -23.98 -28.51
C GLU F 148 -2.22 -24.64 -29.43
N PRO F 149 -0.91 -24.33 -29.36
CA PRO F 149 0.03 -25.07 -30.24
C PRO F 149 -0.01 -26.58 -30.00
N ALA F 150 -0.17 -26.99 -28.74
CA ALA F 150 -0.23 -28.44 -28.41
C ALA F 150 -1.53 -29.04 -28.95
N VAL F 151 -2.63 -28.29 -28.90
CA VAL F 151 -3.95 -28.77 -29.40
C VAL F 151 -3.83 -28.99 -30.91
N LEU F 152 -3.30 -28.01 -31.64
CA LEU F 152 -3.16 -28.11 -33.09
C LEU F 152 -2.31 -29.31 -33.47
N LYS F 153 -1.22 -29.54 -32.72
CA LYS F 153 -0.40 -30.72 -32.97
C LYS F 153 -1.20 -32.00 -32.82
N TRP F 154 -1.98 -32.10 -31.74
CA TRP F 154 -2.80 -33.28 -31.52
C TRP F 154 -3.82 -33.46 -32.64
N ILE F 155 -4.46 -32.38 -33.07
CA ILE F 155 -5.47 -32.47 -34.12
C ILE F 155 -4.83 -32.97 -35.41
N ARG F 156 -3.70 -32.38 -35.79
CA ARG F 156 -3.05 -32.77 -37.03
C ARG F 156 -2.49 -34.18 -36.98
N GLU F 157 -2.17 -34.70 -35.79
CA GLU F 157 -1.60 -36.04 -35.70
C GLU F 157 -2.61 -37.14 -35.40
N ASN F 158 -3.82 -36.80 -34.93
CA ASN F 158 -4.75 -37.81 -34.46
C ASN F 158 -6.08 -37.83 -35.19
N ILE F 159 -6.40 -36.82 -35.99
CA ILE F 159 -7.66 -36.77 -36.72
C ILE F 159 -7.31 -36.76 -38.20
N SER F 160 -7.64 -37.85 -38.89
CA SER F 160 -7.21 -38.02 -40.28
C SER F 160 -7.85 -36.97 -41.19
N GLU F 161 -9.12 -36.66 -40.97
CA GLU F 161 -9.88 -35.72 -41.79
C GLU F 161 -9.92 -34.35 -41.16
N TRP F 162 -8.83 -33.92 -40.52
CA TRP F 162 -8.83 -32.63 -39.85
C TRP F 162 -8.94 -31.47 -40.83
N ARG F 163 -8.49 -31.65 -42.06
CA ARG F 163 -8.58 -30.57 -43.03
C ARG F 163 -10.01 -30.29 -43.49
N ASN F 164 -10.91 -31.25 -43.30
CA ASN F 164 -12.32 -31.04 -43.62
C ASN F 164 -13.18 -30.93 -42.38
N CYS F 165 -12.56 -30.83 -41.20
CA CYS F 165 -13.31 -30.76 -39.96
C CYS F 165 -13.86 -29.36 -39.74
N THR F 166 -14.72 -29.24 -38.74
CA THR F 166 -15.21 -27.95 -38.27
C THR F 166 -14.98 -27.87 -36.77
N ILE F 167 -14.39 -26.78 -36.33
CA ILE F 167 -14.13 -26.57 -34.91
C ILE F 167 -15.35 -25.88 -34.32
N VAL F 168 -15.89 -26.45 -33.24
CA VAL F 168 -17.18 -26.03 -32.70
C VAL F 168 -16.97 -25.42 -31.31
N SER F 169 -17.52 -24.24 -31.11
CA SER F 169 -17.56 -23.65 -29.78
C SER F 169 -18.78 -24.18 -29.02
N PRO F 170 -18.59 -24.73 -27.82
CA PRO F 170 -19.74 -25.22 -27.05
C PRO F 170 -20.58 -24.11 -26.42
N ASP F 171 -20.10 -22.87 -26.38
CA ASP F 171 -20.87 -21.74 -25.89
C ASP F 171 -20.41 -20.48 -26.61
N ALA F 172 -21.08 -19.37 -26.32
CA ALA F 172 -20.73 -18.10 -26.96
C ALA F 172 -19.36 -17.60 -26.51
N GLY F 173 -18.97 -17.87 -25.28
CA GLY F 173 -17.71 -17.36 -24.75
C GLY F 173 -16.49 -18.01 -25.38
N GLY F 174 -16.62 -19.18 -25.96
CA GLY F 174 -15.50 -19.86 -26.59
C GLY F 174 -15.24 -19.46 -28.01
N ALA F 175 -15.97 -18.47 -28.53
CA ALA F 175 -15.92 -18.16 -29.96
C ALA F 175 -14.52 -17.72 -30.39
N LYS F 176 -13.85 -16.91 -29.57
CA LYS F 176 -12.52 -16.43 -29.95
C LYS F 176 -11.53 -17.59 -30.06
N ARG F 177 -11.55 -18.50 -29.08
CA ARG F 177 -10.66 -19.65 -29.10
C ARG F 177 -10.92 -20.53 -30.33
N VAL F 178 -12.20 -20.80 -30.61
CA VAL F 178 -12.55 -21.63 -31.76
C VAL F 178 -12.18 -20.95 -33.07
N THR F 179 -12.41 -19.65 -33.19
CA THR F 179 -12.06 -18.96 -34.43
C THR F 179 -10.54 -18.97 -34.62
N SER F 180 -9.79 -18.78 -33.54
CA SER F 180 -8.34 -18.82 -33.66
C SER F 180 -7.86 -20.20 -34.13
N ILE F 181 -8.41 -21.26 -33.54
CA ILE F 181 -8.01 -22.60 -33.92
C ILE F 181 -8.40 -22.90 -35.37
N ALA F 182 -9.61 -22.49 -35.77
CA ALA F 182 -10.06 -22.72 -37.14
C ALA F 182 -9.22 -21.95 -38.15
N ASP F 183 -8.82 -20.73 -37.81
CA ASP F 183 -7.90 -19.97 -38.64
C ASP F 183 -6.56 -20.67 -38.78
N ARG F 184 -6.01 -21.16 -37.68
CA ARG F 184 -4.72 -21.83 -37.75
C ARG F 184 -4.80 -23.13 -38.54
N LEU F 185 -5.93 -23.83 -38.48
CA LEU F 185 -6.12 -25.05 -39.25
C LEU F 185 -6.69 -24.79 -40.64
N ASN F 186 -7.11 -23.57 -40.93
CA ASN F 186 -7.78 -23.22 -42.19
C ASN F 186 -8.99 -24.12 -42.43
N VAL F 187 -9.85 -24.19 -41.42
CA VAL F 187 -11.05 -25.02 -41.47
C VAL F 187 -12.24 -24.16 -41.07
N ASP F 188 -13.43 -24.71 -41.32
CA ASP F 188 -14.67 -24.05 -40.90
C ASP F 188 -14.81 -24.09 -39.39
N PHE F 189 -15.65 -23.21 -38.87
CA PHE F 189 -16.00 -23.23 -37.46
C PHE F 189 -17.50 -23.09 -37.32
N ALA F 190 -18.00 -23.57 -36.17
CA ALA F 190 -19.39 -23.44 -35.81
C ALA F 190 -19.48 -23.04 -34.34
N LEU F 191 -20.63 -22.52 -33.96
CA LEU F 191 -20.87 -22.13 -32.58
C LEU F 191 -22.19 -22.74 -32.12
N ILE F 192 -22.19 -23.22 -30.89
CA ILE F 192 -23.38 -23.76 -30.25
C ILE F 192 -23.71 -22.90 -29.04
N HIS F 193 -24.96 -22.49 -28.92
CA HIS F 193 -25.40 -21.66 -27.81
C HIS F 193 -26.57 -22.34 -27.13
N LYS F 194 -26.49 -22.46 -25.81
CA LYS F 194 -27.64 -22.87 -24.99
C LYS F 194 -28.37 -21.62 -24.56
N GLU F 195 -29.61 -21.44 -25.02
CA GLU F 195 -30.26 -20.17 -24.71
C GLU F 195 -30.68 -20.11 -23.24
N ARG F 196 -30.90 -18.90 -22.77
CA ARG F 196 -31.04 -18.66 -21.35
C ARG F 196 -32.31 -19.30 -20.80
N LYS F 197 -32.21 -19.77 -19.57
CA LYS F 197 -33.28 -20.52 -18.89
C LYS F 197 -34.27 -19.53 -18.30
N LYS F 198 -35.25 -19.13 -19.13
CA LYS F 198 -36.26 -18.19 -18.66
C LYS F 198 -37.25 -18.86 -17.72
N ALA F 199 -37.50 -20.15 -17.92
CA ALA F 199 -38.43 -20.90 -17.08
C ALA F 199 -37.94 -22.35 -17.03
N ASN F 200 -38.81 -23.26 -16.60
CA ASN F 200 -38.43 -24.65 -16.38
C ASN F 200 -38.76 -25.55 -17.57
N GLU F 201 -38.73 -25.02 -18.79
CA GLU F 201 -38.93 -25.89 -19.95
C GLU F 201 -37.62 -26.57 -20.32
N VAL F 202 -37.64 -27.28 -21.46
CA VAL F 202 -36.47 -28.04 -21.88
C VAL F 202 -35.37 -27.10 -22.34
N ASP F 203 -34.15 -27.38 -21.89
CA ASP F 203 -32.99 -26.69 -22.43
C ASP F 203 -32.83 -27.03 -23.91
N ARG F 204 -32.79 -26.00 -24.74
CA ARG F 204 -32.63 -26.18 -26.18
C ARG F 204 -31.39 -25.45 -26.65
N MET F 205 -30.68 -26.07 -27.60
CA MET F 205 -29.41 -25.57 -28.08
C MET F 205 -29.55 -25.15 -29.52
N VAL F 206 -29.03 -23.98 -29.84
CA VAL F 206 -29.02 -23.47 -31.20
C VAL F 206 -27.60 -23.61 -31.76
N LEU F 207 -27.50 -24.10 -32.98
CA LEU F 207 -26.23 -24.24 -33.67
C LEU F 207 -26.19 -23.29 -34.86
N VAL F 208 -25.13 -22.49 -34.92
CA VAL F 208 -24.87 -21.64 -36.08
C VAL F 208 -23.62 -22.16 -36.77
N GLY F 209 -23.74 -22.44 -38.06
CA GLY F 209 -22.67 -23.09 -38.80
C GLY F 209 -23.09 -24.47 -39.25
N ASP F 210 -22.33 -24.98 -40.22
CA ASP F 210 -22.64 -26.26 -40.87
C ASP F 210 -21.67 -27.32 -40.38
N VAL F 211 -22.21 -28.39 -39.80
CA VAL F 211 -21.41 -29.51 -39.34
C VAL F 211 -21.85 -30.83 -39.97
N LYS F 212 -22.77 -30.78 -40.93
CA LYS F 212 -23.34 -31.98 -41.49
C LYS F 212 -22.31 -32.79 -42.26
N ASP F 213 -22.24 -34.09 -41.95
CA ASP F 213 -21.36 -35.04 -42.63
C ASP F 213 -19.89 -34.66 -42.49
N ARG F 214 -19.55 -33.94 -41.44
CA ARG F 214 -18.16 -33.57 -41.17
C ARG F 214 -17.81 -33.95 -39.75
N VAL F 215 -16.52 -34.14 -39.51
CA VAL F 215 -16.03 -34.32 -38.15
C VAL F 215 -16.11 -32.99 -37.42
N ALA F 216 -16.68 -33.02 -36.23
CA ALA F 216 -16.81 -31.83 -35.39
C ALA F 216 -15.84 -31.95 -34.23
N ILE F 217 -15.04 -30.92 -34.02
CA ILE F 217 -14.12 -30.86 -32.90
C ILE F 217 -14.61 -29.78 -31.97
N LEU F 218 -15.06 -30.18 -30.77
CA LEU F 218 -15.42 -29.24 -29.73
C LEU F 218 -14.16 -28.77 -29.02
N VAL F 219 -13.94 -27.47 -29.01
CA VAL F 219 -12.79 -26.88 -28.32
C VAL F 219 -13.30 -25.89 -27.30
N ASP F 220 -12.89 -26.07 -26.05
CA ASP F 220 -13.25 -25.17 -24.97
C ASP F 220 -12.08 -25.07 -24.01
N ASP F 221 -12.14 -24.09 -23.11
CA ASP F 221 -11.07 -23.90 -22.15
C ASP F 221 -11.12 -24.92 -21.02
N MET F 222 -12.30 -25.44 -20.68
CA MET F 222 -12.39 -26.38 -19.58
C MET F 222 -13.66 -27.18 -19.69
N ALA F 223 -13.66 -28.35 -19.04
CA ALA F 223 -14.83 -29.19 -18.91
C ALA F 223 -14.95 -29.56 -17.43
N ASP F 224 -15.81 -28.86 -16.71
CA ASP F 224 -15.97 -29.11 -15.27
C ASP F 224 -16.94 -30.26 -15.03
N THR F 225 -18.21 -30.05 -15.36
CA THR F 225 -19.22 -31.09 -15.25
C THR F 225 -19.51 -31.76 -16.59
N CYS F 226 -18.93 -31.24 -17.66
CA CYS F 226 -19.10 -31.73 -19.03
C CYS F 226 -20.53 -31.56 -19.52
N GLY F 227 -21.35 -30.78 -18.82
CA GLY F 227 -22.67 -30.47 -19.34
C GLY F 227 -22.60 -29.71 -20.64
N THR F 228 -21.70 -28.74 -20.73
CA THR F 228 -21.55 -27.95 -21.95
C THR F 228 -21.15 -28.83 -23.13
N ILE F 229 -20.08 -29.62 -22.97
CA ILE F 229 -19.59 -30.40 -24.10
C ILE F 229 -20.54 -31.55 -24.40
N CYS F 230 -21.18 -32.14 -23.40
CA CYS F 230 -22.10 -33.25 -23.68
C CYS F 230 -23.34 -32.75 -24.42
N HIS F 231 -23.92 -31.64 -23.97
CA HIS F 231 -25.06 -31.06 -24.66
C HIS F 231 -24.69 -30.65 -26.08
N ALA F 232 -23.50 -30.05 -26.24
CA ALA F 232 -23.02 -29.69 -27.56
C ALA F 232 -22.83 -30.92 -28.44
N ALA F 233 -22.38 -32.03 -27.85
CA ALA F 233 -22.18 -33.25 -28.62
C ALA F 233 -23.49 -33.83 -29.10
N ASP F 234 -24.51 -33.84 -28.22
CA ASP F 234 -25.83 -34.28 -28.66
C ASP F 234 -26.35 -33.39 -29.79
N LYS F 235 -26.20 -32.08 -29.65
CA LYS F 235 -26.64 -31.17 -30.70
C LYS F 235 -25.89 -31.43 -32.01
N LEU F 236 -24.58 -31.66 -31.93
CA LEU F 236 -23.77 -31.86 -33.12
C LEU F 236 -24.18 -33.15 -33.84
N LEU F 237 -24.40 -34.23 -33.09
CA LEU F 237 -24.87 -35.45 -33.73
C LEU F 237 -26.26 -35.26 -34.33
N SER F 238 -27.15 -34.57 -33.62
CA SER F 238 -28.47 -34.29 -34.15
C SER F 238 -28.40 -33.45 -35.42
N ALA F 239 -27.34 -32.67 -35.58
CA ALA F 239 -27.16 -31.82 -36.74
C ALA F 239 -26.44 -32.51 -37.88
N GLY F 240 -26.08 -33.78 -37.73
CA GLY F 240 -25.47 -34.54 -38.80
C GLY F 240 -23.97 -34.66 -38.78
N ALA F 241 -23.32 -34.35 -37.67
CA ALA F 241 -21.88 -34.55 -37.57
C ALA F 241 -21.57 -36.05 -37.59
N THR F 242 -20.53 -36.43 -38.32
CA THR F 242 -20.14 -37.83 -38.38
C THR F 242 -19.50 -38.28 -37.08
N ARG F 243 -18.42 -37.61 -36.67
CA ARG F 243 -17.73 -37.91 -35.43
C ARG F 243 -17.58 -36.62 -34.65
N VAL F 244 -17.54 -36.72 -33.33
CA VAL F 244 -17.43 -35.57 -32.45
C VAL F 244 -16.25 -35.78 -31.51
N TYR F 245 -15.31 -34.85 -31.52
CA TYR F 245 -14.22 -34.80 -30.58
C TYR F 245 -14.42 -33.64 -29.61
N ALA F 246 -13.86 -33.78 -28.42
CA ALA F 246 -13.82 -32.70 -27.45
C ALA F 246 -12.38 -32.50 -27.02
N ILE F 247 -11.89 -31.28 -27.17
CA ILE F 247 -10.54 -30.93 -26.74
C ILE F 247 -10.64 -29.77 -25.77
N LEU F 248 -10.13 -29.99 -24.56
CA LEU F 248 -10.11 -28.99 -23.51
C LEU F 248 -8.66 -28.80 -23.08
N THR F 249 -8.37 -27.67 -22.44
CA THR F 249 -7.07 -27.59 -21.80
C THR F 249 -7.13 -27.98 -20.33
N HIS F 250 -8.21 -27.66 -19.64
CA HIS F 250 -8.38 -28.01 -18.24
C HIS F 250 -9.46 -29.08 -18.12
N GLY F 251 -9.05 -30.31 -17.81
CA GLY F 251 -10.02 -31.34 -17.51
C GLY F 251 -10.31 -31.42 -16.03
N ILE F 252 -11.36 -30.74 -15.59
CA ILE F 252 -11.73 -30.78 -14.18
C ILE F 252 -12.50 -32.06 -13.87
N PHE F 253 -13.50 -32.37 -14.72
CA PHE F 253 -14.24 -33.63 -14.64
C PHE F 253 -14.81 -33.86 -13.25
N SER F 254 -15.36 -32.80 -12.65
CA SER F 254 -15.97 -32.94 -11.35
C SER F 254 -17.39 -33.47 -11.47
N GLY F 255 -17.89 -34.02 -10.37
CA GLY F 255 -19.26 -34.48 -10.29
C GLY F 255 -19.59 -35.59 -11.27
N PRO F 256 -20.65 -35.37 -12.07
CA PRO F 256 -21.13 -36.40 -12.98
C PRO F 256 -20.42 -36.45 -14.32
N ALA F 257 -19.26 -35.81 -14.45
CA ALA F 257 -18.63 -35.66 -15.75
C ALA F 257 -18.23 -37.00 -16.35
N ILE F 258 -17.68 -37.91 -15.53
CA ILE F 258 -17.19 -39.17 -16.07
C ILE F 258 -18.33 -40.01 -16.62
N SER F 259 -19.44 -40.10 -15.88
CA SER F 259 -20.59 -40.83 -16.37
C SER F 259 -21.18 -40.16 -17.60
N ARG F 260 -21.19 -38.82 -17.63
CA ARG F 260 -21.68 -38.10 -18.79
C ARG F 260 -20.86 -38.41 -20.04
N ILE F 261 -19.53 -38.42 -19.90
CA ILE F 261 -18.67 -38.69 -21.04
C ILE F 261 -18.81 -40.14 -21.49
N ASN F 262 -18.85 -41.07 -20.52
CA ASN F 262 -18.97 -42.48 -20.88
C ASN F 262 -20.27 -42.76 -21.62
N ASN F 263 -21.32 -41.99 -21.35
CA ASN F 263 -22.60 -42.15 -22.03
C ASN F 263 -22.75 -41.20 -23.21
N ALA F 264 -21.73 -40.41 -23.52
CA ALA F 264 -21.78 -39.51 -24.66
C ALA F 264 -21.22 -40.21 -25.89
N CYS F 265 -21.14 -39.47 -26.99
CA CYS F 265 -20.76 -40.00 -28.29
C CYS F 265 -19.37 -39.58 -28.72
N PHE F 266 -18.55 -39.12 -27.79
CA PHE F 266 -17.25 -38.55 -28.14
C PHE F 266 -16.33 -39.63 -28.70
N GLU F 267 -15.65 -39.30 -29.79
CA GLU F 267 -14.57 -40.15 -30.27
C GLU F 267 -13.42 -40.14 -29.28
N ALA F 268 -13.10 -38.96 -28.73
CA ALA F 268 -12.07 -38.82 -27.72
C ALA F 268 -12.30 -37.50 -27.00
N VAL F 269 -12.01 -37.50 -25.69
CA VAL F 269 -12.01 -36.28 -24.90
C VAL F 269 -10.55 -36.00 -24.56
N VAL F 270 -10.02 -34.91 -25.10
CA VAL F 270 -8.60 -34.60 -25.00
C VAL F 270 -8.42 -33.42 -24.05
N VAL F 271 -7.60 -33.61 -23.03
CA VAL F 271 -7.30 -32.57 -22.07
C VAL F 271 -5.79 -32.52 -21.90
N THR F 272 -5.30 -31.38 -21.41
CA THR F 272 -3.92 -31.31 -20.97
C THR F 272 -3.81 -31.84 -19.56
N ASN F 273 -2.58 -31.97 -19.08
CA ASN F 273 -2.32 -32.38 -17.70
C ASN F 273 -2.08 -31.20 -16.77
N THR F 274 -2.73 -30.07 -17.04
CA THR F 274 -2.77 -29.00 -16.05
C THR F 274 -3.44 -29.45 -14.76
N ILE F 275 -4.31 -30.46 -14.85
CA ILE F 275 -4.95 -31.08 -13.70
C ILE F 275 -4.60 -32.56 -13.78
N PRO F 276 -4.32 -33.24 -12.67
CA PRO F 276 -4.04 -34.67 -12.75
C PRO F 276 -5.23 -35.43 -13.33
N GLN F 277 -4.94 -36.33 -14.26
CA GLN F 277 -5.97 -37.07 -14.97
C GLN F 277 -5.89 -38.57 -14.75
N GLU F 278 -4.93 -39.04 -13.94
CA GLU F 278 -4.72 -40.48 -13.80
C GLU F 278 -6.00 -41.17 -13.32
N ASP F 279 -6.65 -40.60 -12.30
CA ASP F 279 -7.88 -41.19 -11.78
C ASP F 279 -9.00 -41.13 -12.82
N LYS F 280 -9.09 -40.01 -13.54
CA LYS F 280 -10.15 -39.86 -14.53
C LYS F 280 -10.00 -40.86 -15.68
N MET F 281 -8.77 -41.07 -16.14
CA MET F 281 -8.55 -42.01 -17.25
C MET F 281 -8.88 -43.44 -16.86
N LYS F 282 -8.79 -43.79 -15.59
CA LYS F 282 -9.09 -45.14 -15.17
C LYS F 282 -10.57 -45.48 -15.29
N HIS F 283 -11.45 -44.48 -15.24
CA HIS F 283 -12.88 -44.70 -15.33
C HIS F 283 -13.48 -44.25 -16.66
N CYS F 284 -12.70 -43.61 -17.52
CA CYS F 284 -13.20 -43.16 -18.83
C CYS F 284 -12.10 -43.39 -19.86
N SER F 285 -12.28 -44.40 -20.70
CA SER F 285 -11.30 -44.71 -21.73
C SER F 285 -11.24 -43.63 -22.80
N LYS F 286 -12.28 -42.82 -22.95
CA LYS F 286 -12.29 -41.78 -23.97
C LYS F 286 -11.30 -40.66 -23.69
N ILE F 287 -10.87 -40.50 -22.45
CA ILE F 287 -10.00 -39.38 -22.10
C ILE F 287 -8.58 -39.68 -22.55
N GLN F 288 -7.99 -38.72 -23.26
CA GLN F 288 -6.58 -38.74 -23.61
C GLN F 288 -5.95 -37.43 -23.12
N VAL F 289 -4.66 -37.48 -22.83
CA VAL F 289 -3.97 -36.39 -22.15
C VAL F 289 -2.85 -35.87 -23.03
N ILE F 290 -2.83 -34.55 -23.24
CA ILE F 290 -1.69 -33.88 -23.85
C ILE F 290 -0.79 -33.39 -22.73
N ASP F 291 0.45 -33.84 -22.72
CA ASP F 291 1.39 -33.38 -21.73
C ASP F 291 1.81 -31.95 -22.06
N ILE F 292 1.63 -31.04 -21.12
CA ILE F 292 2.09 -29.66 -21.29
C ILE F 292 3.23 -29.34 -20.34
N SER F 293 3.82 -30.36 -19.70
CA SER F 293 4.92 -30.12 -18.77
C SER F 293 6.12 -29.49 -19.46
N MET F 294 6.33 -29.79 -20.75
CA MET F 294 7.43 -29.17 -21.46
C MET F 294 7.18 -27.68 -21.65
N ILE F 295 5.93 -27.28 -21.88
CA ILE F 295 5.61 -25.86 -22.01
C ILE F 295 5.88 -25.13 -20.71
N LEU F 296 5.40 -25.70 -19.60
CA LEU F 296 5.62 -25.06 -18.29
C LEU F 296 7.10 -25.03 -17.94
N ALA F 297 7.82 -26.11 -18.21
CA ALA F 297 9.25 -26.15 -17.92
C ALA F 297 10.00 -25.12 -18.73
N GLU F 298 9.69 -25.00 -20.02
CA GLU F 298 10.32 -23.98 -20.84
C GLU F 298 9.98 -22.58 -20.36
N ALA F 299 8.73 -22.36 -19.93
CA ALA F 299 8.36 -21.06 -19.41
C ALA F 299 9.15 -20.72 -18.15
N ILE F 300 9.30 -21.69 -17.24
CA ILE F 300 10.06 -21.46 -16.03
C ILE F 300 11.53 -21.18 -16.35
N ARG F 301 12.10 -21.97 -17.26
CA ARG F 301 13.50 -21.81 -17.63
C ARG F 301 13.75 -20.45 -18.27
N ARG F 302 12.86 -20.02 -19.16
CA ARG F 302 13.02 -18.72 -19.81
C ARG F 302 12.80 -17.59 -18.83
N THR F 303 11.85 -17.74 -17.90
CA THR F 303 11.67 -16.73 -16.86
C THR F 303 12.93 -16.58 -16.03
N HIS F 304 13.54 -17.71 -15.65
CA HIS F 304 14.76 -17.66 -14.87
C HIS F 304 15.91 -17.05 -15.67
N ASN F 305 16.01 -17.37 -16.95
CA ASN F 305 17.09 -16.88 -17.78
C ASN F 305 16.84 -15.50 -18.37
N GLY F 306 15.69 -14.90 -18.10
CA GLY F 306 15.38 -13.60 -18.67
C GLY F 306 15.21 -13.63 -20.18
N ALA F 307 14.54 -14.65 -20.69
CA ALA F 307 14.28 -14.79 -22.11
C ALA F 307 12.78 -14.75 -22.38
N SER F 308 12.43 -14.33 -23.59
CA SER F 308 11.03 -14.24 -23.99
C SER F 308 10.38 -15.61 -24.02
N VAL F 309 9.10 -15.66 -23.63
CA VAL F 309 8.31 -16.88 -23.74
C VAL F 309 7.43 -16.87 -24.99
N SER F 310 7.63 -15.90 -25.88
CA SER F 310 6.82 -15.82 -27.09
C SER F 310 6.96 -17.06 -27.96
N TYR F 311 8.11 -17.71 -27.90
CA TYR F 311 8.33 -18.93 -28.67
C TYR F 311 7.31 -20.00 -28.31
N LEU F 312 6.83 -20.01 -27.06
CA LEU F 312 5.88 -21.02 -26.61
C LEU F 312 4.49 -20.86 -27.22
N PHE F 313 4.20 -19.73 -27.85
CA PHE F 313 2.90 -19.48 -28.43
C PHE F 313 2.81 -19.89 -29.90
N SER F 314 3.91 -20.38 -30.47
CA SER F 314 3.93 -20.87 -31.83
C SER F 314 4.45 -22.29 -31.97
N HIS F 315 5.12 -22.83 -30.95
CA HIS F 315 5.76 -24.12 -31.04
C HIS F 315 5.55 -24.89 -29.74
N VAL F 316 5.55 -26.21 -29.85
CA VAL F 316 5.54 -27.10 -28.70
C VAL F 316 6.95 -27.65 -28.52
N PRO F 317 7.66 -27.29 -27.44
CA PRO F 317 9.05 -27.72 -27.22
C PRO F 317 9.17 -29.22 -26.98
P PO4 G . -3.04 -30.61 21.88
O1 PO4 G . -4.46 -30.63 22.43
O2 PO4 G . -2.35 -29.31 22.27
O3 PO4 G . -3.08 -30.71 20.36
O4 PO4 G . -2.26 -31.80 22.43
PB ADP H . -11.50 0.94 22.95
O1B ADP H . -11.79 2.38 22.85
O2B ADP H . -10.08 0.61 23.39
O3B ADP H . -11.82 0.18 21.67
PA ADP H . -12.48 -1.17 24.77
O1A ADP H . -13.73 -1.86 24.26
O2A ADP H . -12.43 -1.02 26.25
O3A ADP H . -12.43 0.25 24.06
O5' ADP H . -11.24 -1.98 24.22
C5' ADP H . -11.05 -2.54 22.90
C4' ADP H . -10.23 -3.78 23.00
O4' ADP H . -9.23 -3.64 24.03
C3' ADP H . -10.99 -5.05 23.38
O3' ADP H . -11.61 -5.64 22.25
C2' ADP H . -9.86 -5.93 23.93
O2' ADP H . -9.13 -6.58 22.90
C1' ADP H . -8.98 -4.90 24.65
N9 ADP H . -9.26 -4.76 26.08
C8 ADP H . -9.94 -3.75 26.71
N7 ADP H . -10.06 -3.91 28.00
C5 ADP H . -9.42 -5.12 28.24
C6 ADP H . -9.19 -5.85 29.42
N6 ADP H . -9.62 -5.47 30.63
N1 ADP H . -8.51 -7.00 29.32
C2 ADP H . -8.08 -7.40 28.12
N3 ADP H . -8.24 -6.79 26.94
C4 ADP H . -8.92 -5.65 27.07
MG MG I . 2.17 -21.00 20.96
MG MG J . -0.40 -24.98 24.03
PB ADP K . -20.40 -16.14 -18.57
O1B ADP K . -20.72 -15.74 -17.12
O2B ADP K . -21.59 -16.61 -19.33
O3B ADP K . -19.67 -14.99 -19.25
PA ADP K . -19.23 -18.64 -17.59
O1A ADP K . -19.78 -19.77 -18.35
O2A ADP K . -17.77 -18.81 -17.18
O3A ADP K . -19.31 -17.29 -18.44
O5' ADP K . -20.05 -18.35 -16.27
C5' ADP K . -19.56 -17.71 -15.06
C4' ADP K . -20.58 -17.91 -13.96
O4' ADP K . -20.58 -19.30 -13.56
C3' ADP K . -20.32 -17.12 -12.68
O3' ADP K . -20.89 -15.83 -12.77
C2' ADP K . -21.02 -17.98 -11.63
O2' ADP K . -22.43 -17.75 -11.61
C1' ADP K . -20.73 -19.39 -12.15
N9 ADP K . -19.53 -20.00 -11.59
C8 ADP K . -18.45 -19.35 -11.04
N7 ADP K . -17.52 -20.15 -10.60
C5 ADP K . -18.00 -21.41 -10.87
C6 ADP K . -17.49 -22.70 -10.66
N6 ADP K . -16.31 -22.93 -10.07
N1 ADP K . -18.23 -23.76 -11.05
C2 ADP K . -19.41 -23.53 -11.63
N3 ADP K . -20.00 -22.36 -11.89
C4 ADP K . -19.24 -21.34 -11.49
P PO4 L . 11.00 -4.73 35.86
O1 PO4 L . 10.51 -4.77 37.30
O2 PO4 L . 12.49 -5.04 35.84
O3 PO4 L . 10.75 -3.35 35.27
O4 PO4 L . 10.26 -5.78 35.03
PB ADP M . 15.61 -19.25 6.93
O1B ADP M . 14.35 -19.69 7.69
O2B ADP M . 15.70 -19.81 5.56
O3B ADP M . 15.73 -17.74 6.98
PA ADP M . 17.18 -19.73 9.38
O1A ADP M . 17.42 -21.09 9.91
O2A ADP M . 18.36 -18.78 9.52
O3A ADP M . 16.82 -19.78 7.83
O5' ADP M . 15.95 -19.03 10.10
C5' ADP M . 15.55 -17.65 10.04
C4' ADP M . 14.91 -17.26 11.35
O4' ADP M . 14.14 -18.36 11.86
C3' ADP M . 15.87 -16.89 12.47
O3' ADP M . 16.30 -15.55 12.36
C2' ADP M . 15.00 -17.12 13.70
O2' ADP M . 14.15 -16.01 13.96
C1' ADP M . 14.18 -18.35 13.28
N9 ADP M . 14.74 -19.61 13.75
C8 ADP M . 15.42 -20.55 13.00
N7 ADP M . 15.82 -21.59 13.68
C5 ADP M . 15.39 -21.32 14.98
C6 ADP M . 15.50 -22.04 16.18
N6 ADP M . 16.13 -23.21 16.30
N1 ADP M . 14.94 -21.50 17.28
C2 ADP M . 14.32 -20.32 17.18
N3 ADP M . 14.16 -19.55 16.10
C4 ADP M . 14.71 -20.11 15.03
MG MG N . 4.59 -9.01 28.05
MG MG O . 8.19 -9.56 32.38
PB ADP P . 18.14 26.25 2.08
O1B ADP P . 17.15 26.22 0.91
O2B ADP P . 18.68 24.84 2.29
O3B ADP P . 19.20 27.28 1.93
PA ADP P . 17.49 26.40 4.92
O1A ADP P . 16.17 25.94 5.54
O2A ADP P . 18.02 27.66 5.48
O3A ADP P . 17.24 26.53 3.36
O5' ADP P . 18.51 25.20 5.08
C5' ADP P . 18.20 23.79 5.15
C4' ADP P . 19.44 23.04 5.59
O4' ADP P . 19.68 23.32 6.99
C3' ADP P . 19.34 21.52 5.50
O3' ADP P . 19.73 21.06 4.21
C2' ADP P . 20.34 21.07 6.57
O2' ADP P . 21.68 21.12 6.11
C1' ADP P . 20.12 22.15 7.65
N9 ADP P . 19.13 21.79 8.66
C8 ADP P . 18.12 20.87 8.55
N7 ADP P . 17.39 20.74 9.63
C5 ADP P . 17.97 21.63 10.52
C6 ADP P . 17.65 21.96 11.85
N6 ADP P . 16.65 21.41 12.55
N1 ADP P . 18.43 22.89 12.46
C2 ADP P . 19.43 23.44 11.77
N3 ADP P . 19.82 23.20 10.51
C4 ADP P . 19.04 22.28 9.95
PB ADP Q . 2.02 -8.94 30.63
O1B ADP Q . 1.33 -7.65 30.18
O2B ADP Q . 1.74 -9.30 32.06
O3B ADP Q . 1.69 -10.05 29.65
PA ADP Q . 4.55 -7.48 30.84
O1A ADP Q . 5.17 -7.75 32.15
O2A ADP Q . 5.54 -7.29 29.69
O3A ADP Q . 3.58 -8.66 30.41
O5' ADP Q . 3.64 -6.18 30.86
C5' ADP Q . 3.31 -5.32 29.75
C4' ADP Q . 2.67 -4.06 30.28
O4' ADP Q . 3.69 -3.25 30.92
C3' ADP Q . 2.06 -3.15 29.22
O3' ADP Q . 0.71 -3.52 28.95
C2' ADP Q . 2.15 -1.78 29.90
O2' ADP Q . 1.08 -1.58 30.82
C1' ADP Q . 3.48 -1.88 30.64
N9 ADP Q . 4.62 -1.39 29.88
C8 ADP Q . 4.73 -1.26 28.53
N7 ADP Q . 5.87 -0.77 28.12
C5 ADP Q . 6.57 -0.56 29.30
C6 ADP Q . 7.87 -0.06 29.55
N6 ADP Q . 8.70 0.35 28.61
N1 ADP Q . 8.26 0.02 30.84
C2 ADP Q . 7.41 -0.39 31.80
N3 ADP Q . 6.18 -0.87 31.68
C4 ADP Q . 5.82 -0.94 30.39
P PO4 R . 18.79 30.32 12.49
O1 PO4 R . 17.85 31.09 13.40
O2 PO4 R . 18.17 30.19 11.11
O3 PO4 R . 19.04 28.94 13.07
O4 PO4 R . 20.11 31.06 12.39
PB ADP S . -10.88 23.28 0.73
O1B ADP S . -12.16 22.80 0.15
O2B ADP S . -9.79 23.54 -0.31
O3B ADP S . -10.31 22.37 1.81
PA ADP S . -10.11 25.79 2.07
O1A ADP S . -10.29 25.74 3.58
O2A ADP S . -10.38 27.12 1.46
O3A ADP S . -11.07 24.69 1.45
O5' ADP S . -8.63 25.31 1.77
C5' ADP S . -7.92 24.20 2.35
C4' ADP S . -6.45 24.52 2.41
O4' ADP S . -6.08 25.28 1.24
C3' ADP S . -6.01 25.40 3.58
O3' ADP S . -5.81 24.62 4.75
C2' ADP S . -4.71 25.99 3.04
O2' ADP S . -3.61 25.08 3.19
C1' ADP S . -5.05 26.19 1.56
N9 ADP S . -5.50 27.54 1.24
C8 ADP S . -6.78 27.94 0.98
N7 ADP S . -6.91 29.22 0.73
C5 ADP S . -5.61 29.70 0.85
C6 ADP S . -5.06 30.99 0.71
N6 ADP S . -5.78 32.08 0.44
N1 ADP S . -3.73 31.12 0.88
C2 ADP S . -3.00 30.04 1.17
N3 ADP S . -3.41 28.78 1.32
C4 ADP S . -4.74 28.68 1.15
MG MG T . 14.80 25.64 3.40
MG MG U . 15.84 30.18 6.61
P PO4 V . 5.86 33.08 -17.31
O1 PO4 V . 5.39 34.52 -17.37
O2 PO4 V . 7.03 32.88 -18.26
O3 PO4 V . 4.72 32.16 -17.71
O4 PO4 V . 6.30 32.75 -15.89
PB ADP W . 23.65 9.55 -3.22
O1B ADP W . 23.08 10.61 -2.28
O2B ADP W . 24.31 8.43 -2.52
O3B ADP W . 22.57 9.13 -4.19
PA ADP W . 24.71 11.72 -4.91
O1A ADP W . 25.83 12.59 -4.48
O2A ADP W . 24.72 11.37 -6.39
O3A ADP W . 24.71 10.36 -4.11
O5' ADP W . 23.31 12.41 -4.63
C5' ADP W . 22.01 12.00 -5.10
C4' ADP W . 21.13 13.22 -5.27
O4' ADP W . 21.43 14.17 -4.23
C3' ADP W . 21.33 14.00 -6.57
O3' ADP W . 20.60 13.41 -7.64
C2' ADP W . 20.80 15.37 -6.18
O2' ADP W . 19.37 15.43 -6.26
C1' ADP W . 21.26 15.49 -4.72
N9 ADP W . 22.52 16.21 -4.56
C8 ADP W . 23.75 15.67 -4.29
N7 ADP W . 24.71 16.55 -4.21
C5 ADP W . 24.08 17.76 -4.45
C6 ADP W . 24.54 19.09 -4.51
N6 ADP W . 25.82 19.44 -4.35
N1 ADP W . 23.63 20.06 -4.77
C2 ADP W . 22.35 19.71 -4.95
N3 ADP W . 21.80 18.50 -4.91
C4 ADP W . 22.72 17.56 -4.66
MG MG X . 6.14 28.18 -7.49
MG MG Y . 8.25 31.77 -11.32
PB ADP Z . -9.06 -9.19 -29.25
O1B ADP Z . -9.51 -10.10 -28.10
O2B ADP Z . -7.66 -8.66 -28.93
O3B ADP Z . -9.16 -9.83 -30.59
PA ADP Z . -9.95 -6.46 -29.77
O1A ADP Z . -10.51 -5.50 -28.70
O2A ADP Z . -10.66 -6.41 -31.06
O3A ADP Z . -10.01 -7.92 -29.14
O5' ADP Z . -8.41 -6.12 -29.92
C5' ADP Z . -7.52 -5.58 -28.92
C4' ADP Z . -6.24 -5.15 -29.57
O4' ADP Z . -6.48 -3.97 -30.36
C3' ADP Z . -5.12 -4.76 -28.61
O3' ADP Z . -4.36 -5.90 -28.22
C2' ADP Z . -4.29 -3.79 -29.47
O2' ADP Z . -3.43 -4.49 -30.34
C1' ADP Z . -5.39 -3.07 -30.26
N9 ADP Z . -5.87 -1.85 -29.63
C8 ADP Z . -5.79 -1.50 -28.31
N7 ADP Z . -6.28 -0.32 -28.03
C5 ADP Z . -6.72 0.15 -29.26
C6 ADP Z . -7.34 1.35 -29.64
N6 ADP Z . -7.65 2.34 -28.80
N1 ADP Z . -7.65 1.50 -30.95
C2 ADP Z . -7.36 0.51 -31.81
N3 ADP Z . -6.77 -0.66 -31.56
C4 ADP Z . -6.48 -0.78 -30.25
PB ADP AA . 4.15 31.04 -6.42
O1B ADP AA . 2.78 30.35 -6.48
O2B ADP AA . 4.06 32.53 -6.47
O3B ADP AA . 4.92 30.51 -5.22
PA ADP AA . 4.58 30.34 -9.23
O1A ADP AA . 5.01 31.54 -9.98
O2A ADP AA . 5.20 29.04 -9.72
O3A ADP AA . 4.93 30.47 -7.69
O5' ADP AA . 3.01 30.13 -9.29
C5' ADP AA . 2.28 28.88 -9.15
C4' ADP AA . 0.85 29.11 -9.56
O4' ADP AA . 0.78 29.30 -10.99
C3' ADP AA . -0.10 27.95 -9.26
O3' ADP AA . -0.62 28.04 -7.95
C2' ADP AA . -1.18 28.15 -10.32
O2' ADP AA . -2.12 29.15 -9.93
C1' ADP AA . -0.36 28.65 -11.51
N9 ADP AA . 0.07 27.59 -12.41
C8 ADP AA . 0.22 26.26 -12.13
N7 ADP AA . 0.61 25.53 -13.14
C5 ADP AA . 0.73 26.45 -14.17
C6 ADP AA . 1.12 26.30 -15.52
N6 ADP AA . 1.45 25.14 -16.08
N1 ADP AA . 1.14 27.42 -16.28
C2 ADP AA . 0.80 28.58 -15.72
N3 ADP AA . 0.42 28.84 -14.47
C4 ADP AA . 0.41 27.72 -13.74
P PO4 BA . -13.13 -0.78 -35.43
O1 PO4 BA . -14.44 0.00 -35.44
O2 PO4 BA . -13.24 -1.93 -34.43
O3 PO4 BA . -11.99 0.14 -35.02
O4 PO4 BA . -12.87 -1.33 -36.82
PB ADP CA . -24.79 -4.45 -5.11
O1B ADP CA . -25.15 -4.62 -3.69
O2B ADP CA . -24.18 -5.69 -5.75
O3B ADP CA . -23.88 -3.25 -5.38
PA ADP CA . -26.42 -4.10 -7.54
O1A ADP CA . -26.67 -2.62 -7.88
O2A ADP CA . -27.53 -5.00 -7.89
O3A ADP CA . -26.09 -4.16 -5.99
O5' ADP CA . -25.07 -4.48 -8.30
C5' ADP CA . -23.86 -3.72 -8.41
C4' ADP CA . -23.19 -4.03 -9.73
O4' ADP CA . -23.39 -5.42 -10.05
C3' ADP CA . -23.74 -3.28 -10.93
O3' ADP CA . -23.16 -1.98 -11.03
C2' ADP CA . -23.30 -4.19 -12.08
O2' ADP CA . -21.95 -3.97 -12.45
C1' ADP CA . -23.48 -5.58 -11.45
N9 ADP CA . -24.76 -6.20 -11.77
C8 ADP CA . -25.84 -6.34 -10.94
N7 ADP CA . -26.87 -6.94 -11.48
C5 ADP CA . -26.44 -7.21 -12.78
C6 ADP CA . -27.06 -7.82 -13.87
N6 ADP CA . -28.32 -8.28 -13.86
N1 ADP CA . -26.35 -7.94 -15.02
C2 ADP CA . -25.11 -7.47 -15.05
N3 ADP CA . -24.41 -6.87 -14.08
C4 ADP CA . -25.14 -6.77 -12.96
MG MG DA . -10.86 -7.18 -26.80
MG MG EA . -14.12 -5.73 -31.20
PB ADP FA . 5.16 -22.99 21.51
O1B ADP FA . 5.43 -21.56 21.98
O2B ADP FA . 5.59 -23.10 20.04
O3B ADP FA . 5.76 -24.04 22.39
PA ADP FA . 2.57 -24.15 20.82
O1A ADP FA . 1.35 -23.35 20.35
O2A ADP FA . 2.25 -25.25 21.74
O3A ADP FA . 3.58 -23.12 21.48
O5' ADP FA . 3.30 -24.66 19.51
C5' ADP FA . 3.30 -24.04 18.20
C4' ADP FA . 3.86 -25.01 17.20
O4' ADP FA . 2.91 -26.07 16.97
C3' ADP FA . 4.13 -24.43 15.81
O3' ADP FA . 5.44 -23.86 15.76
C2' ADP FA . 4.03 -25.66 14.92
O2' ADP FA . 5.22 -26.44 14.94
C1' ADP FA . 2.89 -26.43 15.60
N9 ADP FA . 1.57 -26.14 15.07
C8 ADP FA . 1.18 -25.02 14.38
N7 ADP FA . -0.08 -25.02 14.01
C5 ADP FA . -0.55 -26.24 14.48
C6 ADP FA . -1.81 -26.85 14.40
N6 ADP FA . -2.87 -26.32 13.80
N1 ADP FA . -1.94 -28.07 14.97
C2 ADP FA . -0.89 -28.63 15.57
N3 ADP FA . 0.34 -28.14 15.71
C4 ADP FA . 0.45 -26.94 15.13
P PO4 GA . -19.47 -27.26 -17.49
O1 PO4 GA . -20.87 -27.67 -17.93
O2 PO4 GA . -18.47 -28.30 -17.97
O3 PO4 GA . -19.43 -27.16 -15.97
O4 PO4 GA . -19.13 -25.90 -18.10
PB ADP HA . 7.91 -10.08 -22.28
O1B ADP HA . 6.62 -9.42 -22.75
O2B ADP HA . 9.10 -9.20 -22.37
O3B ADP HA . 7.70 -10.67 -20.90
PA ADP HA . 7.13 -12.51 -23.77
O1A ADP HA . 7.11 -12.56 -25.24
O2A ADP HA . 7.61 -13.79 -23.09
O3A ADP HA . 8.09 -11.35 -23.24
O5' ADP HA . 5.69 -12.20 -23.18
C5' ADP HA . 5.24 -12.30 -21.80
C4' ADP HA . 3.80 -12.67 -21.78
O4' ADP HA . 3.10 -12.03 -22.88
C3' ADP HA . 3.49 -14.15 -21.95
O3' ADP HA . 3.61 -14.85 -20.72
C2' ADP HA . 2.04 -14.11 -22.44
O2' ADP HA . 1.12 -13.96 -21.37
C1' ADP HA . 2.05 -12.86 -23.33
N9 ADP HA . 2.26 -13.15 -24.75
C8 ADP HA . 3.42 -12.94 -25.46
N7 ADP HA . 3.33 -13.31 -26.72
C5 ADP HA . 2.03 -13.79 -26.84
C6 ADP HA . 1.32 -14.33 -27.93
N6 ADP HA . 1.83 -14.51 -29.14
N1 ADP HA . 0.03 -14.70 -27.70
C2 ADP HA . -0.48 -14.54 -26.48
N3 ADP HA . 0.10 -14.05 -25.38
C4 ADP HA . 1.36 -13.69 -25.63
MG MG IA . -16.82 -16.63 -18.13
MG MG JA . -17.75 -21.66 -20.51
#